data_4UZM
#
_entry.id   4UZM
#
_cell.length_a   1.000
_cell.length_b   1.000
_cell.length_c   1.000
_cell.angle_alpha   90.00
_cell.angle_beta   90.00
_cell.angle_gamma   90.00
#
_symmetry.space_group_name_H-M   'P 1'
#
_entity_poly.entity_id   1
_entity_poly.type   'polypeptide(L)'
_entity_poly.pdbx_seq_one_letter_code
;MAFADAQTRKLTPEERSAVENYLESLTQVLQVPGPTGASAAPISLALNAESNNVMMLTHAITRYGISTDDPNKWRYYLDS
VEVHLPPFWEQYINDENTVELIHTDSLPLVISLNGHTLQE
;
_entity_poly.pdbx_strand_id   A
#
# COMPACT_ATOMS: atom_id res chain seq x y z
N ALA A 2 10.42 -5.78 -12.19
CA ALA A 2 9.38 -4.71 -12.23
C ALA A 2 9.97 -3.38 -11.75
N PHE A 3 10.91 -3.45 -10.81
CA PHE A 3 11.53 -2.25 -10.27
C PHE A 3 12.94 -2.08 -10.84
N ALA A 4 13.16 -2.59 -12.05
CA ALA A 4 14.46 -2.49 -12.69
C ALA A 4 14.72 -1.10 -13.22
N ASP A 5 13.66 -0.43 -13.68
CA ASP A 5 13.79 0.93 -14.21
C ASP A 5 12.88 1.91 -13.45
N ALA A 6 12.27 1.44 -12.37
CA ALA A 6 11.38 2.29 -11.58
C ALA A 6 12.11 3.54 -11.09
N GLN A 7 11.47 4.69 -11.26
CA GLN A 7 12.06 5.96 -10.83
C GLN A 7 12.25 5.98 -9.32
N THR A 8 12.89 7.02 -8.82
CA THR A 8 13.13 7.15 -7.38
C THR A 8 13.19 8.61 -6.96
N ARG A 9 12.81 8.87 -5.72
CA ARG A 9 12.83 10.22 -5.16
C ARG A 9 12.74 10.17 -3.65
N LYS A 10 13.20 11.23 -2.98
CA LYS A 10 13.17 11.28 -1.54
C LYS A 10 11.80 11.69 -1.01
N LEU A 11 11.36 11.00 0.03
CA LEU A 11 10.07 11.27 0.64
C LEU A 11 10.16 12.41 1.65
N THR A 12 9.25 13.36 1.55
CA THR A 12 9.22 14.51 2.46
C THR A 12 8.76 14.08 3.84
N PRO A 13 9.17 14.83 4.89
CA PRO A 13 8.77 14.52 6.27
C PRO A 13 7.26 14.55 6.45
N GLU A 14 6.60 15.43 5.70
CA GLU A 14 5.15 15.54 5.76
C GLU A 14 4.49 14.29 5.20
N GLU A 15 4.95 13.86 4.04
CA GLU A 15 4.41 12.66 3.39
C GLU A 15 4.73 11.42 4.23
N ARG A 16 5.89 11.42 4.86
CA ARG A 16 6.31 10.30 5.69
C ARG A 16 5.47 10.23 6.97
N SER A 17 5.05 11.40 7.45
CA SER A 17 4.25 11.48 8.67
C SER A 17 2.83 10.97 8.42
N ALA A 18 2.22 11.45 7.34
CA ALA A 18 0.86 11.04 7.00
C ALA A 18 0.80 9.57 6.69
N VAL A 19 1.74 9.10 5.89
CA VAL A 19 1.81 7.69 5.52
C VAL A 19 1.94 6.85 6.78
N GLU A 20 2.98 7.10 7.55
CA GLU A 20 3.20 6.38 8.80
C GLU A 20 1.96 6.47 9.67
N ASN A 21 1.22 7.56 9.52
CA ASN A 21 -0.01 7.79 10.27
C ASN A 21 -1.13 6.91 9.71
N TYR A 22 -1.07 6.67 8.40
CA TYR A 22 -2.06 5.85 7.73
C TYR A 22 -1.80 4.36 8.00
N LEU A 23 -0.55 3.95 7.86
CA LEU A 23 -0.18 2.56 8.09
C LEU A 23 -0.38 2.18 9.56
N GLU A 24 0.00 3.09 10.44
CA GLU A 24 -0.14 2.88 11.87
C GLU A 24 -1.60 2.82 12.27
N SER A 25 -2.37 3.79 11.82
CA SER A 25 -3.80 3.84 12.11
C SER A 25 -4.51 2.69 11.41
N LEU A 26 -3.93 2.23 10.32
CA LEU A 26 -4.49 1.13 9.54
C LEU A 26 -4.63 -0.13 10.40
N THR A 27 -3.53 -0.52 11.03
CA THR A 27 -3.53 -1.70 11.89
C THR A 27 -4.55 -1.58 13.01
N GLN A 28 -4.80 -0.34 13.44
CA GLN A 28 -5.75 -0.08 14.51
C GLN A 28 -7.18 -0.27 14.02
N VAL A 29 -7.42 0.07 12.76
CA VAL A 29 -8.75 -0.06 12.16
C VAL A 29 -8.96 -1.47 11.62
N LEU A 30 -9.68 -2.29 12.39
CA LEU A 30 -9.96 -3.66 11.99
C LEU A 30 -11.43 -4.03 12.26
N GLN A 31 -12.10 -4.55 11.25
CA GLN A 31 -13.50 -4.93 11.39
C GLN A 31 -13.82 -6.13 10.50
N VAL A 32 -15.01 -6.70 10.69
CA VAL A 32 -15.46 -7.85 9.91
C VAL A 32 -14.34 -8.89 9.73
N PRO A 33 -14.23 -9.86 10.66
CA PRO A 33 -13.20 -10.90 10.59
C PRO A 33 -13.14 -11.56 9.23
N GLY A 34 -14.23 -12.19 8.82
CA GLY A 34 -14.28 -12.85 7.54
C GLY A 34 -13.30 -14.00 7.45
N PRO A 35 -13.45 -15.03 8.30
CA PRO A 35 -12.56 -16.19 8.30
C PRO A 35 -12.75 -17.08 7.07
N THR A 36 -11.66 -17.63 6.56
CA THR A 36 -11.72 -18.50 5.39
C THR A 36 -10.80 -19.70 5.55
N GLY A 37 -10.78 -20.26 6.76
CA GLY A 37 -9.93 -21.41 7.03
C GLY A 37 -8.71 -21.06 7.87
N ALA A 38 -7.54 -21.09 7.25
CA ALA A 38 -6.30 -20.78 7.94
C ALA A 38 -5.49 -19.73 7.17
N SER A 39 -4.61 -19.04 7.89
CA SER A 39 -3.77 -18.02 7.27
C SER A 39 -4.62 -16.90 6.68
N ALA A 40 -5.06 -15.98 7.52
CA ALA A 40 -5.88 -14.86 7.08
C ALA A 40 -5.69 -13.64 7.97
N ALA A 41 -4.44 -13.39 8.36
CA ALA A 41 -4.12 -12.26 9.21
C ALA A 41 -3.92 -10.99 8.38
N PRO A 42 -4.04 -9.81 9.02
CA PRO A 42 -3.87 -8.52 8.34
C PRO A 42 -2.55 -8.43 7.57
N ILE A 43 -2.25 -7.25 7.06
CA ILE A 43 -1.01 -7.04 6.31
C ILE A 43 -0.47 -5.64 6.52
N SER A 44 0.31 -5.46 7.57
CA SER A 44 0.89 -4.16 7.88
C SER A 44 2.40 -4.19 7.66
N LEU A 45 2.90 -3.20 6.92
CA LEU A 45 4.33 -3.12 6.63
C LEU A 45 5.06 -2.25 7.66
N ALA A 46 6.28 -2.65 7.99
CA ALA A 46 7.10 -1.92 8.96
C ALA A 46 8.02 -0.95 8.24
N LEU A 47 8.02 0.30 8.67
CA LEU A 47 8.85 1.33 8.04
C LEU A 47 10.34 1.04 8.21
N ASN A 48 11.05 1.03 7.09
CA ASN A 48 12.49 0.79 7.06
C ASN A 48 13.22 1.99 6.49
N ALA A 49 14.54 1.89 6.37
CA ALA A 49 15.33 2.98 5.82
C ALA A 49 14.87 3.34 4.43
N GLU A 50 14.35 2.36 3.69
CA GLU A 50 13.86 2.60 2.34
C GLU A 50 12.57 3.41 2.40
N SER A 51 11.91 3.38 3.56
CA SER A 51 10.66 4.12 3.76
C SER A 51 10.80 5.58 3.33
N ASN A 52 12.03 6.04 3.19
CA ASN A 52 12.28 7.42 2.77
C ASN A 52 12.39 7.52 1.25
N ASN A 53 13.06 6.54 0.65
CA ASN A 53 13.23 6.52 -0.80
C ASN A 53 11.99 5.99 -1.51
N VAL A 54 11.24 6.88 -2.13
CA VAL A 54 10.03 6.51 -2.85
C VAL A 54 10.34 5.97 -4.25
N MET A 55 9.69 4.86 -4.60
CA MET A 55 9.89 4.24 -5.91
C MET A 55 8.70 4.51 -6.81
N MET A 56 8.97 5.01 -8.01
CA MET A 56 7.91 5.32 -8.96
C MET A 56 7.95 4.38 -10.17
N LEU A 57 6.81 3.79 -10.51
CA LEU A 57 6.74 2.87 -11.65
C LEU A 57 5.33 2.74 -12.19
N THR A 58 5.24 2.53 -13.50
CA THR A 58 3.95 2.32 -14.14
C THR A 58 3.70 0.82 -14.14
N HIS A 59 2.70 0.38 -13.40
CA HIS A 59 2.44 -1.05 -13.28
C HIS A 59 1.00 -1.33 -12.86
N ALA A 60 0.51 -2.51 -13.24
CA ALA A 60 -0.84 -2.92 -12.89
C ALA A 60 -0.87 -3.53 -11.49
N ILE A 61 -1.70 -2.98 -10.62
CA ILE A 61 -1.80 -3.47 -9.25
C ILE A 61 -2.83 -4.60 -9.13
N THR A 62 -2.42 -5.69 -8.51
CA THR A 62 -3.30 -6.83 -8.30
C THR A 62 -4.02 -6.70 -6.97
N ARG A 63 -5.20 -7.28 -6.86
CA ARG A 63 -5.98 -7.20 -5.63
C ARG A 63 -6.27 -8.58 -5.06
N TYR A 64 -5.58 -8.92 -3.98
CA TYR A 64 -5.79 -10.20 -3.31
C TYR A 64 -6.47 -10.01 -1.97
N GLY A 65 -7.79 -10.20 -1.94
CA GLY A 65 -8.54 -10.02 -0.71
C GLY A 65 -8.39 -11.19 0.24
N ILE A 66 -8.52 -10.91 1.54
CA ILE A 66 -8.41 -11.94 2.56
C ILE A 66 -9.11 -11.51 3.85
N SER A 67 -8.91 -10.25 4.23
CA SER A 67 -9.52 -9.71 5.44
C SER A 67 -11.04 -9.81 5.39
N THR A 68 -11.60 -9.74 4.18
CA THR A 68 -13.05 -9.81 4.01
C THR A 68 -13.41 -10.11 2.56
N ASP A 69 -14.67 -10.48 2.34
CA ASP A 69 -15.14 -10.79 0.99
C ASP A 69 -15.90 -9.60 0.39
N ASP A 70 -15.67 -8.41 0.94
CA ASP A 70 -16.32 -7.21 0.45
C ASP A 70 -15.29 -6.10 0.23
N PRO A 71 -15.41 -5.33 -0.88
CA PRO A 71 -14.49 -4.25 -1.20
C PRO A 71 -13.96 -3.51 0.02
N ASN A 72 -12.88 -4.04 0.59
CA ASN A 72 -12.27 -3.45 1.78
C ASN A 72 -10.78 -3.78 1.88
N LYS A 73 -10.19 -3.46 3.03
CA LYS A 73 -8.78 -3.70 3.27
C LYS A 73 -8.33 -5.07 2.78
N TRP A 74 -7.49 -5.06 1.76
CA TRP A 74 -6.96 -6.28 1.16
C TRP A 74 -5.50 -6.12 0.79
N ARG A 75 -4.90 -7.20 0.28
CA ARG A 75 -3.50 -7.19 -0.13
C ARG A 75 -3.38 -6.95 -1.62
N TYR A 76 -2.42 -6.12 -2.03
CA TYR A 76 -2.23 -5.84 -3.44
C TYR A 76 -0.91 -6.41 -3.90
N TYR A 77 -0.72 -6.53 -5.21
CA TYR A 77 0.52 -7.09 -5.72
C TYR A 77 1.02 -6.36 -6.96
N LEU A 78 2.26 -5.91 -6.88
CA LEU A 78 2.90 -5.20 -7.97
C LEU A 78 3.77 -6.19 -8.74
N ASP A 79 3.29 -6.65 -9.89
CA ASP A 79 4.03 -7.62 -10.68
C ASP A 79 4.10 -8.95 -9.90
N SER A 80 5.30 -9.46 -9.66
CA SER A 80 5.45 -10.70 -8.92
C SER A 80 5.76 -10.43 -7.44
N VAL A 81 5.49 -9.20 -7.00
CA VAL A 81 5.75 -8.81 -5.62
C VAL A 81 4.48 -8.34 -4.92
N GLU A 82 4.47 -8.46 -3.59
CA GLU A 82 3.33 -8.03 -2.80
C GLU A 82 3.47 -6.57 -2.38
N VAL A 83 2.40 -5.80 -2.52
CA VAL A 83 2.42 -4.39 -2.16
C VAL A 83 1.17 -3.96 -1.42
N HIS A 84 1.27 -2.80 -0.77
CA HIS A 84 0.16 -2.24 0.00
C HIS A 84 -0.48 -1.06 -0.72
N LEU A 85 -1.62 -1.29 -1.34
CA LEU A 85 -2.35 -0.25 -2.05
C LEU A 85 -3.61 0.13 -1.26
N PRO A 86 -3.68 1.37 -0.74
CA PRO A 86 -4.83 1.81 0.06
C PRO A 86 -6.16 1.54 -0.63
N PRO A 87 -7.16 1.08 0.14
CA PRO A 87 -8.50 0.74 -0.37
C PRO A 87 -9.17 1.85 -1.20
N PHE A 88 -8.63 3.06 -1.18
CA PHE A 88 -9.25 4.16 -1.92
C PHE A 88 -8.74 4.26 -3.36
N TRP A 89 -7.75 3.45 -3.72
CA TRP A 89 -7.22 3.49 -5.09
C TRP A 89 -7.69 2.28 -5.90
N GLU A 90 -8.40 1.35 -5.25
CA GLU A 90 -8.91 0.17 -5.94
C GLU A 90 -9.68 0.57 -7.19
N GLN A 91 -10.28 1.75 -7.16
CA GLN A 91 -11.03 2.27 -8.28
C GLN A 91 -10.15 3.13 -9.18
N TYR A 92 -9.10 3.71 -8.59
CA TYR A 92 -8.17 4.55 -9.33
C TYR A 92 -7.12 3.70 -10.06
N ILE A 93 -7.12 2.39 -9.81
CA ILE A 93 -6.16 1.49 -10.43
C ILE A 93 -6.71 0.86 -11.72
N ASN A 94 -6.12 1.26 -12.84
CA ASN A 94 -6.52 0.73 -14.15
C ASN A 94 -5.49 -0.28 -14.64
N ASP A 95 -5.59 -0.68 -15.91
CA ASP A 95 -4.65 -1.64 -16.49
C ASP A 95 -3.21 -1.27 -16.14
N GLU A 96 -2.83 -0.05 -16.51
CA GLU A 96 -1.50 0.46 -16.21
C GLU A 96 -1.62 1.75 -15.42
N ASN A 97 -0.96 1.82 -14.26
CA ASN A 97 -1.06 3.00 -13.42
C ASN A 97 0.27 3.44 -12.86
N THR A 98 0.37 4.73 -12.60
CA THR A 98 1.55 5.31 -12.01
C THR A 98 1.52 5.04 -10.51
N VAL A 99 2.36 4.10 -10.07
CA VAL A 99 2.39 3.71 -8.67
C VAL A 99 3.69 4.11 -7.99
N GLU A 100 3.57 4.97 -6.99
CA GLU A 100 4.71 5.41 -6.21
C GLU A 100 4.65 4.74 -4.84
N LEU A 101 5.63 3.90 -4.56
CA LEU A 101 5.66 3.17 -3.30
C LEU A 101 7.05 3.09 -2.70
N ILE A 102 7.10 2.99 -1.37
CA ILE A 102 8.34 2.86 -0.64
C ILE A 102 8.46 1.46 -0.07
N HIS A 103 9.62 0.85 -0.17
CA HIS A 103 9.80 -0.52 0.33
C HIS A 103 10.04 -0.54 1.83
N THR A 104 9.11 -1.16 2.55
CA THR A 104 9.19 -1.27 4.00
C THR A 104 9.97 -2.52 4.40
N ASP A 105 9.80 -2.95 5.65
CA ASP A 105 10.47 -4.15 6.13
C ASP A 105 9.83 -5.40 5.56
N SER A 106 8.64 -5.23 4.97
CA SER A 106 7.91 -6.34 4.38
C SER A 106 7.68 -6.10 2.89
N LEU A 107 6.72 -5.24 2.58
CA LEU A 107 6.40 -4.90 1.19
C LEU A 107 6.39 -3.39 1.00
N PRO A 108 6.34 -2.93 -0.25
CA PRO A 108 6.34 -1.51 -0.57
C PRO A 108 4.97 -0.87 -0.40
N LEU A 109 4.94 0.20 0.39
CA LEU A 109 3.70 0.94 0.63
C LEU A 109 3.51 1.98 -0.46
N VAL A 110 2.41 1.88 -1.19
CA VAL A 110 2.11 2.82 -2.26
C VAL A 110 1.61 4.13 -1.69
N ILE A 111 2.51 5.11 -1.63
CA ILE A 111 2.19 6.42 -1.08
C ILE A 111 1.39 7.28 -2.05
N SER A 112 1.52 7.01 -3.34
CA SER A 112 0.78 7.78 -4.34
C SER A 112 0.38 6.91 -5.53
N LEU A 113 -0.58 7.42 -6.31
CA LEU A 113 -1.07 6.72 -7.48
C LEU A 113 -1.47 7.72 -8.56
N ASN A 114 -1.55 7.24 -9.79
CA ASN A 114 -1.90 8.10 -10.93
C ASN A 114 -3.08 9.02 -10.60
N GLY A 115 -2.79 10.26 -10.27
CA GLY A 115 -3.83 11.24 -9.98
C GLY A 115 -4.44 11.10 -8.59
N HIS A 116 -3.69 10.55 -7.65
CA HIS A 116 -4.20 10.39 -6.28
C HIS A 116 -3.03 10.26 -5.30
N THR A 117 -3.32 10.50 -4.03
CA THR A 117 -2.31 10.42 -3.00
C THR A 117 -2.89 9.88 -1.69
N LEU A 118 -2.01 9.32 -0.85
CA LEU A 118 -2.43 8.76 0.42
C LEU A 118 -2.93 9.85 1.36
N GLN A 119 -2.31 11.01 1.29
CA GLN A 119 -2.71 12.14 2.14
C GLN A 119 -2.97 13.37 1.29
N GLU A 120 -4.10 13.38 0.61
CA GLU A 120 -4.48 14.49 -0.25
C GLU A 120 -5.33 15.50 0.52
N ALA A 2 10.51 -5.74 -11.75
CA ALA A 2 9.36 -4.80 -11.76
C ALA A 2 9.80 -3.40 -11.31
N PHE A 3 10.80 -3.35 -10.45
CA PHE A 3 11.31 -2.07 -9.95
C PHE A 3 12.76 -1.86 -10.38
N ALA A 4 13.16 -2.51 -11.47
CA ALA A 4 14.52 -2.39 -11.97
C ALA A 4 14.74 -1.04 -12.66
N ASP A 5 13.72 -0.58 -13.39
CA ASP A 5 13.80 0.69 -14.11
C ASP A 5 12.92 1.75 -13.44
N ALA A 6 12.34 1.41 -12.30
CA ALA A 6 11.47 2.35 -11.58
C ALA A 6 12.26 3.55 -11.07
N GLN A 7 11.72 4.74 -11.28
CA GLN A 7 12.38 5.97 -10.83
C GLN A 7 12.50 5.99 -9.31
N THR A 8 13.26 6.95 -8.79
CA THR A 8 13.44 7.06 -7.35
C THR A 8 13.56 8.53 -6.93
N ARG A 9 13.05 8.83 -5.74
CA ARG A 9 13.09 10.19 -5.21
C ARG A 9 12.98 10.16 -3.69
N LYS A 10 13.38 11.25 -3.05
CA LYS A 10 13.33 11.31 -1.59
C LYS A 10 11.93 11.68 -1.10
N LEU A 11 11.49 10.97 -0.07
CA LEU A 11 10.17 11.20 0.52
C LEU A 11 10.19 12.41 1.45
N THR A 12 9.23 13.31 1.25
CA THR A 12 9.12 14.51 2.07
C THR A 12 8.63 14.16 3.47
N PRO A 13 8.97 14.99 4.48
CA PRO A 13 8.54 14.76 5.85
C PRO A 13 7.02 14.76 6.00
N GLU A 14 6.36 15.52 5.14
CA GLU A 14 4.90 15.61 5.15
C GLU A 14 4.29 14.32 4.64
N GLU A 15 4.81 13.82 3.52
CA GLU A 15 4.32 12.59 2.91
C GLU A 15 4.69 11.39 3.79
N ARG A 16 5.83 11.50 4.46
CA ARG A 16 6.30 10.42 5.33
C ARG A 16 5.44 10.34 6.59
N SER A 17 5.04 11.50 7.09
CA SER A 17 4.21 11.58 8.29
C SER A 17 2.80 11.10 7.99
N ALA A 18 2.29 11.46 6.82
CA ALA A 18 0.95 11.07 6.42
C ALA A 18 0.86 9.56 6.24
N VAL A 19 1.83 9.00 5.53
CA VAL A 19 1.88 7.57 5.30
C VAL A 19 1.93 6.84 6.63
N GLU A 20 2.94 7.15 7.43
CA GLU A 20 3.11 6.54 8.74
C GLU A 20 1.82 6.64 9.55
N ASN A 21 1.11 7.75 9.39
CA ASN A 21 -0.14 7.97 10.10
C ASN A 21 -1.23 7.05 9.54
N TYR A 22 -1.14 6.78 8.24
CA TYR A 22 -2.09 5.94 7.56
C TYR A 22 -1.85 4.47 7.92
N LEU A 23 -0.60 4.02 7.81
CA LEU A 23 -0.26 2.64 8.13
C LEU A 23 -0.50 2.38 9.61
N GLU A 24 -0.20 3.37 10.44
CA GLU A 24 -0.37 3.25 11.88
C GLU A 24 -1.86 3.08 12.22
N SER A 25 -2.68 3.95 11.65
CA SER A 25 -4.12 3.88 11.87
C SER A 25 -4.68 2.59 11.28
N LEU A 26 -3.98 2.07 10.27
CA LEU A 26 -4.39 0.83 9.61
C LEU A 26 -4.21 -0.36 10.54
N THR A 27 -3.15 -0.33 11.34
CA THR A 27 -2.84 -1.41 12.27
C THR A 27 -3.75 -1.35 13.50
N GLN A 28 -4.22 -0.16 13.84
CA GLN A 28 -5.09 0.00 15.01
C GLN A 28 -6.56 -0.03 14.62
N VAL A 29 -6.87 0.43 13.40
CA VAL A 29 -8.24 0.44 12.93
C VAL A 29 -8.61 -0.88 12.26
N LEU A 30 -9.32 -1.73 12.99
CA LEU A 30 -9.73 -3.03 12.47
C LEU A 30 -11.22 -3.27 12.74
N GLN A 31 -11.66 -4.51 12.54
CA GLN A 31 -13.05 -4.87 12.76
C GLN A 31 -13.38 -4.83 14.24
N VAL A 32 -12.41 -5.18 15.07
CA VAL A 32 -12.59 -5.19 16.52
C VAL A 32 -13.94 -5.78 16.93
N PRO A 33 -14.19 -7.06 16.61
CA PRO A 33 -15.45 -7.73 16.93
C PRO A 33 -15.69 -7.80 18.45
N GLY A 34 -16.56 -8.71 18.86
CA GLY A 34 -16.86 -8.87 20.26
C GLY A 34 -15.92 -9.83 20.96
N PRO A 35 -15.89 -11.10 20.51
CA PRO A 35 -15.02 -12.12 21.11
C PRO A 35 -13.55 -11.71 21.10
N THR A 36 -12.68 -12.62 21.53
CA THR A 36 -11.25 -12.34 21.57
C THR A 36 -10.45 -13.58 21.24
N GLY A 37 -9.28 -13.39 20.63
CA GLY A 37 -8.44 -14.51 20.27
C GLY A 37 -8.49 -14.82 18.78
N ALA A 38 -8.58 -13.78 17.96
CA ALA A 38 -8.64 -13.95 16.51
C ALA A 38 -7.39 -14.63 15.98
N SER A 39 -7.58 -15.55 15.05
CA SER A 39 -6.46 -16.28 14.46
C SER A 39 -6.37 -16.02 12.96
N ALA A 40 -5.64 -14.97 12.60
CA ALA A 40 -5.47 -14.60 11.19
C ALA A 40 -4.14 -13.89 10.97
N ALA A 41 -3.79 -13.70 9.70
CA ALA A 41 -2.54 -13.03 9.35
C ALA A 41 -2.81 -11.70 8.64
N PRO A 42 -2.97 -10.61 9.42
CA PRO A 42 -3.24 -9.28 8.85
C PRO A 42 -2.23 -8.88 7.78
N ILE A 43 -2.33 -7.65 7.31
CA ILE A 43 -1.41 -7.14 6.29
C ILE A 43 -0.91 -5.75 6.64
N SER A 44 0.16 -5.70 7.42
CA SER A 44 0.75 -4.43 7.83
C SER A 44 2.26 -4.46 7.63
N LEU A 45 2.80 -3.42 7.02
CA LEU A 45 4.23 -3.35 6.76
C LEU A 45 4.92 -2.36 7.69
N ALA A 46 6.06 -2.78 8.23
CA ALA A 46 6.84 -1.94 9.15
C ALA A 46 7.80 -1.06 8.37
N LEU A 47 7.79 0.24 8.67
CA LEU A 47 8.65 1.20 7.98
C LEU A 47 10.13 0.94 8.29
N ASN A 48 10.97 1.19 7.29
CA ASN A 48 12.41 1.01 7.43
C ASN A 48 13.15 2.21 6.85
N ALA A 49 14.48 2.16 6.88
CA ALA A 49 15.29 3.25 6.35
C ALA A 49 14.93 3.54 4.90
N GLU A 50 14.53 2.50 4.18
CA GLU A 50 14.14 2.66 2.78
C GLU A 50 12.86 3.48 2.67
N SER A 51 12.12 3.53 3.76
CA SER A 51 10.86 4.29 3.81
C SER A 51 11.04 5.72 3.30
N ASN A 52 12.28 6.18 3.21
CA ASN A 52 12.57 7.52 2.74
C ASN A 52 12.71 7.56 1.22
N ASN A 53 13.31 6.51 0.66
CA ASN A 53 13.52 6.45 -0.78
C ASN A 53 12.26 5.95 -1.49
N VAL A 54 11.56 6.86 -2.17
CA VAL A 54 10.36 6.49 -2.90
C VAL A 54 10.69 5.94 -4.28
N MET A 55 9.91 4.95 -4.72
CA MET A 55 10.12 4.33 -6.02
C MET A 55 8.93 4.59 -6.94
N MET A 56 9.20 5.13 -8.12
CA MET A 56 8.14 5.43 -9.09
C MET A 56 8.16 4.44 -10.24
N LEU A 57 6.99 3.90 -10.57
CA LEU A 57 6.89 2.94 -11.67
C LEU A 57 5.49 2.84 -12.23
N THR A 58 5.40 2.66 -13.54
CA THR A 58 4.11 2.49 -14.19
C THR A 58 3.82 0.99 -14.20
N HIS A 59 2.80 0.58 -13.45
CA HIS A 59 2.50 -0.83 -13.36
C HIS A 59 1.06 -1.09 -12.92
N ALA A 60 0.55 -2.27 -13.28
CA ALA A 60 -0.80 -2.65 -12.92
C ALA A 60 -0.83 -3.24 -11.52
N ILE A 61 -1.73 -2.75 -10.68
CA ILE A 61 -1.84 -3.23 -9.31
C ILE A 61 -2.86 -4.35 -9.19
N THR A 62 -2.43 -5.49 -8.66
CA THR A 62 -3.33 -6.63 -8.47
C THR A 62 -3.97 -6.55 -7.09
N ARG A 63 -5.23 -6.93 -7.00
CA ARG A 63 -5.95 -6.89 -5.73
C ARG A 63 -6.29 -8.28 -5.24
N TYR A 64 -5.69 -8.69 -4.13
CA TYR A 64 -5.94 -10.00 -3.55
C TYR A 64 -6.64 -9.87 -2.20
N GLY A 65 -7.95 -10.02 -2.19
CA GLY A 65 -8.70 -9.93 -0.96
C GLY A 65 -8.74 -11.24 -0.21
N ILE A 66 -8.32 -11.21 1.05
CA ILE A 66 -8.30 -12.41 1.87
C ILE A 66 -8.75 -12.12 3.30
N SER A 67 -9.33 -10.95 3.52
CA SER A 67 -9.80 -10.55 4.85
C SER A 67 -11.32 -10.48 4.88
N THR A 68 -11.92 -10.23 3.72
CA THR A 68 -13.38 -10.12 3.60
C THR A 68 -13.80 -10.16 2.14
N ASP A 69 -15.08 -10.39 1.90
CA ASP A 69 -15.61 -10.45 0.54
C ASP A 69 -16.24 -9.12 0.14
N ASP A 70 -15.84 -8.04 0.82
CA ASP A 70 -16.36 -6.72 0.52
C ASP A 70 -15.23 -5.70 0.47
N PRO A 71 -15.25 -4.79 -0.52
CA PRO A 71 -14.22 -3.76 -0.69
C PRO A 71 -13.66 -3.25 0.64
N ASN A 72 -12.65 -3.96 1.14
CA ASN A 72 -12.02 -3.60 2.39
C ASN A 72 -10.55 -3.99 2.43
N LYS A 73 -9.93 -3.84 3.59
CA LYS A 73 -8.52 -4.15 3.79
C LYS A 73 -8.15 -5.49 3.14
N TRP A 74 -7.33 -5.41 2.09
CA TRP A 74 -6.87 -6.58 1.36
C TRP A 74 -5.41 -6.42 0.94
N ARG A 75 -4.86 -7.47 0.33
CA ARG A 75 -3.47 -7.43 -0.12
C ARG A 75 -3.39 -7.10 -1.60
N TYR A 76 -2.46 -6.22 -1.98
CA TYR A 76 -2.30 -5.86 -3.38
C TYR A 76 -1.00 -6.42 -3.89
N TYR A 77 -0.83 -6.46 -5.21
CA TYR A 77 0.39 -7.02 -5.79
C TYR A 77 0.90 -6.24 -6.98
N LEU A 78 2.15 -5.83 -6.90
CA LEU A 78 2.80 -5.10 -7.98
C LEU A 78 3.66 -6.08 -8.78
N ASP A 79 3.19 -6.47 -9.96
CA ASP A 79 3.90 -7.42 -10.78
C ASP A 79 3.93 -8.79 -10.07
N SER A 80 5.12 -9.35 -9.85
CA SER A 80 5.24 -10.63 -9.17
C SER A 80 5.56 -10.42 -7.69
N VAL A 81 5.29 -9.22 -7.18
CA VAL A 81 5.57 -8.91 -5.78
C VAL A 81 4.31 -8.42 -5.07
N GLU A 82 4.28 -8.59 -3.74
CA GLU A 82 3.14 -8.16 -2.94
C GLU A 82 3.34 -6.73 -2.46
N VAL A 83 2.30 -5.91 -2.60
CA VAL A 83 2.37 -4.51 -2.20
C VAL A 83 1.12 -4.07 -1.44
N HIS A 84 1.25 -2.90 -0.79
CA HIS A 84 0.17 -2.33 0.00
C HIS A 84 -0.48 -1.13 -0.71
N LEU A 85 -1.62 -1.37 -1.34
CA LEU A 85 -2.35 -0.32 -2.04
C LEU A 85 -3.60 0.06 -1.24
N PRO A 86 -3.67 1.29 -0.72
CA PRO A 86 -4.81 1.74 0.08
C PRO A 86 -6.16 1.48 -0.60
N PRO A 87 -7.16 1.02 0.17
CA PRO A 87 -8.50 0.71 -0.34
C PRO A 87 -9.18 1.83 -1.13
N PHE A 88 -8.61 3.04 -1.11
CA PHE A 88 -9.23 4.15 -1.84
C PHE A 88 -8.74 4.24 -3.29
N TRP A 89 -7.75 3.43 -3.65
CA TRP A 89 -7.23 3.45 -5.02
C TRP A 89 -7.71 2.23 -5.82
N GLU A 90 -8.40 1.32 -5.14
CA GLU A 90 -8.92 0.11 -5.81
C GLU A 90 -9.69 0.50 -7.06
N GLN A 91 -10.33 1.66 -7.01
CA GLN A 91 -11.10 2.18 -8.14
C GLN A 91 -10.21 3.02 -9.05
N TYR A 92 -9.17 3.61 -8.47
CA TYR A 92 -8.24 4.44 -9.23
C TYR A 92 -7.22 3.59 -9.98
N ILE A 93 -7.23 2.28 -9.72
CA ILE A 93 -6.29 1.37 -10.38
C ILE A 93 -6.84 0.81 -11.67
N ASN A 94 -6.24 1.23 -12.79
CA ASN A 94 -6.66 0.76 -14.11
C ASN A 94 -5.66 -0.28 -14.65
N ASP A 95 -5.80 -0.61 -15.93
CA ASP A 95 -4.92 -1.59 -16.57
C ASP A 95 -3.46 -1.31 -16.19
N GLU A 96 -3.02 -0.09 -16.43
CA GLU A 96 -1.66 0.31 -16.09
C GLU A 96 -1.70 1.64 -15.35
N ASN A 97 -1.09 1.68 -14.17
CA ASN A 97 -1.09 2.89 -13.36
C ASN A 97 0.31 3.39 -13.06
N THR A 98 0.36 4.67 -12.69
CA THR A 98 1.59 5.31 -12.28
C THR A 98 1.65 5.23 -10.77
N VAL A 99 2.52 4.37 -10.26
CA VAL A 99 2.59 4.17 -8.82
C VAL A 99 3.92 4.58 -8.21
N GLU A 100 3.83 5.24 -7.08
CA GLU A 100 4.99 5.68 -6.33
C GLU A 100 4.91 5.02 -4.95
N LEU A 101 5.85 4.15 -4.66
CA LEU A 101 5.84 3.44 -3.40
C LEU A 101 7.22 3.27 -2.79
N ILE A 102 7.24 3.06 -1.48
CA ILE A 102 8.49 2.84 -0.76
C ILE A 102 8.54 1.38 -0.34
N HIS A 103 9.73 0.90 0.03
CA HIS A 103 9.86 -0.50 0.42
C HIS A 103 10.05 -0.63 1.93
N THR A 104 9.10 -1.31 2.57
CA THR A 104 9.13 -1.51 4.02
C THR A 104 9.98 -2.72 4.38
N ASP A 105 9.80 -3.22 5.60
CA ASP A 105 10.52 -4.40 6.05
C ASP A 105 9.84 -5.66 5.54
N SER A 106 8.69 -5.48 4.90
CA SER A 106 7.91 -6.58 4.36
C SER A 106 7.64 -6.36 2.88
N LEU A 107 6.75 -5.40 2.59
CA LEU A 107 6.40 -5.06 1.22
C LEU A 107 6.40 -3.55 1.04
N PRO A 108 6.35 -3.07 -0.21
CA PRO A 108 6.37 -1.64 -0.50
C PRO A 108 5.01 -0.99 -0.31
N LEU A 109 5.01 0.13 0.41
CA LEU A 109 3.78 0.88 0.66
C LEU A 109 3.56 1.93 -0.43
N VAL A 110 2.44 1.82 -1.12
CA VAL A 110 2.13 2.75 -2.19
C VAL A 110 1.62 4.07 -1.62
N ILE A 111 2.51 5.05 -1.54
CA ILE A 111 2.19 6.36 -0.98
C ILE A 111 1.39 7.22 -1.97
N SER A 112 1.59 6.98 -3.26
CA SER A 112 0.88 7.76 -4.28
C SER A 112 0.48 6.89 -5.47
N LEU A 113 -0.55 7.35 -6.19
CA LEU A 113 -1.05 6.64 -7.36
C LEU A 113 -1.44 7.66 -8.43
N ASN A 114 -1.47 7.21 -9.67
CA ASN A 114 -1.82 8.07 -10.80
C ASN A 114 -3.00 8.99 -10.48
N GLY A 115 -2.70 10.25 -10.13
CA GLY A 115 -3.75 11.22 -9.84
C GLY A 115 -4.39 11.07 -8.48
N HIS A 116 -3.64 10.53 -7.51
CA HIS A 116 -4.17 10.37 -6.16
C HIS A 116 -3.04 10.28 -5.15
N THR A 117 -3.36 10.47 -3.89
CA THR A 117 -2.38 10.41 -2.83
C THR A 117 -2.97 9.83 -1.55
N LEU A 118 -2.12 9.17 -0.77
CA LEU A 118 -2.55 8.56 0.48
C LEU A 118 -3.23 9.56 1.40
N GLN A 119 -2.68 10.76 1.47
CA GLN A 119 -3.25 11.80 2.32
C GLN A 119 -3.65 13.01 1.49
N GLU A 120 -4.77 12.89 0.78
CA GLU A 120 -5.28 13.97 -0.05
C GLU A 120 -6.43 14.71 0.63
N ALA A 2 10.45 -5.78 -11.59
CA ALA A 2 9.29 -4.86 -11.52
C ALA A 2 9.72 -3.46 -11.08
N PHE A 3 10.78 -3.41 -10.27
CA PHE A 3 11.30 -2.13 -9.79
C PHE A 3 12.75 -1.94 -10.19
N ALA A 4 13.17 -2.63 -11.24
CA ALA A 4 14.55 -2.53 -11.73
C ALA A 4 14.78 -1.22 -12.47
N ASP A 5 13.77 -0.76 -13.18
CA ASP A 5 13.87 0.48 -13.93
C ASP A 5 12.98 1.58 -13.33
N ALA A 6 12.36 1.27 -12.19
CA ALA A 6 11.50 2.23 -11.52
C ALA A 6 12.28 3.44 -11.02
N GLN A 7 11.76 4.63 -11.27
CA GLN A 7 12.42 5.87 -10.85
C GLN A 7 12.51 5.92 -9.33
N THR A 8 13.26 6.89 -8.82
CA THR A 8 13.42 7.05 -7.38
C THR A 8 13.44 8.53 -6.99
N ARG A 9 13.14 8.79 -5.73
CA ARG A 9 13.10 10.16 -5.21
C ARG A 9 12.99 10.14 -3.69
N LYS A 10 13.42 11.21 -3.05
CA LYS A 10 13.38 11.29 -1.60
C LYS A 10 12.00 11.70 -1.11
N LEU A 11 11.55 11.02 -0.06
CA LEU A 11 10.24 11.28 0.53
C LEU A 11 10.29 12.50 1.44
N THR A 12 9.24 13.32 1.37
CA THR A 12 9.15 14.53 2.18
C THR A 12 8.61 14.19 3.58
N PRO A 13 8.94 15.01 4.58
CA PRO A 13 8.48 14.79 5.96
C PRO A 13 6.97 14.73 6.04
N GLU A 14 6.30 15.58 5.26
CA GLU A 14 4.85 15.60 5.25
C GLU A 14 4.30 14.29 4.68
N GLU A 15 4.85 13.89 3.53
CA GLU A 15 4.43 12.65 2.89
C GLU A 15 4.78 11.45 3.77
N ARG A 16 5.93 11.53 4.42
CA ARG A 16 6.39 10.45 5.29
C ARG A 16 5.53 10.40 6.55
N SER A 17 5.11 11.56 7.03
CA SER A 17 4.28 11.65 8.21
C SER A 17 2.89 11.09 7.94
N ALA A 18 2.42 11.27 6.71
CA ALA A 18 1.10 10.77 6.32
C ALA A 18 1.12 9.25 6.19
N VAL A 19 2.15 8.74 5.52
CA VAL A 19 2.30 7.31 5.34
C VAL A 19 2.42 6.59 6.67
N GLU A 20 3.17 7.18 7.60
CA GLU A 20 3.36 6.60 8.90
C GLU A 20 2.06 6.66 9.71
N ASN A 21 1.35 7.77 9.58
CA ASN A 21 0.08 7.95 10.27
C ASN A 21 -0.97 7.01 9.70
N TYR A 22 -0.94 6.83 8.38
CA TYR A 22 -1.86 5.97 7.69
C TYR A 22 -1.54 4.50 7.99
N LEU A 23 -0.27 4.14 7.88
CA LEU A 23 0.17 2.79 8.16
C LEU A 23 -0.06 2.45 9.63
N GLU A 24 0.05 3.47 10.49
CA GLU A 24 -0.14 3.30 11.92
C GLU A 24 -1.59 2.95 12.22
N SER A 25 -2.51 3.74 11.66
CA SER A 25 -3.93 3.51 11.85
C SER A 25 -4.33 2.19 11.20
N LEU A 26 -3.56 1.79 10.20
CA LEU A 26 -3.80 0.54 9.48
C LEU A 26 -3.58 -0.66 10.39
N THR A 27 -2.75 -0.49 11.41
CA THR A 27 -2.44 -1.56 12.35
C THR A 27 -3.53 -1.68 13.42
N GLN A 28 -4.22 -0.58 13.71
CA GLN A 28 -5.27 -0.59 14.73
C GLN A 28 -6.65 -0.72 14.09
N VAL A 29 -6.81 -0.17 12.89
CA VAL A 29 -8.08 -0.24 12.18
C VAL A 29 -8.25 -1.59 11.50
N LEU A 30 -9.15 -2.41 12.02
CA LEU A 30 -9.41 -3.73 11.45
C LEU A 30 -10.66 -4.35 12.06
N GLN A 31 -10.96 -5.58 11.64
CA GLN A 31 -12.14 -6.29 12.15
C GLN A 31 -11.94 -6.68 13.61
N VAL A 32 -12.93 -7.37 14.17
CA VAL A 32 -12.87 -7.81 15.56
C VAL A 32 -13.66 -9.08 15.78
N PRO A 33 -13.03 -10.25 15.52
CA PRO A 33 -13.69 -11.56 15.70
C PRO A 33 -13.93 -11.89 17.16
N GLY A 34 -13.06 -11.41 18.02
CA GLY A 34 -13.20 -11.68 19.44
C GLY A 34 -12.06 -12.52 19.99
N PRO A 35 -12.12 -13.86 19.81
CA PRO A 35 -11.08 -14.77 20.29
C PRO A 35 -9.77 -14.61 19.53
N THR A 36 -8.72 -15.25 20.04
CA THR A 36 -7.41 -15.17 19.41
C THR A 36 -7.04 -16.53 18.80
N GLY A 37 -7.37 -16.70 17.52
CA GLY A 37 -7.05 -17.95 16.84
C GLY A 37 -6.85 -17.76 15.34
N ALA A 38 -7.83 -18.18 14.55
CA ALA A 38 -7.74 -18.06 13.11
C ALA A 38 -9.02 -17.45 12.53
N SER A 39 -9.16 -16.14 12.67
CA SER A 39 -10.33 -15.43 12.17
C SER A 39 -10.00 -13.99 11.82
N ALA A 40 -8.74 -13.75 11.46
CA ALA A 40 -8.30 -12.41 11.09
C ALA A 40 -6.83 -12.41 10.68
N ALA A 41 -6.53 -11.74 9.56
CA ALA A 41 -5.17 -11.67 9.06
C ALA A 41 -4.71 -10.22 8.90
N PRO A 42 -4.42 -9.54 10.02
CA PRO A 42 -3.97 -8.14 10.00
C PRO A 42 -2.78 -7.92 9.07
N ILE A 43 -2.98 -7.08 8.06
CA ILE A 43 -1.93 -6.80 7.09
C ILE A 43 -1.36 -5.40 7.31
N SER A 44 -0.12 -5.32 7.78
CA SER A 44 0.54 -4.05 8.01
C SER A 44 2.04 -4.17 7.80
N LEU A 45 2.61 -3.17 7.12
CA LEU A 45 4.04 -3.17 6.82
C LEU A 45 4.76 -2.10 7.63
N ALA A 46 5.86 -2.49 8.28
CA ALA A 46 6.64 -1.57 9.11
C ALA A 46 7.65 -0.80 8.26
N LEU A 47 7.63 0.52 8.41
CA LEU A 47 8.54 1.38 7.66
C LEU A 47 9.99 1.16 8.06
N ASN A 48 10.88 1.34 7.10
CA ASN A 48 12.31 1.17 7.33
C ASN A 48 13.08 2.35 6.74
N ALA A 49 14.41 2.31 6.85
CA ALA A 49 15.24 3.38 6.31
C ALA A 49 14.90 3.65 4.85
N GLU A 50 14.50 2.60 4.14
CA GLU A 50 14.13 2.71 2.74
C GLU A 50 12.86 3.54 2.59
N SER A 51 12.10 3.65 3.68
CA SER A 51 10.87 4.43 3.70
C SER A 51 11.10 5.87 3.24
N ASN A 52 12.36 6.29 3.23
CA ASN A 52 12.69 7.64 2.80
C ASN A 52 12.93 7.71 1.30
N ASN A 53 13.17 6.56 0.68
CA ASN A 53 13.41 6.51 -0.76
C ASN A 53 12.19 5.98 -1.50
N VAL A 54 11.48 6.89 -2.17
CA VAL A 54 10.29 6.51 -2.93
C VAL A 54 10.65 5.96 -4.30
N MET A 55 9.89 4.98 -4.75
CA MET A 55 10.11 4.35 -6.04
C MET A 55 8.93 4.60 -6.97
N MET A 56 9.21 5.12 -8.17
CA MET A 56 8.16 5.42 -9.14
C MET A 56 8.16 4.40 -10.27
N LEU A 57 6.98 3.87 -10.59
CA LEU A 57 6.86 2.88 -11.66
C LEU A 57 5.45 2.81 -12.22
N THR A 58 5.35 2.60 -13.52
CA THR A 58 4.06 2.43 -14.16
C THR A 58 3.76 0.94 -14.17
N HIS A 59 2.75 0.52 -13.42
CA HIS A 59 2.45 -0.89 -13.31
C HIS A 59 1.01 -1.15 -12.88
N ALA A 60 0.49 -2.31 -13.26
CA ALA A 60 -0.87 -2.70 -12.91
C ALA A 60 -0.90 -3.30 -11.51
N ILE A 61 -1.81 -2.82 -10.67
CA ILE A 61 -1.92 -3.31 -9.31
C ILE A 61 -2.93 -4.46 -9.21
N THR A 62 -2.47 -5.58 -8.68
CA THR A 62 -3.33 -6.75 -8.50
C THR A 62 -4.02 -6.68 -7.15
N ARG A 63 -5.19 -7.30 -7.05
CA ARG A 63 -5.96 -7.28 -5.80
C ARG A 63 -6.17 -8.69 -5.25
N TYR A 64 -5.58 -8.94 -4.08
CA TYR A 64 -5.73 -10.24 -3.43
C TYR A 64 -6.45 -10.07 -2.10
N GLY A 65 -7.75 -10.31 -2.10
CA GLY A 65 -8.53 -10.18 -0.87
C GLY A 65 -8.48 -11.43 -0.01
N ILE A 66 -8.17 -11.26 1.26
CA ILE A 66 -8.09 -12.37 2.19
C ILE A 66 -8.54 -11.98 3.59
N SER A 67 -9.25 -10.86 3.69
CA SER A 67 -9.74 -10.37 4.97
C SER A 67 -11.28 -10.40 5.02
N THR A 68 -11.89 -10.33 3.84
CA THR A 68 -13.34 -10.34 3.72
C THR A 68 -13.75 -10.60 2.28
N ASP A 69 -15.01 -10.95 2.08
CA ASP A 69 -15.52 -11.21 0.74
C ASP A 69 -16.24 -9.99 0.16
N ASP A 70 -15.91 -8.81 0.70
CA ASP A 70 -16.52 -7.57 0.23
C ASP A 70 -15.46 -6.49 0.07
N PRO A 71 -15.54 -5.69 -1.01
CA PRO A 71 -14.58 -4.61 -1.27
C PRO A 71 -14.09 -3.90 -0.02
N ASN A 72 -13.09 -4.50 0.63
CA ASN A 72 -12.54 -3.93 1.85
C ASN A 72 -11.03 -4.15 1.94
N LYS A 73 -10.48 -3.90 3.13
CA LYS A 73 -9.05 -4.04 3.37
C LYS A 73 -8.53 -5.38 2.85
N TRP A 74 -7.70 -5.31 1.81
CA TRP A 74 -7.13 -6.49 1.19
C TRP A 74 -5.67 -6.24 0.81
N ARG A 75 -5.02 -7.27 0.27
CA ARG A 75 -3.61 -7.15 -0.12
C ARG A 75 -3.51 -6.90 -1.61
N TYR A 76 -2.53 -6.08 -2.01
CA TYR A 76 -2.34 -5.77 -3.42
C TYR A 76 -1.03 -6.36 -3.91
N TYR A 77 -0.87 -6.43 -5.21
CA TYR A 77 0.35 -7.01 -5.77
C TYR A 77 0.86 -6.26 -6.99
N LEU A 78 2.12 -5.86 -6.92
CA LEU A 78 2.76 -5.16 -8.02
C LEU A 78 3.64 -6.14 -8.79
N ASP A 79 3.17 -6.57 -9.95
CA ASP A 79 3.93 -7.55 -10.74
C ASP A 79 3.99 -8.87 -9.99
N SER A 80 5.19 -9.40 -9.75
CA SER A 80 5.34 -10.64 -9.02
C SER A 80 5.63 -10.40 -7.54
N VAL A 81 5.34 -9.19 -7.07
CA VAL A 81 5.59 -8.83 -5.68
C VAL A 81 4.31 -8.34 -4.99
N GLU A 82 4.28 -8.47 -3.67
CA GLU A 82 3.12 -8.05 -2.89
C GLU A 82 3.31 -6.60 -2.42
N VAL A 83 2.27 -5.79 -2.58
CA VAL A 83 2.34 -4.39 -2.18
C VAL A 83 1.09 -3.93 -1.44
N HIS A 84 1.20 -2.78 -0.81
CA HIS A 84 0.11 -2.18 -0.04
C HIS A 84 -0.53 -1.01 -0.77
N LEU A 85 -1.71 -1.24 -1.34
CA LEU A 85 -2.44 -0.19 -2.04
C LEU A 85 -3.67 0.21 -1.23
N PRO A 86 -3.71 1.45 -0.71
CA PRO A 86 -4.84 1.92 0.10
C PRO A 86 -6.19 1.67 -0.55
N PRO A 87 -7.19 1.26 0.25
CA PRO A 87 -8.55 0.95 -0.24
C PRO A 87 -9.21 2.09 -1.03
N PHE A 88 -8.64 3.29 -0.99
CA PHE A 88 -9.23 4.42 -1.72
C PHE A 88 -8.79 4.47 -3.18
N TRP A 89 -7.82 3.63 -3.57
CA TRP A 89 -7.36 3.61 -4.94
C TRP A 89 -7.93 2.41 -5.69
N GLU A 90 -8.76 1.62 -5.01
CA GLU A 90 -9.39 0.46 -5.62
C GLU A 90 -10.07 0.85 -6.93
N GLN A 91 -10.61 2.06 -6.95
CA GLN A 91 -11.30 2.58 -8.13
C GLN A 91 -10.33 3.36 -9.03
N TYR A 92 -9.22 3.81 -8.44
CA TYR A 92 -8.23 4.57 -9.19
C TYR A 92 -7.25 3.66 -9.92
N ILE A 93 -7.25 2.37 -9.55
CA ILE A 93 -6.34 1.41 -10.18
C ILE A 93 -6.92 0.89 -11.49
N ASN A 94 -6.28 1.26 -12.59
CA ASN A 94 -6.72 0.84 -13.92
C ASN A 94 -5.79 -0.24 -14.48
N ASP A 95 -5.93 -0.54 -15.77
CA ASP A 95 -5.11 -1.55 -16.43
C ASP A 95 -3.64 -1.33 -16.08
N GLU A 96 -3.18 -0.10 -16.29
CA GLU A 96 -1.81 0.27 -15.99
C GLU A 96 -1.80 1.62 -15.26
N ASN A 97 -1.17 1.66 -14.09
CA ASN A 97 -1.13 2.87 -13.31
C ASN A 97 0.28 3.37 -13.04
N THR A 98 0.35 4.65 -12.74
CA THR A 98 1.59 5.29 -12.36
C THR A 98 1.64 5.29 -10.85
N VAL A 99 2.50 4.46 -10.28
CA VAL A 99 2.57 4.33 -8.84
C VAL A 99 3.91 4.74 -8.25
N GLU A 100 3.84 5.34 -7.08
CA GLU A 100 5.02 5.75 -6.33
C GLU A 100 4.94 5.10 -4.96
N LEU A 101 5.85 4.20 -4.70
CA LEU A 101 5.84 3.46 -3.45
C LEU A 101 7.22 3.28 -2.85
N ILE A 102 7.24 3.08 -1.54
CA ILE A 102 8.48 2.84 -0.82
C ILE A 102 8.50 1.39 -0.37
N HIS A 103 9.65 0.89 0.05
CA HIS A 103 9.75 -0.51 0.47
C HIS A 103 9.93 -0.64 1.97
N THR A 104 8.96 -1.30 2.62
CA THR A 104 8.99 -1.51 4.06
C THR A 104 9.82 -2.74 4.41
N ASP A 105 9.63 -3.25 5.63
CA ASP A 105 10.34 -4.44 6.08
C ASP A 105 9.63 -5.69 5.56
N SER A 106 8.49 -5.49 4.92
CA SER A 106 7.71 -6.59 4.37
C SER A 106 7.46 -6.37 2.89
N LEU A 107 6.60 -5.40 2.59
CA LEU A 107 6.26 -5.05 1.21
C LEU A 107 6.29 -3.54 1.05
N PRO A 108 6.27 -3.05 -0.20
CA PRO A 108 6.31 -1.63 -0.49
C PRO A 108 4.96 -0.95 -0.30
N LEU A 109 4.97 0.20 0.37
CA LEU A 109 3.76 0.96 0.61
C LEU A 109 3.56 1.99 -0.48
N VAL A 110 2.43 1.89 -1.18
CA VAL A 110 2.12 2.82 -2.26
C VAL A 110 1.65 4.14 -1.69
N ILE A 111 2.56 5.10 -1.59
CA ILE A 111 2.26 6.42 -1.04
C ILE A 111 1.46 7.29 -2.00
N SER A 112 1.62 7.05 -3.31
CA SER A 112 0.89 7.84 -4.29
C SER A 112 0.51 7.01 -5.51
N LEU A 113 -0.49 7.50 -6.25
CA LEU A 113 -0.98 6.82 -7.43
C LEU A 113 -1.28 7.86 -8.52
N ASN A 114 -1.39 7.40 -9.76
CA ASN A 114 -1.65 8.32 -10.86
C ASN A 114 -2.81 9.29 -10.55
N GLY A 115 -2.45 10.51 -10.18
CA GLY A 115 -3.45 11.53 -9.89
C GLY A 115 -4.03 11.46 -8.48
N HIS A 116 -3.58 10.52 -7.67
CA HIS A 116 -4.09 10.39 -6.31
C HIS A 116 -2.94 10.28 -5.31
N THR A 117 -3.26 10.51 -4.05
CA THR A 117 -2.26 10.45 -3.00
C THR A 117 -2.85 9.91 -1.70
N LEU A 118 -2.01 9.28 -0.88
CA LEU A 118 -2.43 8.71 0.37
C LEU A 118 -3.06 9.75 1.29
N GLN A 119 -2.46 10.93 1.34
CA GLN A 119 -2.97 12.00 2.18
C GLN A 119 -3.31 13.23 1.35
N GLU A 120 -4.43 13.16 0.64
CA GLU A 120 -4.88 14.27 -0.20
C GLU A 120 -5.80 15.20 0.58
N ALA A 2 10.38 -5.71 -11.93
CA ALA A 2 9.28 -4.72 -11.99
C ALA A 2 9.75 -3.33 -11.59
N PHE A 3 10.74 -3.29 -10.71
CA PHE A 3 11.30 -2.02 -10.24
C PHE A 3 12.72 -1.83 -10.75
N ALA A 4 13.01 -2.40 -11.92
CA ALA A 4 14.33 -2.29 -12.52
C ALA A 4 14.56 -0.90 -13.11
N ASP A 5 13.56 -0.41 -13.83
CA ASP A 5 13.65 0.90 -14.46
C ASP A 5 12.79 1.93 -13.72
N ALA A 6 12.22 1.53 -12.59
CA ALA A 6 11.39 2.41 -11.78
C ALA A 6 12.18 3.59 -11.24
N GLN A 7 11.65 4.80 -11.41
CA GLN A 7 12.31 6.00 -10.93
C GLN A 7 12.46 5.95 -9.41
N THR A 8 13.16 6.94 -8.85
CA THR A 8 13.37 6.99 -7.41
C THR A 8 13.64 8.42 -6.93
N ARG A 9 13.22 8.70 -5.71
CA ARG A 9 13.42 10.00 -5.10
C ARG A 9 13.27 9.91 -3.58
N LYS A 10 13.71 10.93 -2.87
CA LYS A 10 13.62 10.93 -1.42
C LYS A 10 12.23 11.34 -0.94
N LEU A 11 11.75 10.64 0.08
CA LEU A 11 10.44 10.91 0.66
C LEU A 11 10.47 12.17 1.52
N THR A 12 9.45 13.01 1.38
CA THR A 12 9.36 14.24 2.16
C THR A 12 8.87 13.96 3.57
N PRO A 13 9.22 14.81 4.53
CA PRO A 13 8.80 14.65 5.93
C PRO A 13 7.29 14.68 6.08
N GLU A 14 6.63 15.51 5.27
CA GLU A 14 5.18 15.62 5.32
C GLU A 14 4.53 14.34 4.77
N GLU A 15 5.08 13.83 3.67
CA GLU A 15 4.56 12.62 3.06
C GLU A 15 4.86 11.41 3.94
N ARG A 16 6.01 11.45 4.61
CA ARG A 16 6.41 10.36 5.49
C ARG A 16 5.54 10.32 6.74
N SER A 17 5.18 11.50 7.24
CA SER A 17 4.36 11.61 8.42
C SER A 17 2.92 11.20 8.12
N ALA A 18 2.45 11.58 6.93
CA ALA A 18 1.09 11.24 6.51
C ALA A 18 0.93 9.73 6.38
N VAL A 19 1.86 9.13 5.65
CA VAL A 19 1.85 7.69 5.44
C VAL A 19 1.87 6.97 6.78
N GLU A 20 2.85 7.31 7.61
CA GLU A 20 2.99 6.73 8.94
C GLU A 20 1.68 6.82 9.70
N ASN A 21 0.99 7.95 9.56
CA ASN A 21 -0.28 8.15 10.24
C ASN A 21 -1.35 7.23 9.66
N TYR A 22 -1.23 6.93 8.36
CA TYR A 22 -2.18 6.08 7.69
C TYR A 22 -1.94 4.60 8.04
N LEU A 23 -0.68 4.17 7.97
CA LEU A 23 -0.33 2.78 8.28
C LEU A 23 -0.66 2.48 9.74
N GLU A 24 -0.31 3.41 10.62
CA GLU A 24 -0.57 3.25 12.05
C GLU A 24 -2.06 3.23 12.33
N SER A 25 -2.77 4.20 11.78
CA SER A 25 -4.22 4.29 11.95
C SER A 25 -4.88 3.08 11.31
N LEU A 26 -4.21 2.50 10.31
CA LEU A 26 -4.71 1.33 9.61
C LEU A 26 -4.81 0.13 10.54
N THR A 27 -3.67 -0.23 11.13
CA THR A 27 -3.61 -1.35 12.06
C THR A 27 -4.58 -1.17 13.22
N GLN A 28 -4.78 0.09 13.62
CA GLN A 28 -5.68 0.39 14.72
C GLN A 28 -7.13 0.10 14.35
N VAL A 29 -7.48 0.38 13.10
CA VAL A 29 -8.82 0.14 12.61
C VAL A 29 -9.03 -1.32 12.25
N LEU A 30 -9.93 -1.98 12.97
CA LEU A 30 -10.22 -3.40 12.73
C LEU A 30 -11.72 -3.66 12.73
N GLN A 31 -12.24 -4.14 11.61
CA GLN A 31 -13.65 -4.45 11.48
C GLN A 31 -13.87 -5.65 10.57
N VAL A 32 -13.85 -5.41 9.25
CA VAL A 32 -14.03 -6.47 8.26
C VAL A 32 -15.11 -7.46 8.67
N PRO A 33 -16.40 -7.06 8.57
CA PRO A 33 -17.53 -7.91 8.93
C PRO A 33 -17.57 -9.20 8.10
N GLY A 34 -18.63 -9.97 8.28
CA GLY A 34 -18.77 -11.21 7.54
C GLY A 34 -17.91 -12.33 8.09
N PRO A 35 -18.49 -13.24 8.89
CA PRO A 35 -17.75 -14.36 9.48
C PRO A 35 -17.35 -15.40 8.44
N THR A 36 -16.66 -16.45 8.89
CA THR A 36 -16.24 -17.52 8.00
C THR A 36 -15.31 -16.98 6.91
N GLY A 37 -14.60 -17.88 6.24
CA GLY A 37 -13.71 -17.47 5.18
C GLY A 37 -12.28 -17.29 5.66
N ALA A 38 -12.10 -16.44 6.66
CA ALA A 38 -10.79 -16.17 7.22
C ALA A 38 -10.89 -15.43 8.55
N SER A 39 -9.74 -15.03 9.09
CA SER A 39 -9.70 -14.32 10.36
C SER A 39 -8.27 -13.91 10.71
N ALA A 40 -7.54 -13.41 9.71
CA ALA A 40 -6.16 -12.99 9.91
C ALA A 40 -6.10 -11.49 10.19
N ALA A 41 -5.11 -11.09 10.98
CA ALA A 41 -4.92 -9.69 11.33
C ALA A 41 -4.71 -8.84 10.08
N PRO A 42 -4.81 -7.51 10.21
CA PRO A 42 -4.63 -6.59 9.08
C PRO A 42 -3.25 -6.72 8.46
N ILE A 43 -3.06 -6.07 7.31
CA ILE A 43 -1.79 -6.12 6.60
C ILE A 43 -1.00 -4.84 6.81
N SER A 44 -0.24 -4.78 7.90
CA SER A 44 0.56 -3.60 8.21
C SER A 44 2.05 -3.88 7.97
N LEU A 45 2.71 -2.95 7.29
CA LEU A 45 4.12 -3.10 6.98
C LEU A 45 4.98 -2.21 7.88
N ALA A 46 6.17 -2.68 8.21
CA ALA A 46 7.09 -1.93 9.07
C ALA A 46 8.04 -1.07 8.23
N LEU A 47 8.11 0.22 8.55
CA LEU A 47 8.97 1.14 7.81
C LEU A 47 10.44 0.89 8.12
N ASN A 48 11.28 1.12 7.12
CA ASN A 48 12.72 0.94 7.26
C ASN A 48 13.47 2.09 6.58
N ALA A 49 14.80 2.03 6.60
CA ALA A 49 15.60 3.08 5.98
C ALA A 49 15.17 3.31 4.53
N GLU A 50 14.69 2.26 3.89
CA GLU A 50 14.22 2.37 2.50
C GLU A 50 12.96 3.22 2.42
N SER A 51 12.27 3.35 3.56
CA SER A 51 11.05 4.15 3.63
C SER A 51 11.30 5.59 3.20
N ASN A 52 12.57 5.98 3.18
CA ASN A 52 12.94 7.34 2.79
C ASN A 52 13.18 7.43 1.28
N ASN A 53 13.22 6.28 0.61
CA ASN A 53 13.45 6.25 -0.83
C ASN A 53 12.20 5.78 -1.57
N VAL A 54 11.51 6.71 -2.22
CA VAL A 54 10.30 6.38 -2.97
C VAL A 54 10.64 5.82 -4.35
N MET A 55 9.83 4.87 -4.80
CA MET A 55 10.03 4.24 -6.10
C MET A 55 8.84 4.52 -7.02
N MET A 56 9.12 5.04 -8.20
CA MET A 56 8.07 5.36 -9.18
C MET A 56 8.06 4.34 -10.32
N LEU A 57 6.89 3.82 -10.64
CA LEU A 57 6.76 2.85 -11.72
C LEU A 57 5.34 2.76 -12.26
N THR A 58 5.23 2.52 -13.56
CA THR A 58 3.93 2.35 -14.18
C THR A 58 3.62 0.86 -14.15
N HIS A 59 2.61 0.47 -13.38
CA HIS A 59 2.29 -0.95 -13.24
C HIS A 59 0.86 -1.16 -12.77
N ALA A 60 0.30 -2.31 -13.13
CA ALA A 60 -1.06 -2.67 -12.74
C ALA A 60 -1.05 -3.32 -11.36
N ILE A 61 -1.87 -2.78 -10.46
CA ILE A 61 -1.95 -3.30 -9.10
C ILE A 61 -2.99 -4.42 -8.99
N THR A 62 -2.58 -5.53 -8.40
CA THR A 62 -3.47 -6.67 -8.22
C THR A 62 -4.14 -6.61 -6.85
N ARG A 63 -5.33 -7.19 -6.74
CA ARG A 63 -6.08 -7.20 -5.50
C ARG A 63 -6.23 -8.62 -4.95
N TYR A 64 -5.57 -8.90 -3.84
CA TYR A 64 -5.64 -10.21 -3.22
C TYR A 64 -6.37 -10.15 -1.88
N GLY A 65 -7.65 -10.50 -1.89
CA GLY A 65 -8.43 -10.47 -0.68
C GLY A 65 -8.18 -11.68 0.22
N ILE A 66 -7.81 -11.42 1.46
CA ILE A 66 -7.53 -12.49 2.42
C ILE A 66 -8.21 -12.24 3.77
N SER A 67 -9.04 -11.21 3.85
CA SER A 67 -9.73 -10.88 5.09
C SER A 67 -11.24 -10.99 4.93
N THR A 68 -11.72 -10.78 3.71
CA THR A 68 -13.15 -10.84 3.43
C THR A 68 -13.41 -10.94 1.93
N ASP A 69 -14.63 -11.32 1.57
CA ASP A 69 -15.01 -11.46 0.16
C ASP A 69 -15.76 -10.22 -0.31
N ASP A 70 -15.56 -9.11 0.37
CA ASP A 70 -16.22 -7.85 0.01
C ASP A 70 -15.21 -6.72 -0.03
N PRO A 71 -15.25 -5.87 -1.09
CA PRO A 71 -14.33 -4.74 -1.25
C PRO A 71 -13.92 -4.11 0.06
N ASN A 72 -12.85 -4.65 0.66
CA ASN A 72 -12.36 -4.14 1.93
C ASN A 72 -10.85 -4.40 2.08
N LYS A 73 -10.33 -4.12 3.27
CA LYS A 73 -8.91 -4.30 3.57
C LYS A 73 -8.37 -5.62 3.02
N TRP A 74 -7.48 -5.51 2.03
CA TRP A 74 -6.86 -6.66 1.40
C TRP A 74 -5.42 -6.35 1.02
N ARG A 75 -4.73 -7.34 0.47
CA ARG A 75 -3.34 -7.19 0.04
C ARG A 75 -3.30 -6.94 -1.45
N TYR A 76 -2.40 -6.05 -1.88
CA TYR A 76 -2.26 -5.76 -3.29
C TYR A 76 -0.97 -6.36 -3.81
N TYR A 77 -0.83 -6.46 -5.12
CA TYR A 77 0.37 -7.04 -5.69
C TYR A 77 0.86 -6.31 -6.93
N LEU A 78 2.11 -5.89 -6.87
CA LEU A 78 2.75 -5.20 -7.98
C LEU A 78 3.59 -6.19 -8.76
N ASP A 79 3.08 -6.64 -9.90
CA ASP A 79 3.79 -7.62 -10.70
C ASP A 79 3.86 -8.95 -9.93
N SER A 80 5.06 -9.47 -9.70
CA SER A 80 5.23 -10.72 -8.97
C SER A 80 5.55 -10.45 -7.49
N VAL A 81 5.31 -9.22 -7.05
CA VAL A 81 5.60 -8.86 -5.66
C VAL A 81 4.35 -8.33 -4.95
N GLU A 82 4.33 -8.44 -3.63
CA GLU A 82 3.20 -7.97 -2.84
C GLU A 82 3.41 -6.54 -2.39
N VAL A 83 2.35 -5.74 -2.42
CA VAL A 83 2.42 -4.34 -2.01
C VAL A 83 1.17 -3.90 -1.25
N HIS A 84 1.27 -2.71 -0.66
CA HIS A 84 0.18 -2.14 0.12
C HIS A 84 -0.47 -0.96 -0.60
N LEU A 85 -1.59 -1.21 -1.25
CA LEU A 85 -2.32 -0.17 -1.96
C LEU A 85 -3.57 0.22 -1.17
N PRO A 86 -3.63 1.45 -0.63
CA PRO A 86 -4.76 1.92 0.16
C PRO A 86 -6.11 1.66 -0.52
N PRO A 87 -7.11 1.23 0.26
CA PRO A 87 -8.46 0.91 -0.25
C PRO A 87 -9.11 2.04 -1.07
N PHE A 88 -8.54 3.23 -1.05
CA PHE A 88 -9.13 4.35 -1.79
C PHE A 88 -8.63 4.44 -3.23
N TRP A 89 -7.71 3.55 -3.62
CA TRP A 89 -7.19 3.57 -4.98
C TRP A 89 -7.66 2.36 -5.79
N GLU A 90 -8.34 1.42 -5.13
CA GLU A 90 -8.83 0.23 -5.81
C GLU A 90 -9.62 0.62 -7.06
N GLN A 91 -10.19 1.82 -7.03
CA GLN A 91 -10.98 2.33 -8.16
C GLN A 91 -10.11 3.20 -9.06
N TYR A 92 -9.08 3.81 -8.48
CA TYR A 92 -8.18 4.67 -9.24
C TYR A 92 -7.15 3.85 -10.02
N ILE A 93 -7.06 2.56 -9.70
CA ILE A 93 -6.11 1.68 -10.36
C ILE A 93 -6.68 1.07 -11.64
N ASN A 94 -6.15 1.49 -12.78
CA ASN A 94 -6.59 0.98 -14.08
C ASN A 94 -5.60 -0.05 -14.61
N ASP A 95 -5.75 -0.43 -15.88
CA ASP A 95 -4.85 -1.40 -16.50
C ASP A 95 -3.39 -1.08 -16.17
N GLU A 96 -2.99 0.14 -16.52
CA GLU A 96 -1.64 0.61 -16.24
C GLU A 96 -1.73 1.90 -15.46
N ASN A 97 -1.06 1.96 -14.31
CA ASN A 97 -1.12 3.16 -13.47
C ASN A 97 0.24 3.61 -12.99
N THR A 98 0.37 4.92 -12.83
CA THR A 98 1.59 5.50 -12.32
C THR A 98 1.60 5.33 -10.82
N VAL A 99 2.43 4.41 -10.33
CA VAL A 99 2.48 4.13 -8.90
C VAL A 99 3.81 4.52 -8.28
N GLU A 100 3.72 5.19 -7.14
CA GLU A 100 4.88 5.61 -6.39
C GLU A 100 4.82 4.97 -5.02
N LEU A 101 5.77 4.10 -4.73
CA LEU A 101 5.77 3.39 -3.45
C LEU A 101 7.16 3.21 -2.89
N ILE A 102 7.22 3.02 -1.57
CA ILE A 102 8.47 2.79 -0.88
C ILE A 102 8.50 1.32 -0.45
N HIS A 103 9.64 0.83 -0.03
CA HIS A 103 9.73 -0.57 0.40
C HIS A 103 9.90 -0.70 1.91
N THR A 104 8.93 -1.37 2.54
CA THR A 104 8.95 -1.56 3.99
C THR A 104 9.76 -2.79 4.36
N ASP A 105 9.53 -3.29 5.58
CA ASP A 105 10.22 -4.49 6.05
C ASP A 105 9.53 -5.74 5.54
N SER A 106 8.36 -5.56 4.94
CA SER A 106 7.57 -6.65 4.40
C SER A 106 7.35 -6.43 2.91
N LEU A 107 6.53 -5.44 2.59
CA LEU A 107 6.22 -5.10 1.21
C LEU A 107 6.25 -3.58 1.03
N PRO A 108 6.25 -3.10 -0.20
CA PRO A 108 6.29 -1.67 -0.50
C PRO A 108 4.94 -0.98 -0.27
N LEU A 109 4.99 0.19 0.36
CA LEU A 109 3.80 0.97 0.64
C LEU A 109 3.59 2.00 -0.45
N VAL A 110 2.47 1.93 -1.14
CA VAL A 110 2.16 2.87 -2.21
C VAL A 110 1.65 4.18 -1.62
N ILE A 111 2.55 5.17 -1.56
CA ILE A 111 2.22 6.47 -1.00
C ILE A 111 1.45 7.34 -1.98
N SER A 112 1.62 7.09 -3.28
CA SER A 112 0.90 7.88 -4.28
C SER A 112 0.50 7.02 -5.47
N LEU A 113 -0.50 7.51 -6.22
CA LEU A 113 -1.00 6.82 -7.39
C LEU A 113 -1.37 7.83 -8.47
N ASN A 114 -1.47 7.36 -9.71
CA ASN A 114 -1.81 8.24 -10.83
C ASN A 114 -2.98 9.17 -10.49
N GLY A 115 -2.66 10.41 -10.14
CA GLY A 115 -3.68 11.40 -9.85
C GLY A 115 -4.31 11.25 -8.47
N HIS A 116 -3.58 10.67 -7.52
CA HIS A 116 -4.10 10.50 -6.17
C HIS A 116 -2.95 10.39 -5.17
N THR A 117 -3.28 10.60 -3.90
CA THR A 117 -2.28 10.52 -2.85
C THR A 117 -2.88 9.96 -1.56
N LEU A 118 -2.04 9.31 -0.76
CA LEU A 118 -2.48 8.71 0.49
C LEU A 118 -3.13 9.73 1.41
N GLN A 119 -2.56 10.92 1.47
CA GLN A 119 -3.09 11.98 2.32
C GLN A 119 -3.51 13.18 1.49
N GLU A 120 -4.66 13.06 0.82
CA GLU A 120 -5.17 14.15 0.00
C GLU A 120 -6.36 14.83 0.67
N ALA A 2 10.50 -5.24 -12.53
CA ALA A 2 9.42 -4.25 -12.30
C ALA A 2 9.97 -2.97 -11.68
N PHE A 3 11.03 -3.12 -10.89
CA PHE A 3 11.66 -1.98 -10.23
C PHE A 3 13.08 -1.76 -10.75
N ALA A 4 13.35 -2.23 -11.96
CA ALA A 4 14.66 -2.09 -12.57
C ALA A 4 14.93 -0.66 -13.03
N ASP A 5 14.01 -0.13 -13.84
CA ASP A 5 14.15 1.22 -14.37
C ASP A 5 13.22 2.20 -13.67
N ALA A 6 12.58 1.76 -12.59
CA ALA A 6 11.66 2.61 -11.83
C ALA A 6 12.39 3.83 -11.29
N GLN A 7 11.74 4.99 -11.39
CA GLN A 7 12.31 6.23 -10.88
C GLN A 7 12.35 6.21 -9.36
N THR A 8 13.15 7.09 -8.77
CA THR A 8 13.26 7.15 -7.32
C THR A 8 13.52 8.56 -6.82
N ARG A 9 13.07 8.83 -5.59
CA ARG A 9 13.25 10.13 -4.96
C ARG A 9 13.14 9.97 -3.44
N LYS A 10 13.60 10.97 -2.69
CA LYS A 10 13.56 10.91 -1.25
C LYS A 10 12.19 11.30 -0.71
N LEU A 11 11.73 10.55 0.29
CA LEU A 11 10.45 10.77 0.92
C LEU A 11 10.47 12.02 1.80
N THR A 12 9.52 12.91 1.59
CA THR A 12 9.43 14.14 2.37
C THR A 12 8.84 13.86 3.75
N PRO A 13 9.15 14.71 4.74
CA PRO A 13 8.62 14.54 6.11
C PRO A 13 7.11 14.55 6.13
N GLU A 14 6.50 15.36 5.26
CA GLU A 14 5.05 15.44 5.19
C GLU A 14 4.46 14.13 4.67
N GLU A 15 5.00 13.65 3.55
CA GLU A 15 4.54 12.41 2.96
C GLU A 15 4.79 11.23 3.90
N ARG A 16 5.87 11.32 4.68
CA ARG A 16 6.23 10.27 5.62
C ARG A 16 5.30 10.30 6.82
N SER A 17 4.95 11.50 7.26
CA SER A 17 4.06 11.66 8.40
C SER A 17 2.68 11.11 8.08
N ALA A 18 2.23 11.33 6.84
CA ALA A 18 0.93 10.85 6.40
C ALA A 18 0.93 9.34 6.28
N VAL A 19 1.94 8.80 5.59
CA VAL A 19 2.07 7.36 5.41
C VAL A 19 2.05 6.64 6.75
N GLU A 20 2.82 7.16 7.70
CA GLU A 20 2.89 6.55 9.03
C GLU A 20 1.55 6.67 9.74
N ASN A 21 0.89 7.81 9.56
CA ASN A 21 -0.41 8.06 10.17
C ASN A 21 -1.46 7.14 9.56
N TYR A 22 -1.33 6.88 8.27
CA TYR A 22 -2.26 6.02 7.55
C TYR A 22 -2.02 4.56 7.91
N LEU A 23 -0.75 4.15 7.84
CA LEU A 23 -0.38 2.77 8.16
C LEU A 23 -0.67 2.47 9.62
N GLU A 24 -0.35 3.43 10.49
CA GLU A 24 -0.57 3.27 11.92
C GLU A 24 -2.06 3.13 12.22
N SER A 25 -2.84 4.04 11.66
CA SER A 25 -4.28 4.02 11.85
C SER A 25 -4.87 2.75 11.22
N LEU A 26 -4.17 2.21 10.23
CA LEU A 26 -4.59 1.01 9.54
C LEU A 26 -4.55 -0.20 10.47
N THR A 27 -3.40 -0.37 11.14
CA THR A 27 -3.20 -1.49 12.04
C THR A 27 -4.04 -1.36 13.31
N GLN A 28 -4.38 -0.14 13.69
CA GLN A 28 -5.18 0.09 14.90
C GLN A 28 -6.67 0.10 14.59
N VAL A 29 -7.04 0.62 13.43
CA VAL A 29 -8.44 0.67 13.02
C VAL A 29 -8.90 -0.68 12.47
N LEU A 30 -9.33 -1.56 13.35
CA LEU A 30 -9.80 -2.89 12.95
C LEU A 30 -11.30 -2.86 12.65
N GLN A 31 -11.65 -3.11 11.40
CA GLN A 31 -13.05 -3.12 10.99
C GLN A 31 -13.51 -4.53 10.66
N VAL A 32 -12.59 -5.35 10.15
CA VAL A 32 -12.90 -6.73 9.79
C VAL A 32 -11.84 -7.69 10.33
N PRO A 33 -11.71 -7.79 11.66
CA PRO A 33 -10.73 -8.68 12.30
C PRO A 33 -10.84 -10.11 11.80
N GLY A 34 -12.04 -10.49 11.37
CA GLY A 34 -12.25 -11.84 10.86
C GLY A 34 -12.42 -12.85 11.98
N PRO A 35 -13.52 -13.62 12.00
CA PRO A 35 -13.77 -14.63 13.03
C PRO A 35 -12.81 -15.81 12.93
N THR A 36 -13.00 -16.80 13.80
CA THR A 36 -12.16 -17.98 13.81
C THR A 36 -12.33 -18.77 12.52
N GLY A 37 -11.64 -18.34 11.47
CA GLY A 37 -11.72 -19.02 10.19
C GLY A 37 -10.45 -18.91 9.39
N ALA A 38 -10.12 -17.70 8.94
CA ALA A 38 -8.91 -17.47 8.17
C ALA A 38 -7.69 -17.31 9.07
N SER A 39 -6.60 -17.95 8.70
CA SER A 39 -5.37 -17.89 9.48
C SER A 39 -4.76 -16.49 9.42
N ALA A 40 -5.00 -15.79 8.31
CA ALA A 40 -4.47 -14.45 8.12
C ALA A 40 -5.58 -13.41 8.17
N ALA A 41 -5.20 -12.14 8.30
CA ALA A 41 -6.16 -11.05 8.37
C ALA A 41 -5.44 -9.70 8.44
N PRO A 42 -4.63 -9.49 9.51
CA PRO A 42 -3.89 -8.25 9.69
C PRO A 42 -2.59 -8.22 8.89
N ILE A 43 -2.49 -7.27 7.96
CA ILE A 43 -1.30 -7.15 7.12
C ILE A 43 -0.79 -5.71 7.11
N SER A 44 0.13 -5.40 8.02
CA SER A 44 0.71 -4.08 8.10
C SER A 44 2.21 -4.14 7.85
N LEU A 45 2.74 -3.15 7.13
CA LEU A 45 4.17 -3.13 6.81
C LEU A 45 4.92 -2.16 7.72
N ALA A 46 6.09 -2.59 8.20
CA ALA A 46 6.92 -1.77 9.08
C ALA A 46 7.88 -0.92 8.26
N LEU A 47 7.97 0.36 8.61
CA LEU A 47 8.85 1.29 7.90
C LEU A 47 10.32 0.92 8.06
N ASN A 48 11.06 0.99 6.96
CA ASN A 48 12.48 0.68 6.96
C ASN A 48 13.29 1.83 6.35
N ALA A 49 14.59 1.65 6.27
CA ALA A 49 15.46 2.68 5.71
C ALA A 49 15.03 3.07 4.29
N GLU A 50 14.46 2.10 3.57
CA GLU A 50 13.99 2.35 2.22
C GLU A 50 12.80 3.29 2.25
N SER A 51 12.13 3.36 3.40
CA SER A 51 10.97 4.23 3.58
C SER A 51 11.32 5.68 3.22
N ASN A 52 12.60 5.99 3.16
CA ASN A 52 13.05 7.32 2.81
C ASN A 52 13.28 7.46 1.32
N ASN A 53 13.20 6.33 0.61
CA ASN A 53 13.40 6.33 -0.84
C ASN A 53 12.14 5.82 -1.54
N VAL A 54 11.42 6.73 -2.17
CA VAL A 54 10.19 6.38 -2.89
C VAL A 54 10.49 5.87 -4.29
N MET A 55 9.82 4.79 -4.68
CA MET A 55 10.00 4.20 -6.00
C MET A 55 8.79 4.47 -6.87
N MET A 56 9.02 4.90 -8.10
CA MET A 56 7.95 5.20 -9.03
C MET A 56 7.99 4.27 -10.24
N LEU A 57 6.85 3.67 -10.55
CA LEU A 57 6.76 2.75 -11.69
C LEU A 57 5.35 2.65 -12.23
N THR A 58 5.25 2.45 -13.55
CA THR A 58 3.95 2.28 -14.18
C THR A 58 3.66 0.78 -14.17
N HIS A 59 2.65 0.38 -13.40
CA HIS A 59 2.34 -1.04 -13.29
C HIS A 59 0.91 -1.28 -12.84
N ALA A 60 0.36 -2.43 -13.23
CA ALA A 60 -1.00 -2.80 -12.86
C ALA A 60 -1.01 -3.44 -11.48
N ILE A 61 -1.85 -2.91 -10.59
CA ILE A 61 -1.94 -3.43 -9.23
C ILE A 61 -2.98 -4.54 -9.11
N THR A 62 -2.59 -5.64 -8.50
CA THR A 62 -3.49 -6.77 -8.31
C THR A 62 -4.14 -6.66 -6.93
N ARG A 63 -5.34 -7.22 -6.80
CA ARG A 63 -6.06 -7.18 -5.52
C ARG A 63 -6.28 -8.57 -4.96
N TYR A 64 -5.62 -8.86 -3.85
CA TYR A 64 -5.73 -10.16 -3.20
C TYR A 64 -6.40 -10.01 -1.83
N GLY A 65 -7.70 -10.29 -1.79
CA GLY A 65 -8.44 -10.18 -0.54
C GLY A 65 -8.17 -11.34 0.38
N ILE A 66 -7.84 -11.02 1.64
CA ILE A 66 -7.55 -12.05 2.63
C ILE A 66 -8.09 -11.67 4.01
N SER A 67 -8.94 -10.65 4.06
CA SER A 67 -9.53 -10.20 5.32
C SER A 67 -11.04 -10.35 5.31
N THR A 68 -11.64 -10.29 4.13
CA THR A 68 -13.08 -10.42 3.98
C THR A 68 -13.46 -10.67 2.52
N ASP A 69 -14.70 -11.09 2.30
CA ASP A 69 -15.18 -11.38 0.95
C ASP A 69 -16.00 -10.21 0.41
N ASP A 70 -15.78 -9.02 0.99
CA ASP A 70 -16.50 -7.83 0.56
C ASP A 70 -15.52 -6.68 0.36
N PRO A 71 -15.65 -5.92 -0.75
CA PRO A 71 -14.78 -4.79 -1.06
C PRO A 71 -14.31 -4.02 0.18
N ASN A 72 -13.22 -4.50 0.76
CA ASN A 72 -12.65 -3.88 1.95
C ASN A 72 -11.14 -4.08 2.03
N LYS A 73 -10.57 -3.65 3.16
CA LYS A 73 -9.12 -3.76 3.39
C LYS A 73 -8.57 -5.11 2.92
N TRP A 74 -7.76 -5.06 1.87
CA TRP A 74 -7.15 -6.26 1.29
C TRP A 74 -5.71 -5.98 0.88
N ARG A 75 -5.03 -7.02 0.39
CA ARG A 75 -3.64 -6.89 -0.04
C ARG A 75 -3.55 -6.70 -1.54
N TYR A 76 -2.58 -5.92 -1.99
CA TYR A 76 -2.41 -5.68 -3.41
C TYR A 76 -1.07 -6.24 -3.85
N TYR A 77 -0.89 -6.41 -5.16
CA TYR A 77 0.35 -6.97 -5.65
C TYR A 77 0.87 -6.27 -6.91
N LEU A 78 2.11 -5.83 -6.83
CA LEU A 78 2.78 -5.17 -7.94
C LEU A 78 3.60 -6.19 -8.70
N ASP A 79 3.09 -6.65 -9.83
CA ASP A 79 3.79 -7.65 -10.62
C ASP A 79 3.85 -8.96 -9.83
N SER A 80 5.06 -9.50 -9.62
CA SER A 80 5.21 -10.74 -8.85
C SER A 80 5.58 -10.44 -7.40
N VAL A 81 5.35 -9.20 -6.96
CA VAL A 81 5.68 -8.80 -5.59
C VAL A 81 4.45 -8.26 -4.86
N GLU A 82 4.37 -8.54 -3.57
CA GLU A 82 3.25 -8.07 -2.75
C GLU A 82 3.42 -6.59 -2.40
N VAL A 83 2.34 -5.83 -2.50
CA VAL A 83 2.39 -4.41 -2.20
C VAL A 83 1.13 -3.95 -1.46
N HIS A 84 1.25 -2.78 -0.83
CA HIS A 84 0.15 -2.19 -0.06
C HIS A 84 -0.48 -1.01 -0.80
N LEU A 85 -1.66 -1.25 -1.37
CA LEU A 85 -2.38 -0.20 -2.09
C LEU A 85 -3.63 0.19 -1.30
N PRO A 86 -3.69 1.44 -0.79
CA PRO A 86 -4.82 1.91 0.00
C PRO A 86 -6.17 1.66 -0.69
N PRO A 87 -7.18 1.21 0.09
CA PRO A 87 -8.52 0.91 -0.43
C PRO A 87 -9.16 2.03 -1.25
N PHE A 88 -8.58 3.23 -1.23
CA PHE A 88 -9.16 4.35 -1.98
C PHE A 88 -8.64 4.43 -3.41
N TRP A 89 -7.70 3.57 -3.78
CA TRP A 89 -7.17 3.59 -5.14
C TRP A 89 -7.63 2.38 -5.95
N GLU A 90 -8.30 1.43 -5.29
CA GLU A 90 -8.79 0.24 -5.96
C GLU A 90 -9.59 0.62 -7.21
N GLN A 91 -10.17 1.82 -7.19
CA GLN A 91 -10.94 2.31 -8.31
C GLN A 91 -10.09 3.18 -9.21
N TYR A 92 -9.06 3.81 -8.64
CA TYR A 92 -8.16 4.66 -9.40
C TYR A 92 -7.11 3.84 -10.15
N ILE A 93 -7.07 2.53 -9.88
CA ILE A 93 -6.12 1.64 -10.53
C ILE A 93 -6.66 1.05 -11.83
N ASN A 94 -6.08 1.47 -12.95
CA ASN A 94 -6.47 0.97 -14.26
C ASN A 94 -5.47 -0.06 -14.76
N ASP A 95 -5.57 -0.43 -16.04
CA ASP A 95 -4.65 -1.40 -16.62
C ASP A 95 -3.21 -1.07 -16.26
N GLU A 96 -2.80 0.15 -16.60
CA GLU A 96 -1.45 0.62 -16.28
C GLU A 96 -1.57 1.90 -15.45
N ASN A 97 -0.93 1.93 -14.29
CA ASN A 97 -1.02 3.10 -13.42
C ASN A 97 0.33 3.53 -12.88
N THR A 98 0.45 4.83 -12.65
CA THR A 98 1.67 5.39 -12.09
C THR A 98 1.64 5.14 -10.59
N VAL A 99 2.44 4.20 -10.13
CA VAL A 99 2.47 3.84 -8.72
C VAL A 99 3.79 4.21 -8.05
N GLU A 100 3.69 5.02 -7.01
CA GLU A 100 4.85 5.41 -6.24
C GLU A 100 4.79 4.78 -4.86
N LEU A 101 5.74 3.90 -4.58
CA LEU A 101 5.76 3.19 -3.30
C LEU A 101 7.15 3.09 -2.71
N ILE A 102 7.20 2.98 -1.38
CA ILE A 102 8.46 2.84 -0.65
C ILE A 102 8.52 1.43 -0.07
N HIS A 103 9.66 0.77 -0.23
CA HIS A 103 9.82 -0.60 0.26
C HIS A 103 10.00 -0.66 1.77
N THR A 104 9.03 -1.28 2.44
CA THR A 104 9.07 -1.43 3.89
C THR A 104 9.85 -2.67 4.28
N ASP A 105 9.65 -3.12 5.52
CA ASP A 105 10.33 -4.32 6.00
C ASP A 105 9.64 -5.56 5.45
N SER A 106 8.42 -5.36 4.94
CA SER A 106 7.63 -6.44 4.36
C SER A 106 7.45 -6.23 2.86
N LEU A 107 6.62 -5.25 2.53
CA LEU A 107 6.34 -4.91 1.14
C LEU A 107 6.34 -3.39 0.96
N PRO A 108 6.36 -2.93 -0.29
CA PRO A 108 6.37 -1.49 -0.59
C PRO A 108 4.99 -0.84 -0.42
N LEU A 109 4.98 0.25 0.33
CA LEU A 109 3.76 1.00 0.58
C LEU A 109 3.56 2.05 -0.51
N VAL A 110 2.46 1.93 -1.24
CA VAL A 110 2.16 2.88 -2.30
C VAL A 110 1.67 4.19 -1.72
N ILE A 111 2.57 5.16 -1.65
CA ILE A 111 2.26 6.47 -1.08
C ILE A 111 1.45 7.32 -2.04
N SER A 112 1.60 7.10 -3.34
CA SER A 112 0.85 7.86 -4.33
C SER A 112 0.46 7.02 -5.53
N LEU A 113 -0.50 7.51 -6.30
CA LEU A 113 -0.98 6.82 -7.48
C LEU A 113 -1.34 7.83 -8.57
N ASN A 114 -1.41 7.36 -9.81
CA ASN A 114 -1.74 8.25 -10.93
C ASN A 114 -2.91 9.17 -10.61
N GLY A 115 -2.60 10.41 -10.25
CA GLY A 115 -3.63 11.39 -9.96
C GLY A 115 -4.26 11.25 -8.59
N HIS A 116 -3.54 10.68 -7.63
CA HIS A 116 -4.07 10.52 -6.28
C HIS A 116 -2.93 10.40 -5.27
N THR A 117 -3.27 10.60 -4.00
CA THR A 117 -2.28 10.52 -2.93
C THR A 117 -2.89 9.94 -1.66
N LEU A 118 -2.06 9.29 -0.86
CA LEU A 118 -2.51 8.67 0.38
C LEU A 118 -3.19 9.67 1.30
N GLN A 119 -2.62 10.87 1.39
CA GLN A 119 -3.16 11.91 2.24
C GLN A 119 -3.73 13.06 1.41
N GLU A 120 -4.91 12.85 0.84
CA GLU A 120 -5.56 13.86 0.02
C GLU A 120 -6.54 14.68 0.84
N ALA A 2 10.36 -5.75 -12.25
CA ALA A 2 9.25 -4.78 -12.04
C ALA A 2 9.80 -3.40 -11.69
N PHE A 3 10.60 -3.35 -10.64
CA PHE A 3 11.19 -2.09 -10.19
C PHE A 3 12.62 -1.95 -10.68
N ALA A 4 12.92 -2.58 -11.82
CA ALA A 4 14.25 -2.52 -12.40
C ALA A 4 14.51 -1.17 -13.05
N ASP A 5 13.48 -0.61 -13.67
CA ASP A 5 13.59 0.69 -14.33
C ASP A 5 12.75 1.75 -13.62
N ALA A 6 12.18 1.39 -12.48
CA ALA A 6 11.36 2.32 -11.71
C ALA A 6 12.18 3.50 -11.21
N GLN A 7 11.64 4.71 -11.38
CA GLN A 7 12.32 5.91 -10.94
C GLN A 7 12.36 5.98 -9.42
N THR A 8 13.09 6.95 -8.89
CA THR A 8 13.20 7.11 -7.44
C THR A 8 13.20 8.59 -7.04
N ARG A 9 12.95 8.82 -5.75
CA ARG A 9 12.91 10.16 -5.21
C ARG A 9 12.88 10.09 -3.69
N LYS A 10 13.35 11.13 -3.01
CA LYS A 10 13.38 11.12 -1.54
C LYS A 10 12.01 11.48 -0.98
N LEU A 11 11.61 10.75 0.05
CA LEU A 11 10.31 10.97 0.69
C LEU A 11 10.36 12.19 1.61
N THR A 12 9.40 13.08 1.43
CA THR A 12 9.31 14.30 2.24
C THR A 12 8.82 13.97 3.65
N PRO A 13 9.18 14.80 4.64
CA PRO A 13 8.76 14.60 6.03
C PRO A 13 7.24 14.60 6.18
N GLU A 14 6.58 15.44 5.40
CA GLU A 14 5.12 15.53 5.44
C GLU A 14 4.51 14.25 4.87
N GLU A 15 5.01 13.80 3.73
CA GLU A 15 4.52 12.59 3.11
C GLU A 15 4.85 11.37 3.96
N ARG A 16 6.00 11.42 4.62
CA ARG A 16 6.44 10.32 5.49
C ARG A 16 5.53 10.22 6.71
N SER A 17 5.14 11.37 7.25
CA SER A 17 4.28 11.43 8.42
C SER A 17 2.87 10.98 8.08
N ALA A 18 2.41 11.31 6.88
CA ALA A 18 1.07 10.95 6.44
C ALA A 18 0.96 9.45 6.26
N VAL A 19 1.93 8.87 5.58
CA VAL A 19 1.97 7.44 5.35
C VAL A 19 2.00 6.70 6.68
N GLU A 20 3.01 7.00 7.48
CA GLU A 20 3.16 6.38 8.79
C GLU A 20 1.87 6.52 9.60
N ASN A 21 1.19 7.64 9.42
CA ASN A 21 -0.07 7.87 10.12
C ASN A 21 -1.17 6.98 9.57
N TYR A 22 -1.10 6.71 8.27
CA TYR A 22 -2.07 5.87 7.61
C TYR A 22 -1.84 4.40 7.95
N LEU A 23 -0.59 3.94 7.84
CA LEU A 23 -0.26 2.55 8.14
C LEU A 23 -0.56 2.25 9.61
N GLU A 24 -0.17 3.17 10.48
CA GLU A 24 -0.40 3.02 11.91
C GLU A 24 -1.88 2.95 12.22
N SER A 25 -2.63 3.91 11.68
CA SER A 25 -4.07 3.96 11.88
C SER A 25 -4.74 2.74 11.23
N LEU A 26 -4.09 2.21 10.20
CA LEU A 26 -4.59 1.05 9.48
C LEU A 26 -4.65 -0.17 10.38
N THR A 27 -3.49 -0.54 10.93
CA THR A 27 -3.39 -1.70 11.81
C THR A 27 -4.28 -1.51 13.04
N GLN A 28 -4.46 -0.26 13.46
CA GLN A 28 -5.28 0.06 14.61
C GLN A 28 -6.74 -0.26 14.35
N VAL A 29 -7.16 -0.06 13.10
CA VAL A 29 -8.55 -0.32 12.72
C VAL A 29 -8.75 -1.80 12.39
N LEU A 30 -9.02 -2.59 13.42
CA LEU A 30 -9.25 -4.03 13.25
C LEU A 30 -10.69 -4.39 13.57
N GLN A 31 -10.99 -5.69 13.50
CA GLN A 31 -12.34 -6.18 13.78
C GLN A 31 -13.32 -5.66 12.74
N VAL A 32 -14.41 -6.41 12.55
CA VAL A 32 -15.43 -6.03 11.58
C VAL A 32 -16.82 -6.53 12.02
N PRO A 33 -17.62 -5.64 12.64
CA PRO A 33 -18.97 -5.99 13.11
C PRO A 33 -20.00 -6.00 11.99
N GLY A 34 -19.55 -5.85 10.74
CA GLY A 34 -20.47 -5.84 9.62
C GLY A 34 -21.20 -7.17 9.45
N PRO A 35 -21.15 -7.77 8.25
CA PRO A 35 -21.83 -9.05 7.99
C PRO A 35 -21.15 -10.22 8.68
N THR A 36 -19.83 -10.21 8.70
CA THR A 36 -19.06 -11.27 9.34
C THR A 36 -17.65 -10.80 9.68
N GLY A 37 -16.84 -11.71 10.22
CA GLY A 37 -15.48 -11.36 10.57
C GLY A 37 -14.51 -12.51 10.37
N ALA A 38 -14.06 -12.70 9.13
CA ALA A 38 -13.14 -13.77 8.80
C ALA A 38 -11.80 -13.22 8.30
N SER A 39 -10.80 -13.24 9.17
CA SER A 39 -9.48 -12.73 8.81
C SER A 39 -8.38 -13.62 9.41
N ALA A 40 -7.16 -13.46 8.90
CA ALA A 40 -6.03 -14.25 9.39
C ALA A 40 -4.78 -13.39 9.50
N ALA A 41 -4.57 -12.79 10.67
CA ALA A 41 -3.40 -11.94 10.91
C ALA A 41 -3.40 -10.74 9.96
N PRO A 42 -3.59 -9.52 10.49
CA PRO A 42 -3.61 -8.30 9.68
C PRO A 42 -2.38 -8.19 8.78
N ILE A 43 -2.33 -7.13 7.98
CA ILE A 43 -1.21 -6.91 7.07
C ILE A 43 -0.76 -5.45 7.09
N SER A 44 0.13 -5.13 8.02
CA SER A 44 0.66 -3.78 8.15
C SER A 44 2.17 -3.78 8.01
N LEU A 45 2.67 -3.28 6.90
CA LEU A 45 4.12 -3.23 6.65
C LEU A 45 4.82 -2.36 7.69
N ALA A 46 6.04 -2.76 8.06
CA ALA A 46 6.83 -2.02 9.02
C ALA A 46 7.79 -1.07 8.30
N LEU A 47 7.77 0.20 8.70
CA LEU A 47 8.62 1.20 8.08
C LEU A 47 10.09 0.94 8.35
N ASN A 48 10.93 1.30 7.37
CA ASN A 48 12.37 1.11 7.48
C ASN A 48 13.10 2.31 6.89
N ALA A 49 14.44 2.25 6.89
CA ALA A 49 15.24 3.34 6.35
C ALA A 49 14.87 3.63 4.90
N GLU A 50 14.45 2.59 4.18
CA GLU A 50 14.05 2.74 2.79
C GLU A 50 12.82 3.64 2.68
N SER A 51 12.09 3.77 3.79
CA SER A 51 10.89 4.59 3.83
C SER A 51 11.16 6.00 3.30
N ASN A 52 12.42 6.40 3.27
CA ASN A 52 12.79 7.72 2.79
C ASN A 52 13.07 7.72 1.29
N ASN A 53 12.93 6.55 0.66
CA ASN A 53 13.17 6.44 -0.78
C ASN A 53 11.92 5.97 -1.51
N VAL A 54 11.29 6.89 -2.23
CA VAL A 54 10.09 6.57 -2.99
C VAL A 54 10.44 6.01 -4.36
N MET A 55 9.73 4.96 -4.76
CA MET A 55 9.96 4.33 -6.05
C MET A 55 8.77 4.55 -6.98
N MET A 56 9.04 5.06 -8.18
CA MET A 56 8.00 5.34 -9.15
C MET A 56 8.03 4.34 -10.31
N LEU A 57 6.87 3.79 -10.64
CA LEU A 57 6.77 2.83 -11.74
C LEU A 57 5.36 2.72 -12.29
N THR A 58 5.27 2.50 -13.60
CA THR A 58 3.98 2.30 -14.23
C THR A 58 3.68 0.81 -14.20
N HIS A 59 2.68 0.42 -13.44
CA HIS A 59 2.38 -1.00 -13.31
C HIS A 59 0.94 -1.24 -12.84
N ALA A 60 0.40 -2.40 -13.21
CA ALA A 60 -0.96 -2.77 -12.82
C ALA A 60 -0.96 -3.41 -11.44
N ILE A 61 -1.80 -2.89 -10.55
CA ILE A 61 -1.87 -3.41 -9.19
C ILE A 61 -2.91 -4.53 -9.08
N THR A 62 -2.51 -5.62 -8.44
CA THR A 62 -3.40 -6.76 -8.24
C THR A 62 -4.07 -6.69 -6.88
N ARG A 63 -5.26 -7.27 -6.76
CA ARG A 63 -6.01 -7.24 -5.51
C ARG A 63 -6.20 -8.64 -4.95
N TYR A 64 -5.54 -8.93 -3.82
CA TYR A 64 -5.66 -10.22 -3.17
C TYR A 64 -6.40 -10.10 -1.84
N GLY A 65 -7.69 -10.39 -1.86
CA GLY A 65 -8.49 -10.31 -0.65
C GLY A 65 -8.23 -11.46 0.31
N ILE A 66 -8.06 -11.14 1.58
CA ILE A 66 -7.80 -12.15 2.60
C ILE A 66 -8.33 -11.73 3.97
N SER A 67 -9.25 -10.77 3.98
CA SER A 67 -9.81 -10.27 5.23
C SER A 67 -11.34 -10.23 5.17
N THR A 68 -11.88 -10.08 3.97
CA THR A 68 -13.32 -10.02 3.77
C THR A 68 -13.67 -10.22 2.30
N ASP A 69 -14.94 -10.49 2.02
CA ASP A 69 -15.40 -10.70 0.66
C ASP A 69 -16.05 -9.44 0.10
N ASP A 70 -15.69 -8.29 0.67
CA ASP A 70 -16.25 -7.02 0.22
C ASP A 70 -15.12 -5.98 0.09
N PRO A 71 -15.11 -5.22 -1.02
CA PRO A 71 -14.09 -4.20 -1.27
C PRO A 71 -13.61 -3.51 0.00
N ASN A 72 -12.60 -4.11 0.64
CA ASN A 72 -12.04 -3.57 1.87
C ASN A 72 -10.56 -3.90 2.01
N LYS A 73 -10.00 -3.59 3.17
CA LYS A 73 -8.59 -3.85 3.46
C LYS A 73 -8.14 -5.22 2.99
N TRP A 74 -7.30 -5.23 1.97
CA TRP A 74 -6.76 -6.45 1.38
C TRP A 74 -5.31 -6.24 0.95
N ARG A 75 -4.68 -7.29 0.45
CA ARG A 75 -3.29 -7.20 0.01
C ARG A 75 -3.23 -6.99 -1.49
N TYR A 76 -2.37 -6.08 -1.93
CA TYR A 76 -2.22 -5.81 -3.34
C TYR A 76 -0.92 -6.41 -3.84
N TYR A 77 -0.78 -6.52 -5.16
CA TYR A 77 0.42 -7.11 -5.71
C TYR A 77 0.92 -6.37 -6.95
N LEU A 78 2.18 -5.95 -6.88
CA LEU A 78 2.82 -5.25 -7.99
C LEU A 78 3.66 -6.25 -8.78
N ASP A 79 3.15 -6.68 -9.93
CA ASP A 79 3.86 -7.65 -10.74
C ASP A 79 3.91 -8.99 -10.00
N SER A 80 5.11 -9.53 -9.77
CA SER A 80 5.25 -10.79 -9.06
C SER A 80 5.57 -10.56 -7.58
N VAL A 81 5.37 -9.33 -7.11
CA VAL A 81 5.65 -8.98 -5.72
C VAL A 81 4.40 -8.48 -5.01
N GLU A 82 4.39 -8.62 -3.69
CA GLU A 82 3.26 -8.18 -2.88
C GLU A 82 3.46 -6.73 -2.42
N VAL A 83 2.43 -5.92 -2.59
CA VAL A 83 2.50 -4.51 -2.20
C VAL A 83 1.24 -4.06 -1.46
N HIS A 84 1.32 -2.87 -0.87
CA HIS A 84 0.22 -2.30 -0.12
C HIS A 84 -0.40 -1.11 -0.86
N LEU A 85 -1.64 -1.28 -1.31
CA LEU A 85 -2.35 -0.23 -2.02
C LEU A 85 -3.62 0.14 -1.24
N PRO A 86 -3.71 1.39 -0.73
CA PRO A 86 -4.86 1.84 0.04
C PRO A 86 -6.18 1.57 -0.66
N PRO A 87 -7.20 1.13 0.09
CA PRO A 87 -8.54 0.82 -0.44
C PRO A 87 -9.18 1.96 -1.24
N PHE A 88 -8.61 3.16 -1.19
CA PHE A 88 -9.17 4.29 -1.92
C PHE A 88 -8.65 4.39 -3.35
N TRP A 89 -7.69 3.55 -3.72
CA TRP A 89 -7.15 3.58 -5.08
C TRP A 89 -7.63 2.38 -5.89
N GLU A 90 -8.32 1.44 -5.25
CA GLU A 90 -8.83 0.26 -5.94
C GLU A 90 -9.61 0.67 -7.19
N GLN A 91 -10.18 1.86 -7.15
CA GLN A 91 -10.95 2.38 -8.27
C GLN A 91 -10.07 3.26 -9.17
N TYR A 92 -9.04 3.85 -8.57
CA TYR A 92 -8.12 4.71 -9.32
C TYR A 92 -7.07 3.88 -10.07
N ILE A 93 -7.05 2.57 -9.81
CA ILE A 93 -6.07 1.69 -10.46
C ILE A 93 -6.65 1.05 -11.72
N ASN A 94 -6.11 1.46 -12.86
CA ASN A 94 -6.54 0.92 -14.15
C ASN A 94 -5.52 -0.10 -14.67
N ASP A 95 -5.65 -0.49 -15.94
CA ASP A 95 -4.74 -1.46 -16.53
C ASP A 95 -3.28 -1.11 -16.20
N GLU A 96 -2.89 0.11 -16.54
CA GLU A 96 -1.54 0.61 -16.25
C GLU A 96 -1.66 1.89 -15.45
N ASN A 97 -0.99 1.93 -14.30
CA ASN A 97 -1.08 3.11 -13.44
C ASN A 97 0.28 3.57 -12.94
N THR A 98 0.40 4.88 -12.76
CA THR A 98 1.62 5.47 -12.23
C THR A 98 1.62 5.24 -10.72
N VAL A 99 2.44 4.31 -10.27
CA VAL A 99 2.48 3.98 -8.85
C VAL A 99 3.80 4.38 -8.21
N GLU A 100 3.69 5.14 -7.12
CA GLU A 100 4.85 5.56 -6.36
C GLU A 100 4.79 4.93 -4.99
N LEU A 101 5.72 4.04 -4.72
CA LEU A 101 5.73 3.33 -3.46
C LEU A 101 7.13 3.18 -2.88
N ILE A 102 7.19 3.01 -1.57
CA ILE A 102 8.45 2.81 -0.88
C ILE A 102 8.51 1.37 -0.42
N HIS A 103 9.68 0.89 0.00
CA HIS A 103 9.79 -0.50 0.43
C HIS A 103 9.97 -0.59 1.94
N THR A 104 8.99 -1.24 2.59
CA THR A 104 9.01 -1.39 4.04
C THR A 104 9.84 -2.61 4.45
N ASP A 105 9.61 -3.09 5.67
CA ASP A 105 10.32 -4.25 6.18
C ASP A 105 9.70 -5.52 5.62
N SER A 106 8.53 -5.38 4.98
CA SER A 106 7.83 -6.50 4.40
C SER A 106 7.61 -6.27 2.91
N LEU A 107 6.66 -5.40 2.59
CA LEU A 107 6.34 -5.07 1.21
C LEU A 107 6.35 -3.55 1.03
N PRO A 108 6.32 -3.07 -0.22
CA PRO A 108 6.34 -1.65 -0.50
C PRO A 108 4.98 -0.98 -0.30
N LEU A 109 5.00 0.17 0.35
CA LEU A 109 3.77 0.93 0.60
C LEU A 109 3.58 1.99 -0.47
N VAL A 110 2.47 1.89 -1.19
CA VAL A 110 2.17 2.84 -2.24
C VAL A 110 1.66 4.15 -1.65
N ILE A 111 2.54 5.14 -1.60
CA ILE A 111 2.22 6.44 -1.03
C ILE A 111 1.43 7.32 -2.01
N SER A 112 1.60 7.07 -3.30
CA SER A 112 0.90 7.87 -4.31
C SER A 112 0.49 7.01 -5.50
N LEU A 113 -0.49 7.51 -6.26
CA LEU A 113 -0.99 6.81 -7.44
C LEU A 113 -1.35 7.83 -8.51
N ASN A 114 -1.44 7.37 -9.75
CA ASN A 114 -1.78 8.26 -10.87
C ASN A 114 -2.96 9.18 -10.53
N GLY A 115 -2.64 10.42 -10.17
CA GLY A 115 -3.67 11.40 -9.86
C GLY A 115 -4.29 11.25 -8.49
N HIS A 116 -3.55 10.69 -7.54
CA HIS A 116 -4.07 10.52 -6.17
C HIS A 116 -2.94 10.40 -5.16
N THR A 117 -3.27 10.58 -3.90
CA THR A 117 -2.27 10.49 -2.83
C THR A 117 -2.89 9.91 -1.56
N LEU A 118 -2.05 9.25 -0.76
CA LEU A 118 -2.49 8.62 0.47
C LEU A 118 -3.19 9.61 1.39
N GLN A 119 -2.64 10.81 1.49
CA GLN A 119 -3.21 11.84 2.34
C GLN A 119 -3.79 12.98 1.52
N GLU A 120 -4.94 12.74 0.91
CA GLU A 120 -5.60 13.75 0.09
C GLU A 120 -6.63 14.54 0.90
N ALA A 2 10.42 -5.61 -12.07
CA ALA A 2 9.35 -4.59 -12.26
C ALA A 2 9.86 -3.21 -11.88
N PHE A 3 10.79 -3.16 -10.93
CA PHE A 3 11.35 -1.90 -10.47
C PHE A 3 12.77 -1.70 -11.03
N ALA A 4 13.00 -2.23 -12.22
CA ALA A 4 14.32 -2.11 -12.86
C ALA A 4 14.54 -0.70 -13.41
N ASP A 5 13.50 -0.15 -14.03
CA ASP A 5 13.58 1.19 -14.60
C ASP A 5 12.73 2.19 -13.82
N ALA A 6 12.19 1.75 -12.68
CA ALA A 6 11.34 2.61 -11.85
C ALA A 6 12.14 3.79 -11.30
N GLN A 7 11.62 4.99 -11.51
CA GLN A 7 12.27 6.21 -11.02
C GLN A 7 12.46 6.15 -9.51
N THR A 8 13.16 7.13 -8.95
CA THR A 8 13.41 7.16 -7.51
C THR A 8 13.60 8.58 -7.00
N ARG A 9 13.09 8.83 -5.79
CA ARG A 9 13.20 10.13 -5.15
C ARG A 9 13.12 9.96 -3.63
N LYS A 10 13.55 10.96 -2.88
CA LYS A 10 13.52 10.86 -1.43
C LYS A 10 12.15 11.20 -0.86
N LEU A 11 11.75 10.41 0.15
CA LEU A 11 10.47 10.58 0.82
C LEU A 11 10.48 11.81 1.71
N THR A 12 9.36 12.55 1.72
CA THR A 12 9.25 13.74 2.54
C THR A 12 8.74 13.39 3.94
N PRO A 13 9.05 14.23 4.95
CA PRO A 13 8.61 13.99 6.32
C PRO A 13 7.10 13.95 6.44
N GLU A 14 6.43 14.85 5.73
CA GLU A 14 4.97 14.91 5.76
C GLU A 14 4.37 13.61 5.22
N GLU A 15 4.94 13.13 4.11
CA GLU A 15 4.46 11.90 3.50
C GLU A 15 4.59 10.72 4.46
N ARG A 16 5.68 10.73 5.23
CA ARG A 16 5.91 9.66 6.20
C ARG A 16 5.00 9.82 7.41
N SER A 17 4.65 11.06 7.73
CA SER A 17 3.79 11.35 8.86
C SER A 17 2.40 10.75 8.64
N ALA A 18 1.76 11.14 7.55
CA ALA A 18 0.44 10.63 7.23
C ALA A 18 0.49 9.15 6.91
N VAL A 19 1.50 8.74 6.14
CA VAL A 19 1.65 7.33 5.78
C VAL A 19 1.63 6.46 7.03
N GLU A 20 2.34 6.89 8.05
CA GLU A 20 2.40 6.16 9.31
C GLU A 20 1.03 6.17 10.00
N ASN A 21 0.40 7.34 10.02
CA ASN A 21 -0.90 7.51 10.64
C ASN A 21 -1.97 6.71 9.89
N TYR A 22 -1.76 6.58 8.58
CA TYR A 22 -2.68 5.86 7.72
C TYR A 22 -2.55 4.35 7.94
N LEU A 23 -1.32 3.86 7.96
CA LEU A 23 -1.06 2.45 8.17
C LEU A 23 -1.37 2.06 9.62
N GLU A 24 -1.18 3.00 10.54
CA GLU A 24 -1.45 2.75 11.95
C GLU A 24 -2.95 2.60 12.18
N SER A 25 -3.72 3.54 11.64
CA SER A 25 -5.17 3.51 11.77
C SER A 25 -5.72 2.28 11.05
N LEU A 26 -5.04 1.90 9.96
CA LEU A 26 -5.42 0.74 9.17
C LEU A 26 -5.63 -0.49 10.04
N THR A 27 -4.57 -0.87 10.75
CA THR A 27 -4.62 -2.04 11.63
C THR A 27 -5.70 -1.88 12.68
N GLN A 28 -5.94 -0.64 13.12
CA GLN A 28 -6.94 -0.37 14.12
C GLN A 28 -8.34 -0.63 13.58
N VAL A 29 -8.52 -0.35 12.29
CA VAL A 29 -9.82 -0.55 11.64
C VAL A 29 -10.07 -2.03 11.37
N LEU A 30 -10.45 -2.76 12.42
CA LEU A 30 -10.72 -4.19 12.29
C LEU A 30 -12.21 -4.44 12.09
N GLN A 31 -12.55 -5.69 11.81
CA GLN A 31 -13.95 -6.06 11.60
C GLN A 31 -14.49 -6.83 12.80
N VAL A 32 -13.66 -7.72 13.36
CA VAL A 32 -14.04 -8.52 14.52
C VAL A 32 -15.49 -9.02 14.42
N PRO A 33 -15.70 -10.17 13.77
CA PRO A 33 -17.05 -10.75 13.61
C PRO A 33 -17.63 -11.25 14.93
N GLY A 34 -18.71 -12.02 14.84
CA GLY A 34 -19.34 -12.55 16.03
C GLY A 34 -19.63 -14.04 15.92
N PRO A 35 -20.86 -14.40 15.52
CA PRO A 35 -21.26 -15.80 15.37
C PRO A 35 -20.61 -16.47 14.16
N THR A 36 -19.94 -17.60 14.39
CA THR A 36 -19.27 -18.35 13.33
C THR A 36 -18.52 -17.41 12.38
N GLY A 37 -17.37 -16.92 12.82
CA GLY A 37 -16.58 -16.03 12.00
C GLY A 37 -15.18 -16.56 11.74
N ALA A 38 -14.48 -15.94 10.80
CA ALA A 38 -13.13 -16.35 10.46
C ALA A 38 -12.09 -15.49 11.19
N SER A 39 -11.00 -16.12 11.61
CA SER A 39 -9.94 -15.42 12.31
C SER A 39 -8.79 -15.09 11.37
N ALA A 40 -8.06 -14.02 11.68
CA ALA A 40 -6.93 -13.60 10.87
C ALA A 40 -6.19 -12.43 11.50
N ALA A 41 -5.13 -11.98 10.86
CA ALA A 41 -4.33 -10.87 11.36
C ALA A 41 -4.18 -9.77 10.30
N PRO A 42 -4.13 -8.50 10.72
CA PRO A 42 -3.98 -7.37 9.81
C PRO A 42 -2.73 -7.50 8.94
N ILE A 43 -2.34 -6.39 8.30
CA ILE A 43 -1.16 -6.39 7.44
C ILE A 43 -0.59 -4.98 7.32
N SER A 44 0.28 -4.63 8.26
CA SER A 44 0.92 -3.32 8.27
C SER A 44 2.41 -3.46 7.96
N LEU A 45 2.95 -2.50 7.21
CA LEU A 45 4.36 -2.53 6.85
C LEU A 45 5.18 -1.59 7.74
N ALA A 46 6.34 -2.08 8.20
CA ALA A 46 7.23 -1.30 9.04
C ALA A 46 8.21 -0.50 8.20
N LEU A 47 8.41 0.78 8.54
CA LEU A 47 9.31 1.64 7.80
C LEU A 47 10.76 1.17 7.92
N ASN A 48 11.48 1.26 6.80
CA ASN A 48 12.89 0.86 6.74
C ASN A 48 13.71 1.91 6.00
N ALA A 49 15.00 1.66 5.86
CA ALA A 49 15.88 2.59 5.17
C ALA A 49 15.44 2.81 3.73
N GLU A 50 14.74 1.84 3.16
CA GLU A 50 14.26 1.95 1.80
C GLU A 50 13.01 2.84 1.77
N SER A 51 12.35 2.94 2.92
CA SER A 51 11.17 3.77 3.05
C SER A 51 11.49 5.23 2.75
N ASN A 52 12.79 5.55 2.76
CA ASN A 52 13.24 6.91 2.48
C ASN A 52 13.36 7.12 0.98
N ASN A 53 13.44 6.03 0.22
CA ASN A 53 13.55 6.10 -1.22
C ASN A 53 12.25 5.67 -1.88
N VAL A 54 11.52 6.64 -2.42
CA VAL A 54 10.26 6.36 -3.10
C VAL A 54 10.49 5.90 -4.52
N MET A 55 9.90 4.76 -4.87
CA MET A 55 10.06 4.19 -6.21
C MET A 55 8.84 4.51 -7.09
N MET A 56 9.11 5.01 -8.30
CA MET A 56 8.04 5.35 -9.24
C MET A 56 8.01 4.37 -10.41
N LEU A 57 6.84 3.83 -10.69
CA LEU A 57 6.71 2.87 -11.79
C LEU A 57 5.27 2.77 -12.29
N THR A 58 5.13 2.54 -13.60
CA THR A 58 3.82 2.35 -14.19
C THR A 58 3.54 0.85 -14.18
N HIS A 59 2.57 0.43 -13.39
CA HIS A 59 2.29 -0.99 -13.28
C HIS A 59 0.87 -1.27 -12.81
N ALA A 60 0.36 -2.44 -13.17
CA ALA A 60 -1.00 -2.85 -12.78
C ALA A 60 -0.97 -3.47 -11.39
N ILE A 61 -1.79 -2.92 -10.49
CA ILE A 61 -1.85 -3.40 -9.11
C ILE A 61 -2.86 -4.53 -8.96
N THR A 62 -2.45 -5.61 -8.31
CA THR A 62 -3.31 -6.75 -8.07
C THR A 62 -3.96 -6.66 -6.69
N ARG A 63 -5.14 -7.25 -6.54
CA ARG A 63 -5.85 -7.22 -5.27
C ARG A 63 -6.02 -8.61 -4.69
N TYR A 64 -5.36 -8.87 -3.56
CA TYR A 64 -5.45 -10.16 -2.90
C TYR A 64 -6.23 -10.04 -1.59
N GLY A 65 -7.51 -10.39 -1.65
CA GLY A 65 -8.35 -10.32 -0.46
C GLY A 65 -8.03 -11.41 0.55
N ILE A 66 -8.25 -11.12 1.82
CA ILE A 66 -7.98 -12.08 2.88
C ILE A 66 -8.74 -11.72 4.17
N SER A 67 -8.62 -10.46 4.58
CA SER A 67 -9.29 -9.99 5.79
C SER A 67 -10.80 -10.17 5.71
N THR A 68 -11.33 -10.12 4.49
CA THR A 68 -12.77 -10.25 4.28
C THR A 68 -13.08 -10.53 2.81
N ASP A 69 -14.32 -10.97 2.56
CA ASP A 69 -14.75 -11.27 1.20
C ASP A 69 -15.53 -10.10 0.60
N ASP A 70 -15.36 -8.91 1.18
CA ASP A 70 -16.05 -7.72 0.70
C ASP A 70 -15.05 -6.58 0.52
N PRO A 71 -15.17 -5.81 -0.59
CA PRO A 71 -14.28 -4.68 -0.89
C PRO A 71 -13.81 -3.94 0.36
N ASN A 72 -12.71 -4.43 0.94
CA ASN A 72 -12.16 -3.83 2.15
C ASN A 72 -10.66 -4.11 2.28
N LYS A 73 -10.11 -3.75 3.43
CA LYS A 73 -8.69 -3.93 3.72
C LYS A 73 -8.16 -5.28 3.23
N TRP A 74 -7.31 -5.23 2.22
CA TRP A 74 -6.71 -6.42 1.61
C TRP A 74 -5.27 -6.12 1.19
N ARG A 75 -4.59 -7.15 0.67
CA ARG A 75 -3.21 -7.00 0.22
C ARG A 75 -3.16 -6.80 -1.29
N TYR A 76 -2.31 -5.87 -1.74
CA TYR A 76 -2.17 -5.60 -3.16
C TYR A 76 -0.87 -6.18 -3.65
N TYR A 77 -0.72 -6.30 -4.96
CA TYR A 77 0.50 -6.89 -5.51
C TYR A 77 0.96 -6.19 -6.77
N LEU A 78 2.21 -5.74 -6.74
CA LEU A 78 2.82 -5.08 -7.88
C LEU A 78 3.68 -6.08 -8.64
N ASP A 79 3.18 -6.56 -9.77
CA ASP A 79 3.90 -7.55 -10.55
C ASP A 79 4.01 -8.86 -9.74
N SER A 80 5.22 -9.35 -9.51
CA SER A 80 5.41 -10.57 -8.74
C SER A 80 5.76 -10.25 -7.29
N VAL A 81 5.47 -9.03 -6.85
CA VAL A 81 5.77 -8.61 -5.48
C VAL A 81 4.53 -8.09 -4.77
N GLU A 82 4.53 -8.18 -3.44
CA GLU A 82 3.42 -7.71 -2.63
C GLU A 82 3.56 -6.23 -2.29
N VAL A 83 2.46 -5.49 -2.37
CA VAL A 83 2.48 -4.07 -2.09
C VAL A 83 1.22 -3.62 -1.32
N HIS A 84 1.31 -2.43 -0.75
CA HIS A 84 0.23 -1.86 0.03
C HIS A 84 -0.44 -0.70 -0.71
N LEU A 85 -1.58 -0.99 -1.34
CA LEU A 85 -2.32 0.02 -2.08
C LEU A 85 -3.58 0.41 -1.28
N PRO A 86 -3.65 1.66 -0.79
CA PRO A 86 -4.79 2.11 0.00
C PRO A 86 -6.14 1.81 -0.67
N PRO A 87 -7.12 1.37 0.12
CA PRO A 87 -8.47 1.02 -0.36
C PRO A 87 -9.14 2.12 -1.20
N PHE A 88 -8.59 3.32 -1.21
CA PHE A 88 -9.22 4.41 -1.96
C PHE A 88 -8.72 4.47 -3.41
N TRP A 89 -7.73 3.66 -3.76
CA TRP A 89 -7.21 3.66 -5.13
C TRP A 89 -7.67 2.43 -5.91
N GLU A 90 -8.33 1.49 -5.22
CA GLU A 90 -8.82 0.28 -5.87
C GLU A 90 -9.62 0.64 -7.12
N GLN A 91 -10.24 1.82 -7.10
CA GLN A 91 -11.04 2.29 -8.22
C GLN A 91 -10.19 3.15 -9.16
N TYR A 92 -9.15 3.78 -8.59
CA TYR A 92 -8.26 4.63 -9.37
C TYR A 92 -7.23 3.80 -10.14
N ILE A 93 -7.18 2.50 -9.85
CA ILE A 93 -6.23 1.61 -10.50
C ILE A 93 -6.81 0.97 -11.75
N ASN A 94 -6.20 1.28 -12.89
CA ASN A 94 -6.62 0.72 -14.18
C ASN A 94 -5.60 -0.29 -14.68
N ASP A 95 -5.71 -0.69 -15.94
CA ASP A 95 -4.78 -1.67 -16.53
C ASP A 95 -3.34 -1.29 -16.19
N GLU A 96 -2.96 -0.08 -16.54
CA GLU A 96 -1.62 0.42 -16.24
C GLU A 96 -1.73 1.72 -15.45
N ASN A 97 -1.08 1.80 -14.30
CA ASN A 97 -1.18 2.99 -13.47
C ASN A 97 0.16 3.44 -12.93
N THR A 98 0.29 4.75 -12.74
CA THR A 98 1.49 5.33 -12.20
C THR A 98 1.48 5.12 -10.70
N VAL A 99 2.35 4.24 -10.21
CA VAL A 99 2.41 3.91 -8.79
C VAL A 99 3.73 4.29 -8.16
N GLU A 100 3.66 5.13 -7.13
CA GLU A 100 4.83 5.53 -6.38
C GLU A 100 4.79 4.90 -5.00
N LEU A 101 5.74 4.02 -4.73
CA LEU A 101 5.77 3.31 -3.45
C LEU A 101 7.16 3.24 -2.85
N ILE A 102 7.21 3.20 -1.52
CA ILE A 102 8.46 3.08 -0.79
C ILE A 102 8.55 1.69 -0.18
N HIS A 103 9.69 1.03 -0.33
CA HIS A 103 9.85 -0.33 0.19
C HIS A 103 10.06 -0.34 1.69
N THR A 104 9.12 -0.98 2.39
CA THR A 104 9.19 -1.09 3.84
C THR A 104 9.95 -2.35 4.25
N ASP A 105 9.79 -2.75 5.51
CA ASP A 105 10.44 -3.96 6.01
C ASP A 105 9.72 -5.19 5.48
N SER A 106 8.49 -4.99 5.01
CA SER A 106 7.68 -6.06 4.47
C SER A 106 7.48 -5.87 2.97
N LEU A 107 6.62 -4.91 2.62
CA LEU A 107 6.34 -4.61 1.23
C LEU A 107 6.35 -3.10 1.01
N PRO A 108 6.34 -2.65 -0.25
CA PRO A 108 6.37 -1.23 -0.58
C PRO A 108 5.02 -0.55 -0.41
N LEU A 109 5.02 0.52 0.37
CA LEU A 109 3.79 1.30 0.60
C LEU A 109 3.59 2.29 -0.54
N VAL A 110 2.48 2.16 -1.25
CA VAL A 110 2.19 3.05 -2.35
C VAL A 110 1.69 4.40 -1.83
N ILE A 111 2.61 5.36 -1.77
CA ILE A 111 2.28 6.69 -1.27
C ILE A 111 1.48 7.51 -2.27
N SER A 112 1.60 7.17 -3.55
CA SER A 112 0.87 7.90 -4.58
C SER A 112 0.42 6.99 -5.72
N LEU A 113 -0.55 7.47 -6.49
CA LEU A 113 -1.09 6.73 -7.62
C LEU A 113 -1.52 7.71 -8.70
N ASN A 114 -1.64 7.23 -9.93
CA ASN A 114 -2.04 8.07 -11.05
C ASN A 114 -3.21 9.00 -10.71
N GLY A 115 -2.90 10.26 -10.41
CA GLY A 115 -3.96 11.23 -10.11
C GLY A 115 -4.50 11.15 -8.70
N HIS A 116 -3.75 10.57 -7.78
CA HIS A 116 -4.19 10.45 -6.39
C HIS A 116 -3.00 10.21 -5.47
N THR A 117 -3.13 10.61 -4.21
CA THR A 117 -2.05 10.43 -3.25
C THR A 117 -2.60 10.12 -1.86
N LEU A 118 -1.73 9.57 -1.01
CA LEU A 118 -2.09 9.26 0.37
C LEU A 118 -1.93 10.50 1.22
N GLN A 119 -0.99 11.34 0.82
CA GLN A 119 -0.70 12.57 1.53
C GLN A 119 -1.06 13.78 0.66
N GLU A 120 -2.35 14.05 0.55
CA GLU A 120 -2.83 15.17 -0.25
C GLU A 120 -3.34 16.30 0.63
N ALA A 2 11.27 -6.17 -11.25
CA ALA A 2 10.08 -5.39 -11.66
C ALA A 2 10.23 -3.92 -11.28
N PHE A 3 10.90 -3.67 -10.16
CA PHE A 3 11.12 -2.31 -9.68
C PHE A 3 12.54 -1.85 -9.98
N ALA A 4 13.18 -2.48 -10.95
CA ALA A 4 14.55 -2.13 -11.33
C ALA A 4 14.59 -0.84 -12.12
N ASP A 5 13.71 -0.74 -13.12
CA ASP A 5 13.65 0.44 -13.97
C ASP A 5 12.73 1.51 -13.38
N ALA A 6 12.25 1.28 -12.15
CA ALA A 6 11.37 2.23 -11.49
C ALA A 6 12.14 3.45 -11.01
N GLN A 7 11.60 4.64 -11.28
CA GLN A 7 12.24 5.88 -10.86
C GLN A 7 12.38 5.93 -9.34
N THR A 8 13.05 6.95 -8.84
CA THR A 8 13.25 7.09 -7.40
C THR A 8 13.26 8.56 -6.98
N ARG A 9 12.93 8.80 -5.72
CA ARG A 9 12.89 10.15 -5.17
C ARG A 9 12.82 10.10 -3.65
N LYS A 10 13.32 11.13 -2.99
CA LYS A 10 13.32 11.18 -1.54
C LYS A 10 11.97 11.62 -0.98
N LEU A 11 11.52 10.91 0.04
CA LEU A 11 10.25 11.20 0.68
C LEU A 11 10.37 12.40 1.63
N THR A 12 9.33 13.22 1.66
CA THR A 12 9.30 14.39 2.52
C THR A 12 8.82 14.03 3.92
N PRO A 13 9.21 14.80 4.94
CA PRO A 13 8.81 14.55 6.33
C PRO A 13 7.29 14.57 6.48
N GLU A 14 6.64 15.48 5.78
CA GLU A 14 5.19 15.59 5.83
C GLU A 14 4.54 14.35 5.24
N GLU A 15 5.04 13.92 4.09
CA GLU A 15 4.52 12.74 3.42
C GLU A 15 4.80 11.49 4.23
N ARG A 16 5.97 11.45 4.87
CA ARG A 16 6.36 10.31 5.69
C ARG A 16 5.50 10.25 6.96
N SER A 17 5.06 11.42 7.43
CA SER A 17 4.23 11.49 8.63
C SER A 17 2.82 10.99 8.35
N ALA A 18 2.24 11.45 7.27
CA ALA A 18 0.89 11.03 6.90
C ALA A 18 0.85 9.54 6.61
N VAL A 19 1.84 9.07 5.86
CA VAL A 19 1.94 7.66 5.53
C VAL A 19 2.00 6.83 6.80
N GLU A 20 2.99 7.12 7.63
CA GLU A 20 3.16 6.41 8.88
C GLU A 20 1.87 6.47 9.70
N ASN A 21 1.12 7.56 9.52
CA ASN A 21 -0.14 7.74 10.22
C ASN A 21 -1.22 6.86 9.58
N TYR A 22 -1.10 6.68 8.27
CA TYR A 22 -2.05 5.86 7.52
C TYR A 22 -1.82 4.37 7.80
N LEU A 23 -0.56 3.96 7.79
CA LEU A 23 -0.22 2.56 8.06
C LEU A 23 -0.47 2.22 9.53
N GLU A 24 -0.19 3.16 10.41
CA GLU A 24 -0.38 2.96 11.84
C GLU A 24 -1.86 2.80 12.16
N SER A 25 -2.67 3.72 11.65
CA SER A 25 -4.11 3.67 11.88
C SER A 25 -4.72 2.47 11.16
N LEU A 26 -4.07 2.07 10.06
CA LEU A 26 -4.53 0.94 9.27
C LEU A 26 -4.65 -0.32 10.13
N THR A 27 -3.60 -0.61 10.88
CA THR A 27 -3.58 -1.79 11.74
C THR A 27 -4.51 -1.60 12.95
N GLN A 28 -4.71 -0.35 13.35
CA GLN A 28 -5.58 -0.04 14.48
C GLN A 28 -7.04 -0.16 14.10
N VAL A 29 -7.36 0.22 12.86
CA VAL A 29 -8.72 0.16 12.36
C VAL A 29 -9.12 -1.28 12.01
N LEU A 30 -10.12 -1.80 12.71
CA LEU A 30 -10.60 -3.15 12.48
C LEU A 30 -12.12 -3.22 12.52
N GLN A 31 -12.69 -4.12 11.73
CA GLN A 31 -14.15 -4.27 11.69
C GLN A 31 -14.53 -5.68 11.25
N VAL A 32 -14.18 -6.02 10.01
CA VAL A 32 -14.49 -7.34 9.43
C VAL A 32 -15.88 -7.82 9.84
N PRO A 33 -16.90 -7.56 9.01
CA PRO A 33 -18.28 -7.97 9.28
C PRO A 33 -18.37 -9.45 9.62
N GLY A 34 -17.42 -10.24 9.10
CA GLY A 34 -17.42 -11.67 9.36
C GLY A 34 -16.02 -12.25 9.31
N PRO A 35 -15.27 -12.20 10.42
CA PRO A 35 -13.91 -12.74 10.49
C PRO A 35 -13.89 -14.26 10.69
N THR A 36 -14.96 -14.78 11.29
CA THR A 36 -15.06 -16.21 11.54
C THR A 36 -13.99 -16.67 12.52
N GLY A 37 -14.10 -16.25 13.77
CA GLY A 37 -13.13 -16.63 14.78
C GLY A 37 -11.79 -15.95 14.58
N ALA A 38 -10.81 -16.69 14.07
CA ALA A 38 -9.49 -16.15 13.83
C ALA A 38 -8.80 -16.86 12.66
N SER A 39 -9.28 -16.61 11.46
CA SER A 39 -8.71 -17.23 10.26
C SER A 39 -7.92 -16.22 9.45
N ALA A 40 -6.83 -16.68 8.85
CA ALA A 40 -5.98 -15.81 8.03
C ALA A 40 -5.37 -14.70 8.87
N ALA A 41 -4.06 -14.49 8.72
CA ALA A 41 -3.36 -13.45 9.45
C ALA A 41 -3.46 -12.10 8.75
N PRO A 42 -3.43 -11.00 9.52
CA PRO A 42 -3.53 -9.65 8.96
C PRO A 42 -2.31 -9.29 8.12
N ILE A 43 -2.31 -8.08 7.56
CA ILE A 43 -1.21 -7.63 6.72
C ILE A 43 -0.90 -6.15 6.96
N SER A 44 0.34 -5.87 7.33
CA SER A 44 0.79 -4.51 7.57
C SER A 44 2.29 -4.41 7.40
N LEU A 45 2.74 -3.39 6.68
CA LEU A 45 4.17 -3.20 6.44
C LEU A 45 4.80 -2.26 7.47
N ALA A 46 6.04 -2.58 7.86
CA ALA A 46 6.78 -1.77 8.82
C ALA A 46 7.75 -0.86 8.10
N LEU A 47 7.75 0.42 8.46
CA LEU A 47 8.62 1.40 7.81
C LEU A 47 10.09 1.11 8.09
N ASN A 48 10.90 1.23 7.05
CA ASN A 48 12.34 0.99 7.12
C ASN A 48 13.11 2.17 6.52
N ALA A 49 14.43 2.07 6.51
CA ALA A 49 15.27 3.13 5.95
C ALA A 49 14.85 3.45 4.52
N GLU A 50 14.38 2.45 3.79
CA GLU A 50 13.94 2.65 2.42
C GLU A 50 12.71 3.55 2.39
N SER A 51 12.00 3.61 3.53
CA SER A 51 10.81 4.43 3.64
C SER A 51 11.08 5.88 3.24
N ASN A 52 12.36 6.25 3.18
CA ASN A 52 12.74 7.60 2.79
C ASN A 52 12.98 7.69 1.29
N ASN A 53 13.07 6.53 0.64
CA ASN A 53 13.30 6.49 -0.80
C ASN A 53 12.08 5.94 -1.51
N VAL A 54 11.33 6.81 -2.18
CA VAL A 54 10.13 6.39 -2.90
C VAL A 54 10.49 5.88 -4.30
N MET A 55 9.76 4.86 -4.74
CA MET A 55 9.98 4.27 -6.06
C MET A 55 8.80 4.54 -6.97
N MET A 56 9.08 5.08 -8.15
CA MET A 56 8.02 5.40 -9.13
C MET A 56 8.05 4.41 -10.28
N LEU A 57 6.88 3.84 -10.59
CA LEU A 57 6.79 2.87 -11.69
C LEU A 57 5.37 2.76 -12.23
N THR A 58 5.25 2.59 -13.53
CA THR A 58 3.96 2.40 -14.16
C THR A 58 3.70 0.91 -14.17
N HIS A 59 2.71 0.46 -13.42
CA HIS A 59 2.42 -0.95 -13.32
C HIS A 59 0.99 -1.23 -12.85
N ALA A 60 0.45 -2.36 -13.27
CA ALA A 60 -0.90 -2.75 -12.90
C ALA A 60 -0.93 -3.29 -11.47
N ILE A 61 -1.97 -2.91 -10.72
CA ILE A 61 -2.10 -3.36 -9.34
C ILE A 61 -3.13 -4.48 -9.22
N THR A 62 -2.74 -5.56 -8.57
CA THR A 62 -3.62 -6.70 -8.37
C THR A 62 -4.22 -6.66 -6.96
N ARG A 63 -5.41 -7.23 -6.81
CA ARG A 63 -6.07 -7.23 -5.50
C ARG A 63 -6.27 -8.64 -4.97
N TYR A 64 -5.61 -8.94 -3.86
CA TYR A 64 -5.72 -10.26 -3.23
C TYR A 64 -6.35 -10.14 -1.85
N GLY A 65 -7.65 -10.40 -1.77
CA GLY A 65 -8.35 -10.32 -0.50
C GLY A 65 -8.05 -11.50 0.41
N ILE A 66 -7.85 -11.20 1.69
CA ILE A 66 -7.54 -12.24 2.68
C ILE A 66 -8.04 -11.88 4.07
N SER A 67 -8.86 -10.83 4.16
CA SER A 67 -9.39 -10.40 5.45
C SER A 67 -10.92 -10.47 5.47
N THR A 68 -11.52 -10.35 4.29
CA THR A 68 -12.97 -10.39 4.16
C THR A 68 -13.38 -10.61 2.71
N ASP A 69 -14.64 -11.00 2.50
CA ASP A 69 -15.14 -11.24 1.17
C ASP A 69 -15.93 -10.02 0.65
N ASP A 70 -15.62 -8.86 1.20
CA ASP A 70 -16.28 -7.62 0.79
C ASP A 70 -15.26 -6.50 0.61
N PRO A 71 -15.39 -5.71 -0.47
CA PRO A 71 -14.48 -4.61 -0.78
C PRO A 71 -13.95 -3.91 0.48
N ASN A 72 -12.86 -4.44 1.01
CA ASN A 72 -12.24 -3.87 2.21
C ASN A 72 -10.74 -4.13 2.25
N LYS A 73 -10.13 -3.82 3.39
CA LYS A 73 -8.69 -3.99 3.59
C LYS A 73 -8.20 -5.34 3.06
N TRP A 74 -7.41 -5.28 2.00
CA TRP A 74 -6.85 -6.48 1.37
C TRP A 74 -5.42 -6.22 0.91
N ARG A 75 -4.79 -7.25 0.37
CA ARG A 75 -3.41 -7.15 -0.11
C ARG A 75 -3.38 -6.90 -1.61
N TYR A 76 -2.50 -6.01 -2.05
CA TYR A 76 -2.36 -5.72 -3.46
C TYR A 76 -1.08 -6.32 -3.99
N TYR A 77 -0.95 -6.42 -5.31
CA TYR A 77 0.25 -7.01 -5.90
C TYR A 77 0.68 -6.28 -7.16
N LEU A 78 1.95 -5.89 -7.18
CA LEU A 78 2.52 -5.22 -8.34
C LEU A 78 3.49 -6.17 -9.03
N ASP A 79 3.09 -6.66 -10.20
CA ASP A 79 3.91 -7.61 -10.93
C ASP A 79 3.98 -8.92 -10.14
N SER A 80 5.19 -9.40 -9.87
CA SER A 80 5.36 -10.63 -9.10
C SER A 80 5.64 -10.33 -7.63
N VAL A 81 5.31 -9.12 -7.20
CA VAL A 81 5.54 -8.72 -5.80
C VAL A 81 4.27 -8.25 -5.12
N GLU A 82 4.24 -8.36 -3.80
CA GLU A 82 3.09 -7.94 -3.01
C GLU A 82 3.27 -6.49 -2.56
N VAL A 83 2.24 -5.68 -2.77
CA VAL A 83 2.29 -4.27 -2.39
C VAL A 83 1.04 -3.84 -1.63
N HIS A 84 1.15 -2.69 -0.97
CA HIS A 84 0.06 -2.14 -0.18
C HIS A 84 -0.58 -0.94 -0.89
N LEU A 85 -1.76 -1.17 -1.48
CA LEU A 85 -2.49 -0.12 -2.18
C LEU A 85 -3.73 0.27 -1.37
N PRO A 86 -3.77 1.51 -0.82
CA PRO A 86 -4.91 1.96 -0.02
C PRO A 86 -6.25 1.72 -0.70
N PRO A 87 -7.25 1.28 0.08
CA PRO A 87 -8.60 0.98 -0.43
C PRO A 87 -9.25 2.11 -1.22
N PHE A 88 -8.68 3.32 -1.19
CA PHE A 88 -9.28 4.44 -1.91
C PHE A 88 -8.81 4.52 -3.37
N TRP A 89 -7.82 3.71 -3.73
CA TRP A 89 -7.32 3.72 -5.10
C TRP A 89 -7.84 2.52 -5.89
N GLU A 90 -8.58 1.63 -5.23
CA GLU A 90 -9.13 0.45 -5.90
C GLU A 90 -9.86 0.86 -7.17
N GLN A 91 -10.44 2.06 -7.14
CA GLN A 91 -11.18 2.58 -8.29
C GLN A 91 -10.24 3.39 -9.19
N TYR A 92 -9.19 3.94 -8.58
CA TYR A 92 -8.21 4.74 -9.31
C TYR A 92 -7.20 3.83 -10.03
N ILE A 93 -7.26 2.53 -9.77
CA ILE A 93 -6.34 1.58 -10.39
C ILE A 93 -6.88 1.05 -11.70
N ASN A 94 -6.19 1.37 -12.79
CA ASN A 94 -6.57 0.93 -14.13
C ASN A 94 -5.64 -0.17 -14.61
N ASP A 95 -5.72 -0.51 -15.89
CA ASP A 95 -4.86 -1.55 -16.47
C ASP A 95 -3.40 -1.29 -16.10
N GLU A 96 -2.93 -0.09 -16.45
CA GLU A 96 -1.57 0.31 -16.14
C GLU A 96 -1.63 1.63 -15.37
N ASN A 97 -1.00 1.68 -14.20
CA ASN A 97 -1.06 2.89 -13.39
C ASN A 97 0.30 3.35 -12.91
N THR A 98 0.43 4.66 -12.77
CA THR A 98 1.64 5.27 -12.26
C THR A 98 1.62 5.13 -10.75
N VAL A 99 2.43 4.20 -10.24
CA VAL A 99 2.45 3.94 -8.81
C VAL A 99 3.78 4.33 -8.17
N GLU A 100 3.67 5.07 -7.07
CA GLU A 100 4.82 5.49 -6.30
C GLU A 100 4.75 4.82 -4.94
N LEU A 101 5.71 3.96 -4.66
CA LEU A 101 5.71 3.23 -3.41
C LEU A 101 7.08 3.17 -2.75
N ILE A 102 7.06 3.07 -1.42
CA ILE A 102 8.28 2.97 -0.64
C ILE A 102 8.40 1.55 -0.10
N HIS A 103 9.60 0.98 -0.12
CA HIS A 103 9.77 -0.39 0.34
C HIS A 103 10.00 -0.46 1.84
N THR A 104 9.05 -1.10 2.53
CA THR A 104 9.13 -1.24 3.98
C THR A 104 9.89 -2.51 4.36
N ASP A 105 9.70 -2.96 5.59
CA ASP A 105 10.36 -4.17 6.07
C ASP A 105 9.71 -5.42 5.47
N SER A 106 8.58 -5.22 4.79
CA SER A 106 7.86 -6.33 4.17
C SER A 106 7.61 -6.06 2.69
N LEU A 107 6.61 -5.22 2.42
CA LEU A 107 6.26 -4.88 1.05
C LEU A 107 6.29 -3.36 0.86
N PRO A 108 6.19 -2.90 -0.40
CA PRO A 108 6.22 -1.48 -0.71
C PRO A 108 4.87 -0.81 -0.52
N LEU A 109 4.87 0.23 0.30
CA LEU A 109 3.66 1.00 0.56
C LEU A 109 3.48 2.05 -0.52
N VAL A 110 2.39 1.95 -1.26
CA VAL A 110 2.10 2.89 -2.33
C VAL A 110 1.62 4.22 -1.75
N ILE A 111 2.55 5.18 -1.66
CA ILE A 111 2.24 6.49 -1.12
C ILE A 111 1.45 7.36 -2.09
N SER A 112 1.61 7.10 -3.39
CA SER A 112 0.90 7.88 -4.39
C SER A 112 0.50 7.04 -5.59
N LEU A 113 -0.46 7.54 -6.36
CA LEU A 113 -0.95 6.86 -7.55
C LEU A 113 -1.22 7.88 -8.64
N ASN A 114 -1.35 7.42 -9.87
CA ASN A 114 -1.59 8.33 -11.00
C ASN A 114 -2.78 9.27 -10.71
N GLY A 115 -2.46 10.50 -10.33
CA GLY A 115 -3.50 11.49 -10.08
C GLY A 115 -4.06 11.44 -8.66
N HIS A 116 -3.54 10.56 -7.81
CA HIS A 116 -4.03 10.45 -6.44
C HIS A 116 -2.88 10.29 -5.45
N THR A 117 -3.15 10.57 -4.19
CA THR A 117 -2.14 10.46 -3.15
C THR A 117 -2.75 9.98 -1.84
N LEU A 118 -1.90 9.38 -1.00
CA LEU A 118 -2.34 8.86 0.29
C LEU A 118 -2.83 9.96 1.20
N GLN A 119 -2.14 11.09 1.18
CA GLN A 119 -2.52 12.23 2.00
C GLN A 119 -2.73 13.47 1.15
N GLU A 120 -3.85 13.50 0.44
CA GLU A 120 -4.19 14.62 -0.42
C GLU A 120 -5.01 15.67 0.33
N ALA A 2 10.64 -5.50 -11.92
CA ALA A 2 9.51 -4.54 -12.04
C ALA A 2 9.93 -3.15 -11.55
N PHE A 3 10.85 -3.12 -10.60
CA PHE A 3 11.33 -1.85 -10.04
C PHE A 3 12.77 -1.57 -10.47
N ALA A 4 13.18 -2.18 -11.58
CA ALA A 4 14.54 -1.99 -12.09
C ALA A 4 14.70 -0.62 -12.75
N ASP A 5 13.81 -0.31 -13.68
CA ASP A 5 13.85 0.96 -14.39
C ASP A 5 12.95 1.99 -13.73
N ALA A 6 12.38 1.64 -12.58
CA ALA A 6 11.50 2.54 -11.85
C ALA A 6 12.26 3.77 -11.35
N GLN A 7 11.66 4.94 -11.50
CA GLN A 7 12.29 6.18 -11.05
C GLN A 7 12.35 6.20 -9.53
N THR A 8 13.10 7.17 -8.99
CA THR A 8 13.23 7.28 -7.55
C THR A 8 13.27 8.74 -7.10
N ARG A 9 12.94 8.95 -5.83
CA ARG A 9 12.92 10.28 -5.23
C ARG A 9 12.93 10.14 -3.71
N LYS A 10 13.43 11.14 -3.00
CA LYS A 10 13.46 11.08 -1.55
C LYS A 10 12.12 11.45 -0.94
N LEU A 11 11.72 10.69 0.07
CA LEU A 11 10.44 10.91 0.74
C LEU A 11 10.53 12.10 1.70
N THR A 12 9.57 13.02 1.57
CA THR A 12 9.53 14.20 2.43
C THR A 12 9.05 13.82 3.82
N PRO A 13 9.42 14.61 4.85
CA PRO A 13 9.02 14.36 6.23
C PRO A 13 7.51 14.37 6.39
N GLU A 14 6.85 15.32 5.73
CA GLU A 14 5.40 15.43 5.80
C GLU A 14 4.75 14.18 5.20
N GLU A 15 5.21 13.79 4.02
CA GLU A 15 4.68 12.61 3.34
C GLU A 15 4.90 11.37 4.19
N ARG A 16 6.04 11.31 4.88
CA ARG A 16 6.37 10.18 5.73
C ARG A 16 5.46 10.14 6.95
N SER A 17 5.16 11.31 7.48
CA SER A 17 4.29 11.43 8.65
C SER A 17 2.89 10.91 8.33
N ALA A 18 2.40 11.27 7.15
CA ALA A 18 1.07 10.84 6.72
C ALA A 18 1.04 9.33 6.52
N VAL A 19 2.05 8.81 5.84
CA VAL A 19 2.14 7.38 5.58
C VAL A 19 2.11 6.61 6.90
N GLU A 20 2.92 7.05 7.85
CA GLU A 20 2.98 6.41 9.16
C GLU A 20 1.63 6.53 9.86
N ASN A 21 0.95 7.65 9.61
CA ASN A 21 -0.36 7.90 10.20
C ASN A 21 -1.42 7.01 9.55
N TYR A 22 -1.23 6.75 8.26
CA TYR A 22 -2.16 5.93 7.50
C TYR A 22 -1.97 4.45 7.86
N LEU A 23 -0.71 4.01 7.86
CA LEU A 23 -0.38 2.63 8.19
C LEU A 23 -0.66 2.34 9.65
N GLU A 24 -0.33 3.29 10.51
CA GLU A 24 -0.54 3.14 11.95
C GLU A 24 -2.03 3.08 12.29
N SER A 25 -2.78 4.03 11.75
CA SER A 25 -4.22 4.08 11.97
C SER A 25 -4.90 2.89 11.28
N LEU A 26 -4.26 2.40 10.23
CA LEU A 26 -4.78 1.27 9.47
C LEU A 26 -5.05 0.08 10.37
N THR A 27 -4.02 -0.37 11.07
CA THR A 27 -4.13 -1.51 11.98
C THR A 27 -5.25 -1.29 12.98
N GLN A 28 -5.53 -0.04 13.30
CA GLN A 28 -6.58 0.29 14.26
C GLN A 28 -7.96 0.19 13.61
N VAL A 29 -8.02 0.51 12.31
CA VAL A 29 -9.28 0.46 11.57
C VAL A 29 -9.75 -0.99 11.39
N LEU A 30 -11.02 -1.14 11.06
CA LEU A 30 -11.60 -2.48 10.86
C LEU A 30 -11.58 -3.28 12.15
N GLN A 31 -12.76 -3.58 12.68
CA GLN A 31 -12.88 -4.36 13.91
C GLN A 31 -14.12 -5.24 13.88
N VAL A 32 -14.25 -6.12 14.86
CA VAL A 32 -15.39 -7.02 14.94
C VAL A 32 -15.35 -7.86 16.22
N PRO A 33 -15.33 -7.21 17.39
CA PRO A 33 -15.28 -7.90 18.68
C PRO A 33 -16.65 -8.40 19.14
N GLY A 34 -17.66 -8.20 18.29
CA GLY A 34 -19.01 -8.64 18.65
C GLY A 34 -19.24 -10.11 18.35
N PRO A 35 -19.95 -10.45 17.25
CA PRO A 35 -20.23 -11.83 16.89
C PRO A 35 -18.99 -12.56 16.38
N THR A 36 -19.15 -13.85 16.09
CA THR A 36 -18.05 -14.66 15.59
C THR A 36 -17.73 -14.31 14.15
N GLY A 37 -16.44 -14.29 13.82
CA GLY A 37 -16.02 -13.97 12.47
C GLY A 37 -14.53 -13.68 12.38
N ALA A 38 -13.73 -14.47 13.09
CA ALA A 38 -12.29 -14.29 13.07
C ALA A 38 -11.62 -15.27 12.10
N SER A 39 -11.16 -14.74 10.97
CA SER A 39 -10.51 -15.56 9.96
C SER A 39 -9.28 -14.85 9.39
N ALA A 40 -8.20 -15.60 9.20
CA ALA A 40 -6.97 -15.04 8.67
C ALA A 40 -6.41 -13.95 9.59
N ALA A 41 -5.17 -13.55 9.34
CA ALA A 41 -4.53 -12.53 10.15
C ALA A 41 -4.42 -11.21 9.38
N PRO A 42 -4.17 -10.10 10.09
CA PRO A 42 -4.05 -8.77 9.46
C PRO A 42 -2.80 -8.67 8.60
N ILE A 43 -2.52 -7.46 8.12
CA ILE A 43 -1.35 -7.23 7.28
C ILE A 43 -0.88 -5.79 7.38
N SER A 44 0.37 -5.62 7.80
CA SER A 44 0.96 -4.29 7.94
C SER A 44 2.46 -4.34 7.66
N LEU A 45 2.99 -3.30 7.04
CA LEU A 45 4.41 -3.24 6.71
C LEU A 45 5.16 -2.33 7.68
N ALA A 46 6.32 -2.80 8.14
CA ALA A 46 7.15 -2.04 9.06
C ALA A 46 8.06 -1.09 8.31
N LEU A 47 8.05 0.19 8.70
CA LEU A 47 8.86 1.20 8.04
C LEU A 47 10.36 0.94 8.25
N ASN A 48 11.13 1.16 7.20
CA ASN A 48 12.58 0.97 7.25
C ASN A 48 13.30 2.20 6.71
N ALA A 49 14.62 2.14 6.66
CA ALA A 49 15.41 3.26 6.16
C ALA A 49 15.05 3.58 4.71
N GLU A 50 14.60 2.57 3.98
CA GLU A 50 14.21 2.76 2.58
C GLU A 50 12.98 3.65 2.49
N SER A 51 12.23 3.75 3.58
CA SER A 51 11.02 4.58 3.64
C SER A 51 11.31 5.99 3.12
N ASN A 52 12.57 6.39 3.14
CA ASN A 52 12.95 7.72 2.67
C ASN A 52 13.22 7.74 1.17
N ASN A 53 12.93 6.63 0.50
CA ASN A 53 13.16 6.54 -0.94
C ASN A 53 11.91 6.05 -1.66
N VAL A 54 11.25 6.96 -2.36
CA VAL A 54 10.04 6.62 -3.10
C VAL A 54 10.39 6.09 -4.50
N MET A 55 9.75 4.98 -4.88
CA MET A 55 9.98 4.37 -6.18
C MET A 55 8.79 4.61 -7.10
N MET A 56 9.05 5.13 -8.29
CA MET A 56 8.01 5.42 -9.26
C MET A 56 8.02 4.42 -10.41
N LEU A 57 6.85 3.86 -10.73
CA LEU A 57 6.75 2.89 -11.82
C LEU A 57 5.33 2.78 -12.35
N THR A 58 5.22 2.54 -13.65
CA THR A 58 3.91 2.34 -14.27
C THR A 58 3.65 0.84 -14.25
N HIS A 59 2.67 0.41 -13.49
CA HIS A 59 2.39 -1.02 -13.36
C HIS A 59 0.95 -1.29 -12.92
N ALA A 60 0.46 -2.48 -13.25
CA ALA A 60 -0.88 -2.89 -12.88
C ALA A 60 -0.89 -3.48 -11.47
N ILE A 61 -1.74 -2.94 -10.62
CA ILE A 61 -1.83 -3.41 -9.24
C ILE A 61 -2.86 -4.54 -9.10
N THR A 62 -2.43 -5.65 -8.50
CA THR A 62 -3.31 -6.79 -8.29
C THR A 62 -3.97 -6.67 -6.92
N ARG A 63 -5.15 -7.26 -6.77
CA ARG A 63 -5.86 -7.22 -5.51
C ARG A 63 -6.15 -8.61 -4.96
N TYR A 64 -5.51 -8.93 -3.85
CA TYR A 64 -5.70 -10.23 -3.21
C TYR A 64 -6.43 -10.08 -1.88
N GLY A 65 -7.73 -10.30 -1.89
CA GLY A 65 -8.52 -10.17 -0.68
C GLY A 65 -8.39 -11.37 0.24
N ILE A 66 -8.56 -11.13 1.54
CA ILE A 66 -8.45 -12.19 2.53
C ILE A 66 -9.20 -11.83 3.81
N SER A 67 -9.10 -10.57 4.22
CA SER A 67 -9.77 -10.10 5.43
C SER A 67 -11.28 -10.22 5.31
N THR A 68 -11.79 -10.12 4.08
CA THR A 68 -13.22 -10.21 3.85
C THR A 68 -13.51 -10.47 2.38
N ASP A 69 -14.75 -10.88 2.09
CA ASP A 69 -15.17 -11.16 0.72
C ASP A 69 -15.92 -9.97 0.13
N ASP A 70 -15.72 -8.79 0.70
CA ASP A 70 -16.38 -7.58 0.23
C ASP A 70 -15.37 -6.44 0.09
N PRO A 71 -15.46 -5.63 -0.98
CA PRO A 71 -14.55 -4.51 -1.22
C PRO A 71 -14.09 -3.83 0.05
N ASN A 72 -13.01 -4.36 0.64
CA ASN A 72 -12.47 -3.82 1.87
C ASN A 72 -10.97 -4.11 2.00
N LYS A 73 -10.42 -3.83 3.19
CA LYS A 73 -9.01 -4.04 3.47
C LYS A 73 -8.51 -5.38 2.93
N TRP A 74 -7.64 -5.30 1.92
CA TRP A 74 -7.05 -6.47 1.30
C TRP A 74 -5.59 -6.20 0.93
N ARG A 75 -4.92 -7.22 0.40
CA ARG A 75 -3.52 -7.08 -0.01
C ARG A 75 -3.44 -6.84 -1.50
N TYR A 76 -2.44 -6.08 -1.93
CA TYR A 76 -2.27 -5.79 -3.34
C TYR A 76 -0.95 -6.36 -3.82
N TYR A 77 -0.78 -6.46 -5.13
CA TYR A 77 0.44 -7.03 -5.68
C TYR A 77 0.94 -6.29 -6.91
N LEU A 78 2.20 -5.87 -6.87
CA LEU A 78 2.83 -5.18 -7.97
C LEU A 78 3.70 -6.17 -8.75
N ASP A 79 3.22 -6.59 -9.90
CA ASP A 79 3.95 -7.56 -10.71
C ASP A 79 4.02 -8.90 -9.96
N SER A 80 5.22 -9.42 -9.74
CA SER A 80 5.38 -10.68 -9.03
C SER A 80 5.71 -10.43 -7.55
N VAL A 81 5.44 -9.22 -7.07
CA VAL A 81 5.73 -8.86 -5.69
C VAL A 81 4.48 -8.36 -4.97
N GLU A 82 4.45 -8.55 -3.65
CA GLU A 82 3.32 -8.10 -2.85
C GLU A 82 3.48 -6.64 -2.45
N VAL A 83 2.41 -5.87 -2.57
CA VAL A 83 2.45 -4.45 -2.24
C VAL A 83 1.21 -3.99 -1.47
N HIS A 84 1.35 -2.81 -0.86
CA HIS A 84 0.27 -2.23 -0.07
C HIS A 84 -0.38 -1.05 -0.80
N LEU A 85 -1.59 -1.27 -1.31
CA LEU A 85 -2.33 -0.24 -2.01
C LEU A 85 -3.56 0.16 -1.17
N PRO A 86 -3.59 1.40 -0.66
CA PRO A 86 -4.70 1.87 0.17
C PRO A 86 -6.07 1.60 -0.46
N PRO A 87 -7.04 1.17 0.35
CA PRO A 87 -8.41 0.85 -0.09
C PRO A 87 -9.10 1.96 -0.89
N PHE A 88 -8.55 3.16 -0.90
CA PHE A 88 -9.18 4.27 -1.63
C PHE A 88 -8.77 4.32 -3.09
N TRP A 89 -7.78 3.51 -3.47
CA TRP A 89 -7.33 3.50 -4.86
C TRP A 89 -7.87 2.28 -5.61
N GLU A 90 -8.64 1.44 -4.91
CA GLU A 90 -9.23 0.26 -5.53
C GLU A 90 -9.93 0.63 -6.83
N GLN A 91 -10.52 1.83 -6.84
CA GLN A 91 -11.23 2.33 -8.01
C GLN A 91 -10.28 3.11 -8.91
N TYR A 92 -9.21 3.64 -8.33
CA TYR A 92 -8.23 4.41 -9.08
C TYR A 92 -7.23 3.51 -9.80
N ILE A 93 -7.22 2.23 -9.46
CA ILE A 93 -6.29 1.29 -10.08
C ILE A 93 -6.82 0.79 -11.42
N ASN A 94 -6.15 1.19 -12.49
CA ASN A 94 -6.53 0.79 -13.84
C ASN A 94 -5.59 -0.28 -14.38
N ASP A 95 -5.78 -0.68 -15.64
CA ASP A 95 -4.92 -1.70 -16.25
C ASP A 95 -3.45 -1.35 -16.02
N GLU A 96 -3.08 -0.15 -16.44
CA GLU A 96 -1.72 0.35 -16.25
C GLU A 96 -1.81 1.67 -15.48
N ASN A 97 -1.09 1.77 -14.38
CA ASN A 97 -1.15 2.98 -13.57
C ASN A 97 0.21 3.45 -13.10
N THR A 98 0.30 4.76 -12.92
CA THR A 98 1.51 5.37 -12.40
C THR A 98 1.50 5.23 -10.90
N VAL A 99 2.36 4.35 -10.38
CA VAL A 99 2.40 4.10 -8.96
C VAL A 99 3.74 4.50 -8.34
N GLU A 100 3.66 5.16 -7.20
CA GLU A 100 4.83 5.58 -6.45
C GLU A 100 4.79 4.92 -5.08
N LEU A 101 5.75 4.06 -4.82
CA LEU A 101 5.79 3.33 -3.56
C LEU A 101 7.20 3.17 -3.02
N ILE A 102 7.29 3.02 -1.71
CA ILE A 102 8.56 2.80 -1.04
C ILE A 102 8.61 1.36 -0.57
N HIS A 103 9.78 0.87 -0.18
CA HIS A 103 9.89 -0.52 0.27
C HIS A 103 10.12 -0.62 1.77
N THR A 104 9.17 -1.26 2.45
CA THR A 104 9.25 -1.44 3.90
C THR A 104 10.09 -2.65 4.26
N ASP A 105 9.93 -3.15 5.48
CA ASP A 105 10.65 -4.33 5.93
C ASP A 105 9.94 -5.58 5.43
N SER A 106 8.74 -5.40 4.90
CA SER A 106 7.93 -6.49 4.38
C SER A 106 7.65 -6.29 2.89
N LEU A 107 6.78 -5.33 2.60
CA LEU A 107 6.42 -4.99 1.24
C LEU A 107 6.43 -3.48 1.04
N PRO A 108 6.40 -3.03 -0.22
CA PRO A 108 6.43 -1.61 -0.53
C PRO A 108 5.07 -0.93 -0.33
N LEU A 109 5.10 0.21 0.33
CA LEU A 109 3.88 0.99 0.58
C LEU A 109 3.66 2.00 -0.52
N VAL A 110 2.52 1.90 -1.20
CA VAL A 110 2.20 2.82 -2.29
C VAL A 110 1.70 4.14 -1.74
N ILE A 111 2.59 5.13 -1.70
CA ILE A 111 2.26 6.45 -1.18
C ILE A 111 1.46 7.30 -2.17
N SER A 112 1.56 6.99 -3.46
CA SER A 112 0.85 7.77 -4.46
C SER A 112 0.40 6.90 -5.64
N LEU A 113 -0.57 7.42 -6.39
CA LEU A 113 -1.10 6.72 -7.56
C LEU A 113 -1.49 7.74 -8.62
N ASN A 114 -1.59 7.30 -9.87
CA ASN A 114 -1.94 8.20 -10.96
C ASN A 114 -3.15 9.08 -10.61
N GLY A 115 -2.87 10.32 -10.24
CA GLY A 115 -3.95 11.26 -9.92
C GLY A 115 -4.52 11.08 -8.52
N HIS A 116 -3.74 10.50 -7.62
CA HIS A 116 -4.21 10.30 -6.25
C HIS A 116 -3.02 10.16 -5.29
N THR A 117 -3.25 10.43 -4.02
CA THR A 117 -2.21 10.33 -3.02
C THR A 117 -2.74 9.84 -1.68
N LEU A 118 -1.85 9.21 -0.90
CA LEU A 118 -2.22 8.67 0.40
C LEU A 118 -2.64 9.77 1.36
N GLN A 119 -2.01 10.93 1.23
CA GLN A 119 -2.32 12.08 2.07
C GLN A 119 -2.71 13.27 1.23
N GLU A 120 -3.92 13.24 0.69
CA GLU A 120 -4.41 14.33 -0.15
C GLU A 120 -4.94 15.48 0.71
N ALA A 2 9.86 -5.59 -12.29
CA ALA A 2 8.90 -4.46 -12.15
C ALA A 2 9.60 -3.21 -11.63
N PHE A 3 10.62 -3.40 -10.79
CA PHE A 3 11.36 -2.30 -10.22
C PHE A 3 12.77 -2.24 -10.83
N ALA A 4 12.90 -2.67 -12.08
CA ALA A 4 14.19 -2.68 -12.76
C ALA A 4 14.60 -1.27 -13.19
N ASP A 5 13.64 -0.53 -13.72
CA ASP A 5 13.90 0.83 -14.19
C ASP A 5 13.06 1.86 -13.43
N ALA A 6 12.38 1.42 -12.38
CA ALA A 6 11.54 2.31 -11.58
C ALA A 6 12.34 3.51 -11.06
N GLN A 7 11.78 4.70 -11.25
CA GLN A 7 12.43 5.93 -10.80
C GLN A 7 12.57 5.93 -9.29
N THR A 8 13.27 6.95 -8.76
CA THR A 8 13.46 7.06 -7.32
C THR A 8 13.50 8.52 -6.88
N ARG A 9 12.90 8.78 -5.72
CA ARG A 9 12.86 10.12 -5.15
C ARG A 9 12.83 10.02 -3.62
N LYS A 10 13.38 11.01 -2.94
CA LYS A 10 13.41 10.98 -1.48
C LYS A 10 12.10 11.44 -0.88
N LEU A 11 11.65 10.70 0.12
CA LEU A 11 10.40 10.97 0.82
C LEU A 11 10.54 12.17 1.75
N THR A 12 9.53 13.04 1.75
CA THR A 12 9.52 14.22 2.61
C THR A 12 9.01 13.88 4.00
N PRO A 13 9.40 14.66 5.02
CA PRO A 13 8.96 14.42 6.40
C PRO A 13 7.44 14.44 6.52
N GLU A 14 6.81 15.36 5.81
CA GLU A 14 5.35 15.47 5.83
C GLU A 14 4.72 14.22 5.23
N GLU A 15 5.26 13.78 4.09
CA GLU A 15 4.75 12.60 3.42
C GLU A 15 4.98 11.35 4.27
N ARG A 16 6.12 11.31 4.96
CA ARG A 16 6.45 10.18 5.82
C ARG A 16 5.52 10.14 7.04
N SER A 17 5.09 11.33 7.48
CA SER A 17 4.20 11.43 8.62
C SER A 17 2.79 10.93 8.29
N ALA A 18 2.27 11.37 7.16
CA ALA A 18 0.94 10.96 6.73
C ALA A 18 0.90 9.47 6.48
N VAL A 19 1.90 8.97 5.78
CA VAL A 19 2.00 7.55 5.48
C VAL A 19 1.98 6.74 6.76
N GLU A 20 2.93 7.04 7.64
CA GLU A 20 3.01 6.36 8.93
C GLU A 20 1.69 6.46 9.67
N ASN A 21 0.98 7.56 9.45
CA ASN A 21 -0.32 7.79 10.06
C ASN A 21 -1.38 6.91 9.41
N TYR A 22 -1.21 6.69 8.11
CA TYR A 22 -2.13 5.87 7.34
C TYR A 22 -1.94 4.39 7.67
N LEU A 23 -0.69 3.93 7.67
CA LEU A 23 -0.39 2.54 8.00
C LEU A 23 -0.71 2.26 9.47
N GLU A 24 -0.44 3.24 10.32
CA GLU A 24 -0.69 3.11 11.75
C GLU A 24 -2.18 2.93 12.02
N SER A 25 -2.98 3.81 11.43
CA SER A 25 -4.43 3.74 11.59
C SER A 25 -4.96 2.46 10.95
N LEU A 26 -4.25 2.01 9.93
CA LEU A 26 -4.62 0.79 9.21
C LEU A 26 -4.54 -0.43 10.13
N THR A 27 -3.63 -0.38 11.09
CA THR A 27 -3.43 -1.47 12.04
C THR A 27 -4.48 -1.45 13.14
N GLN A 28 -4.82 -0.26 13.61
CA GLN A 28 -5.82 -0.10 14.66
C GLN A 28 -7.23 -0.14 14.09
N VAL A 29 -7.38 0.31 12.85
CA VAL A 29 -8.68 0.32 12.19
C VAL A 29 -8.91 -0.97 11.41
N LEU A 30 -9.68 -1.88 11.99
CA LEU A 30 -9.97 -3.16 11.34
C LEU A 30 -11.45 -3.51 11.47
N GLN A 31 -12.01 -4.10 10.42
CA GLN A 31 -13.41 -4.48 10.41
C GLN A 31 -13.67 -5.60 11.42
N VAL A 32 -14.94 -5.91 11.62
CA VAL A 32 -15.33 -6.97 12.55
C VAL A 32 -16.37 -7.89 11.93
N PRO A 33 -15.96 -8.70 10.94
CA PRO A 33 -16.86 -9.64 10.26
C PRO A 33 -17.24 -10.82 11.15
N GLY A 34 -16.36 -11.15 12.08
CA GLY A 34 -16.62 -12.27 12.98
C GLY A 34 -16.01 -13.56 12.50
N PRO A 35 -14.67 -13.61 12.35
CA PRO A 35 -13.98 -14.82 11.89
C PRO A 35 -13.99 -15.92 12.92
N THR A 36 -14.06 -17.17 12.45
CA THR A 36 -14.08 -18.32 13.35
C THR A 36 -12.67 -18.87 13.55
N GLY A 37 -12.50 -19.68 14.60
CA GLY A 37 -11.21 -20.26 14.89
C GLY A 37 -10.26 -19.26 15.53
N ALA A 38 -9.28 -18.80 14.76
CA ALA A 38 -8.31 -17.83 15.27
C ALA A 38 -8.89 -16.43 15.30
N SER A 39 -8.08 -15.47 15.73
CA SER A 39 -8.52 -14.08 15.81
C SER A 39 -8.06 -13.29 14.59
N ALA A 40 -7.93 -13.98 13.46
CA ALA A 40 -7.49 -13.34 12.22
C ALA A 40 -6.11 -12.71 12.39
N ALA A 41 -5.46 -12.43 11.27
CA ALA A 41 -4.13 -11.83 11.29
C ALA A 41 -4.07 -10.61 10.38
N PRO A 42 -3.81 -9.42 10.94
CA PRO A 42 -3.73 -8.17 10.17
C PRO A 42 -2.56 -8.19 9.19
N ILE A 43 -2.49 -7.17 8.35
CA ILE A 43 -1.41 -7.06 7.36
C ILE A 43 -0.91 -5.63 7.24
N SER A 44 0.03 -5.27 8.10
CA SER A 44 0.60 -3.93 8.09
C SER A 44 2.10 -3.99 7.85
N LEU A 45 2.62 -3.02 7.10
CA LEU A 45 4.05 -2.99 6.81
C LEU A 45 4.77 -1.96 7.67
N ALA A 46 5.91 -2.36 8.23
CA ALA A 46 6.71 -1.48 9.08
C ALA A 46 7.67 -0.65 8.25
N LEU A 47 7.72 0.65 8.54
CA LEU A 47 8.60 1.55 7.81
C LEU A 47 10.07 1.22 8.04
N ASN A 48 10.84 1.25 6.96
CA ASN A 48 12.28 0.96 7.02
C ASN A 48 13.08 2.10 6.40
N ALA A 49 14.40 1.94 6.38
CA ALA A 49 15.27 2.96 5.81
C ALA A 49 14.87 3.29 4.38
N GLU A 50 14.31 2.30 3.67
CA GLU A 50 13.88 2.52 2.30
C GLU A 50 12.69 3.47 2.27
N SER A 51 11.99 3.55 3.41
CA SER A 51 10.83 4.43 3.53
C SER A 51 11.17 5.87 3.14
N ASN A 52 12.46 6.18 3.08
CA ASN A 52 12.90 7.52 2.72
C ASN A 52 13.13 7.62 1.21
N ASN A 53 12.97 6.50 0.51
CA ASN A 53 13.16 6.48 -0.93
C ASN A 53 11.90 5.93 -1.62
N VAL A 54 11.16 6.82 -2.26
CA VAL A 54 9.94 6.44 -2.95
C VAL A 54 10.26 5.93 -4.36
N MET A 55 9.76 4.74 -4.66
CA MET A 55 9.98 4.13 -5.97
C MET A 55 8.83 4.43 -6.92
N MET A 56 9.16 4.96 -8.09
CA MET A 56 8.15 5.30 -9.10
C MET A 56 8.15 4.29 -10.23
N LEU A 57 6.97 3.76 -10.55
CA LEU A 57 6.87 2.78 -11.62
C LEU A 57 5.46 2.69 -12.19
N THR A 58 5.36 2.49 -13.49
CA THR A 58 4.07 2.31 -14.13
C THR A 58 3.76 0.82 -14.12
N HIS A 59 2.75 0.44 -13.37
CA HIS A 59 2.43 -0.98 -13.25
C HIS A 59 0.98 -1.20 -12.79
N ALA A 60 0.45 -2.37 -13.14
CA ALA A 60 -0.91 -2.74 -12.78
C ALA A 60 -0.94 -3.30 -11.36
N ILE A 61 -1.75 -2.69 -10.51
CA ILE A 61 -1.86 -3.14 -9.13
C ILE A 61 -2.93 -4.22 -8.98
N THR A 62 -2.52 -5.38 -8.50
CA THR A 62 -3.44 -6.50 -8.31
C THR A 62 -4.08 -6.43 -6.92
N ARG A 63 -5.28 -6.99 -6.80
CA ARG A 63 -5.99 -6.99 -5.54
C ARG A 63 -6.22 -8.41 -5.04
N TYR A 64 -5.62 -8.74 -3.92
CA TYR A 64 -5.76 -10.08 -3.34
C TYR A 64 -6.48 -10.02 -2.00
N GLY A 65 -7.77 -10.30 -2.02
CA GLY A 65 -8.55 -10.29 -0.80
C GLY A 65 -8.26 -11.48 0.09
N ILE A 66 -7.84 -11.21 1.32
CA ILE A 66 -7.52 -12.27 2.27
C ILE A 66 -8.22 -12.06 3.60
N SER A 67 -8.34 -10.81 4.02
CA SER A 67 -8.99 -10.48 5.28
C SER A 67 -10.49 -10.78 5.24
N THR A 68 -11.09 -10.61 4.08
CA THR A 68 -12.52 -10.85 3.91
C THR A 68 -12.90 -10.97 2.43
N ASP A 69 -14.11 -11.46 2.18
CA ASP A 69 -14.59 -11.62 0.81
C ASP A 69 -15.48 -10.44 0.39
N ASP A 70 -15.42 -9.36 1.17
CA ASP A 70 -16.21 -8.17 0.87
C ASP A 70 -15.29 -6.96 0.65
N PRO A 71 -15.52 -6.18 -0.42
CA PRO A 71 -14.71 -5.00 -0.73
C PRO A 71 -14.21 -4.25 0.49
N ASN A 72 -13.05 -4.67 1.00
CA ASN A 72 -12.45 -4.04 2.16
C ASN A 72 -10.95 -4.26 2.21
N LYS A 73 -10.35 -3.95 3.37
CA LYS A 73 -8.91 -4.09 3.57
C LYS A 73 -8.38 -5.39 3.01
N TRP A 74 -7.56 -5.28 1.96
CA TRP A 74 -6.97 -6.44 1.30
C TRP A 74 -5.52 -6.18 0.92
N ARG A 75 -4.87 -7.20 0.37
CA ARG A 75 -3.48 -7.10 -0.04
C ARG A 75 -3.38 -6.82 -1.53
N TYR A 76 -2.48 -5.92 -1.91
CA TYR A 76 -2.29 -5.59 -3.32
C TYR A 76 -1.01 -6.23 -3.82
N TYR A 77 -0.86 -6.31 -5.14
CA TYR A 77 0.32 -6.93 -5.70
C TYR A 77 0.84 -6.20 -6.93
N LEU A 78 2.12 -5.84 -6.89
CA LEU A 78 2.78 -5.17 -7.99
C LEU A 78 3.62 -6.18 -8.76
N ASP A 79 3.13 -6.61 -9.91
CA ASP A 79 3.84 -7.60 -10.71
C ASP A 79 3.90 -8.93 -9.96
N SER A 80 5.09 -9.46 -9.72
CA SER A 80 5.23 -10.71 -8.99
C SER A 80 5.55 -10.46 -7.52
N VAL A 81 5.28 -9.24 -7.06
CA VAL A 81 5.56 -8.87 -5.67
C VAL A 81 4.30 -8.38 -4.97
N GLU A 82 4.27 -8.52 -3.65
CA GLU A 82 3.13 -8.08 -2.86
C GLU A 82 3.34 -6.65 -2.38
N VAL A 83 2.31 -5.82 -2.55
CA VAL A 83 2.40 -4.42 -2.15
C VAL A 83 1.13 -3.96 -1.42
N HIS A 84 1.23 -2.78 -0.82
CA HIS A 84 0.12 -2.20 -0.06
C HIS A 84 -0.50 -1.04 -0.81
N LEU A 85 -1.79 -1.14 -1.09
CA LEU A 85 -2.51 -0.08 -1.78
C LEU A 85 -3.74 0.34 -0.98
N PRO A 86 -3.83 1.62 -0.62
CA PRO A 86 -4.97 2.11 0.16
C PRO A 86 -6.29 1.83 -0.53
N PRO A 87 -7.30 1.39 0.24
CA PRO A 87 -8.63 1.05 -0.28
C PRO A 87 -9.29 2.16 -1.10
N PHE A 88 -8.73 3.36 -1.08
CA PHE A 88 -9.32 4.48 -1.83
C PHE A 88 -8.83 4.51 -3.27
N TRP A 89 -7.84 3.69 -3.61
CA TRP A 89 -7.32 3.68 -4.97
C TRP A 89 -7.87 2.49 -5.76
N GLU A 90 -8.66 1.64 -5.12
CA GLU A 90 -9.25 0.48 -5.79
C GLU A 90 -9.89 0.88 -7.11
N GLN A 91 -10.49 2.07 -7.11
CA GLN A 91 -11.15 2.60 -8.30
C GLN A 91 -10.17 3.38 -9.16
N TYR A 92 -9.12 3.89 -8.53
CA TYR A 92 -8.11 4.67 -9.25
C TYR A 92 -7.11 3.77 -9.97
N ILE A 93 -7.05 2.51 -9.57
CA ILE A 93 -6.11 1.57 -10.18
C ILE A 93 -6.65 1.03 -11.51
N ASN A 94 -5.99 1.42 -12.59
CA ASN A 94 -6.39 0.98 -13.93
C ASN A 94 -5.43 -0.10 -14.44
N ASP A 95 -5.61 -0.51 -15.69
CA ASP A 95 -4.74 -1.54 -16.30
C ASP A 95 -3.27 -1.19 -16.06
N GLU A 96 -2.89 0.01 -16.49
CA GLU A 96 -1.54 0.49 -16.30
C GLU A 96 -1.61 1.81 -15.54
N ASN A 97 -0.88 1.91 -14.43
CA ASN A 97 -0.94 3.13 -13.63
C ASN A 97 0.40 3.53 -13.06
N THR A 98 0.54 4.83 -12.84
CA THR A 98 1.74 5.38 -12.25
C THR A 98 1.66 5.19 -10.74
N VAL A 99 2.50 4.30 -10.22
CA VAL A 99 2.48 3.99 -8.80
C VAL A 99 3.80 4.32 -8.12
N GLU A 100 3.71 5.09 -7.04
CA GLU A 100 4.88 5.45 -6.26
C GLU A 100 4.80 4.78 -4.90
N LEU A 101 5.74 3.87 -4.63
CA LEU A 101 5.72 3.14 -3.37
C LEU A 101 7.10 3.06 -2.73
N ILE A 102 7.12 3.01 -1.41
CA ILE A 102 8.36 2.88 -0.64
C ILE A 102 8.43 1.48 -0.05
N HIS A 103 9.59 0.84 -0.16
CA HIS A 103 9.74 -0.52 0.34
C HIS A 103 9.89 -0.55 1.86
N THR A 104 8.92 -1.18 2.52
CA THR A 104 8.92 -1.30 3.97
C THR A 104 9.72 -2.52 4.41
N ASP A 105 9.54 -2.93 5.65
CA ASP A 105 10.24 -4.10 6.17
C ASP A 105 9.57 -5.37 5.66
N SER A 106 8.41 -5.19 5.03
CA SER A 106 7.65 -6.30 4.47
C SER A 106 7.46 -6.11 2.97
N LEU A 107 6.59 -5.17 2.62
CA LEU A 107 6.30 -4.87 1.22
C LEU A 107 6.28 -3.35 1.01
N PRO A 108 6.31 -2.90 -0.25
CA PRO A 108 6.31 -1.48 -0.58
C PRO A 108 4.94 -0.84 -0.44
N LEU A 109 4.90 0.27 0.30
CA LEU A 109 3.66 1.01 0.52
C LEU A 109 3.47 2.03 -0.59
N VAL A 110 2.37 1.90 -1.32
CA VAL A 110 2.09 2.84 -2.41
C VAL A 110 1.62 4.17 -1.85
N ILE A 111 2.55 5.13 -1.79
CA ILE A 111 2.26 6.46 -1.25
C ILE A 111 1.50 7.33 -2.24
N SER A 112 1.63 7.04 -3.53
CA SER A 112 0.94 7.83 -4.54
C SER A 112 0.46 6.97 -5.71
N LEU A 113 -0.49 7.51 -6.47
CA LEU A 113 -1.04 6.83 -7.63
C LEU A 113 -1.41 7.82 -8.71
N ASN A 114 -1.47 7.37 -9.96
CA ASN A 114 -1.80 8.27 -11.07
C ASN A 114 -3.01 9.16 -10.76
N GLY A 115 -2.73 10.42 -10.41
CA GLY A 115 -3.78 11.37 -10.14
C GLY A 115 -4.38 11.24 -8.74
N HIS A 116 -3.64 10.68 -7.80
CA HIS A 116 -4.12 10.52 -6.43
C HIS A 116 -2.96 10.39 -5.47
N THR A 117 -3.21 10.66 -4.20
CA THR A 117 -2.18 10.58 -3.18
C THR A 117 -2.75 10.08 -1.85
N LEU A 118 -1.89 9.45 -1.07
CA LEU A 118 -2.28 8.92 0.23
C LEU A 118 -2.72 10.04 1.18
N GLN A 119 -2.03 11.17 1.11
CA GLN A 119 -2.35 12.31 1.95
C GLN A 119 -2.61 13.54 1.09
N GLU A 120 -3.78 13.57 0.48
CA GLU A 120 -4.17 14.70 -0.37
C GLU A 120 -4.90 15.76 0.43
N ALA A 2 10.46 -5.81 -10.82
CA ALA A 2 9.48 -4.89 -11.45
C ALA A 2 9.76 -3.44 -11.08
N PHE A 3 10.97 -3.18 -10.61
CA PHE A 3 11.36 -1.83 -10.21
C PHE A 3 12.77 -1.51 -10.71
N ALA A 4 13.14 -2.08 -11.85
CA ALA A 4 14.45 -1.86 -12.43
C ALA A 4 14.56 -0.48 -13.07
N ASP A 5 13.61 -0.19 -13.96
CA ASP A 5 13.60 1.10 -14.65
C ASP A 5 12.73 2.11 -13.89
N ALA A 6 12.28 1.73 -12.71
CA ALA A 6 11.44 2.61 -11.88
C ALA A 6 12.26 3.77 -11.33
N GLN A 7 11.71 4.98 -11.46
CA GLN A 7 12.40 6.17 -10.96
C GLN A 7 12.44 6.15 -9.44
N THR A 8 13.15 7.10 -8.83
CA THR A 8 13.26 7.14 -7.38
C THR A 8 13.51 8.57 -6.88
N ARG A 9 13.17 8.80 -5.62
CA ARG A 9 13.36 10.09 -4.99
C ARG A 9 13.17 9.97 -3.47
N LYS A 10 13.61 10.97 -2.74
CA LYS A 10 13.48 10.94 -1.28
C LYS A 10 12.09 11.36 -0.83
N LEU A 11 11.56 10.63 0.15
CA LEU A 11 10.24 10.91 0.70
C LEU A 11 10.29 12.05 1.71
N THR A 12 9.30 12.93 1.66
CA THR A 12 9.24 14.07 2.57
C THR A 12 8.74 13.64 3.95
N PRO A 13 9.10 14.40 5.00
CA PRO A 13 8.67 14.09 6.37
C PRO A 13 7.16 14.07 6.49
N GLU A 14 6.49 15.01 5.82
CA GLU A 14 5.05 15.09 5.83
C GLU A 14 4.45 13.86 5.16
N GLU A 15 5.10 13.39 4.10
CA GLU A 15 4.64 12.21 3.38
C GLU A 15 4.81 10.96 4.23
N ARG A 16 5.97 10.85 4.86
CA ARG A 16 6.27 9.69 5.71
C ARG A 16 5.46 9.74 6.99
N SER A 17 5.12 10.95 7.44
CA SER A 17 4.35 11.13 8.66
C SER A 17 2.92 10.64 8.46
N ALA A 18 2.25 11.17 7.45
CA ALA A 18 0.88 10.78 7.15
C ALA A 18 0.80 9.30 6.84
N VAL A 19 1.70 8.84 5.97
CA VAL A 19 1.73 7.44 5.60
C VAL A 19 1.80 6.58 6.86
N GLU A 20 2.77 6.88 7.70
CA GLU A 20 2.95 6.15 8.95
C GLU A 20 1.65 6.17 9.77
N ASN A 21 0.93 7.27 9.69
CA ASN A 21 -0.34 7.42 10.40
C ASN A 21 -1.43 6.61 9.70
N TYR A 22 -1.29 6.51 8.38
CA TYR A 22 -2.24 5.78 7.56
C TYR A 22 -2.09 4.27 7.79
N LEU A 23 -0.84 3.81 7.86
CA LEU A 23 -0.57 2.41 8.11
C LEU A 23 -0.90 2.04 9.54
N GLU A 24 -0.65 2.97 10.46
CA GLU A 24 -0.93 2.74 11.88
C GLU A 24 -2.42 2.54 12.10
N SER A 25 -3.22 3.44 11.55
CA SER A 25 -4.67 3.35 11.67
C SER A 25 -5.16 2.10 10.96
N LEU A 26 -4.50 1.78 9.85
CA LEU A 26 -4.84 0.60 9.07
C LEU A 26 -4.79 -0.66 9.92
N THR A 27 -3.91 -0.66 10.91
CA THR A 27 -3.75 -1.80 11.80
C THR A 27 -4.85 -1.84 12.86
N GLN A 28 -5.07 -0.72 13.52
CA GLN A 28 -6.10 -0.63 14.56
C GLN A 28 -7.49 -0.83 13.97
N VAL A 29 -7.66 -0.44 12.71
CA VAL A 29 -8.95 -0.58 12.03
C VAL A 29 -9.15 -1.99 11.53
N LEU A 30 -9.73 -2.84 12.37
CA LEU A 30 -9.99 -4.23 12.01
C LEU A 30 -11.47 -4.57 12.17
N GLN A 31 -11.80 -5.84 11.93
CA GLN A 31 -13.19 -6.29 12.05
C GLN A 31 -13.48 -6.77 13.46
N VAL A 32 -12.52 -7.50 14.05
CA VAL A 32 -12.65 -8.03 15.40
C VAL A 32 -14.06 -8.58 15.66
N PRO A 33 -14.32 -9.83 15.27
CA PRO A 33 -15.63 -10.47 15.48
C PRO A 33 -16.03 -10.50 16.94
N GLY A 34 -15.41 -11.39 17.70
CA GLY A 34 -15.71 -11.51 19.11
C GLY A 34 -15.65 -12.95 19.61
N PRO A 35 -16.67 -13.77 19.30
CA PRO A 35 -16.71 -15.17 19.72
C PRO A 35 -15.66 -16.02 19.00
N THR A 36 -15.58 -17.29 19.38
CA THR A 36 -14.63 -18.21 18.78
C THR A 36 -15.08 -18.62 17.38
N GLY A 37 -14.13 -18.78 16.47
CA GLY A 37 -14.45 -19.18 15.12
C GLY A 37 -13.38 -18.78 14.13
N ALA A 38 -13.80 -18.24 12.98
CA ALA A 38 -12.87 -17.81 11.94
C ALA A 38 -11.97 -16.70 12.45
N SER A 39 -10.91 -16.41 11.70
CA SER A 39 -9.97 -15.37 12.08
C SER A 39 -8.93 -15.15 10.98
N ALA A 40 -8.31 -13.97 10.99
CA ALA A 40 -7.29 -13.63 10.00
C ALA A 40 -6.13 -12.90 10.64
N ALA A 41 -5.16 -12.51 9.81
CA ALA A 41 -3.98 -11.79 10.30
C ALA A 41 -3.84 -10.44 9.61
N PRO A 42 -3.48 -9.39 10.36
CA PRO A 42 -3.31 -8.04 9.80
C PRO A 42 -2.02 -7.91 8.99
N ILE A 43 -2.05 -7.02 8.00
CA ILE A 43 -0.89 -6.80 7.14
C ILE A 43 -0.52 -5.32 7.07
N SER A 44 0.31 -4.88 8.02
CA SER A 44 0.74 -3.50 8.07
C SER A 44 2.26 -3.40 7.87
N LEU A 45 2.66 -2.76 6.79
CA LEU A 45 4.09 -2.61 6.49
C LEU A 45 4.82 -1.84 7.59
N ALA A 46 6.00 -2.32 7.96
CA ALA A 46 6.80 -1.68 8.99
C ALA A 46 7.79 -0.71 8.36
N LEU A 47 7.99 0.44 8.99
CA LEU A 47 8.90 1.45 8.47
C LEU A 47 10.35 0.96 8.47
N ASN A 48 11.05 1.23 7.37
CA ASN A 48 12.45 0.84 7.23
C ASN A 48 13.23 1.95 6.53
N ALA A 49 14.51 1.69 6.30
CA ALA A 49 15.37 2.68 5.64
C ALA A 49 14.95 2.92 4.19
N GLU A 50 14.34 1.91 3.57
CA GLU A 50 13.89 2.04 2.19
C GLU A 50 12.55 2.78 2.15
N SER A 51 11.85 2.79 3.28
CA SER A 51 10.56 3.47 3.38
C SER A 51 10.70 4.96 3.05
N ASN A 52 11.94 5.45 3.05
CA ASN A 52 12.20 6.85 2.73
C ASN A 52 12.39 7.04 1.23
N ASN A 53 13.06 6.08 0.59
CA ASN A 53 13.32 6.14 -0.84
C ASN A 53 12.07 5.72 -1.62
N VAL A 54 11.41 6.70 -2.24
CA VAL A 54 10.20 6.43 -3.02
C VAL A 54 10.54 5.92 -4.41
N MET A 55 9.82 4.89 -4.84
CA MET A 55 10.03 4.29 -6.15
C MET A 55 8.83 4.54 -7.05
N MET A 56 9.08 5.07 -8.25
CA MET A 56 8.01 5.36 -9.20
C MET A 56 8.02 4.38 -10.36
N LEU A 57 6.87 3.81 -10.68
CA LEU A 57 6.77 2.84 -11.77
C LEU A 57 5.35 2.74 -12.32
N THR A 58 5.25 2.45 -13.61
CA THR A 58 3.95 2.25 -14.23
C THR A 58 3.66 0.76 -14.19
N HIS A 59 2.65 0.37 -13.42
CA HIS A 59 2.35 -1.04 -13.27
C HIS A 59 0.92 -1.27 -12.78
N ALA A 60 0.37 -2.44 -13.11
CA ALA A 60 -0.98 -2.80 -12.70
C ALA A 60 -0.97 -3.40 -11.30
N ILE A 61 -1.78 -2.83 -10.42
CA ILE A 61 -1.85 -3.31 -9.04
C ILE A 61 -2.89 -4.42 -8.90
N THR A 62 -2.45 -5.55 -8.36
CA THR A 62 -3.35 -6.69 -8.16
C THR A 62 -4.01 -6.60 -6.79
N ARG A 63 -5.20 -7.17 -6.66
CA ARG A 63 -5.93 -7.13 -5.41
C ARG A 63 -6.13 -8.53 -4.84
N TYR A 64 -5.46 -8.81 -3.72
CA TYR A 64 -5.58 -10.11 -3.07
C TYR A 64 -6.27 -9.98 -1.71
N GLY A 65 -7.58 -10.26 -1.69
CA GLY A 65 -8.33 -10.17 -0.46
C GLY A 65 -8.09 -11.35 0.45
N ILE A 66 -7.61 -11.09 1.67
CA ILE A 66 -7.34 -12.14 2.63
C ILE A 66 -7.83 -11.76 4.03
N SER A 67 -8.64 -10.71 4.11
CA SER A 67 -9.16 -10.25 5.39
C SER A 67 -10.68 -10.41 5.46
N THR A 68 -11.32 -10.38 4.29
CA THR A 68 -12.77 -10.52 4.20
C THR A 68 -13.20 -10.78 2.77
N ASP A 69 -14.46 -11.19 2.59
CA ASP A 69 -14.99 -11.46 1.26
C ASP A 69 -15.81 -10.29 0.73
N ASP A 70 -15.58 -9.11 1.30
CA ASP A 70 -16.30 -7.92 0.89
C ASP A 70 -15.34 -6.75 0.69
N PRO A 71 -15.50 -5.97 -0.39
CA PRO A 71 -14.64 -4.82 -0.70
C PRO A 71 -14.15 -4.09 0.54
N ASN A 72 -13.04 -4.57 1.09
CA ASN A 72 -12.46 -3.96 2.29
C ASN A 72 -10.95 -4.14 2.33
N LYS A 73 -10.35 -3.75 3.45
CA LYS A 73 -8.90 -3.85 3.65
C LYS A 73 -8.36 -5.18 3.14
N TRP A 74 -7.56 -5.11 2.09
CA TRP A 74 -6.95 -6.29 1.48
C TRP A 74 -5.51 -5.99 1.05
N ARG A 75 -4.83 -7.02 0.54
CA ARG A 75 -3.44 -6.87 0.10
C ARG A 75 -3.37 -6.67 -1.41
N TYR A 76 -2.42 -5.85 -1.85
CA TYR A 76 -2.26 -5.60 -3.27
C TYR A 76 -0.94 -6.18 -3.74
N TYR A 77 -0.78 -6.32 -5.04
CA TYR A 77 0.45 -6.90 -5.58
C TYR A 77 0.94 -6.20 -6.83
N LEU A 78 2.20 -5.79 -6.80
CA LEU A 78 2.84 -5.13 -7.93
C LEU A 78 3.69 -6.13 -8.68
N ASP A 79 3.18 -6.62 -9.81
CA ASP A 79 3.91 -7.60 -10.60
C ASP A 79 3.99 -8.92 -9.80
N SER A 80 5.21 -9.42 -9.55
CA SER A 80 5.37 -10.65 -8.79
C SER A 80 5.70 -10.35 -7.33
N VAL A 81 5.47 -9.11 -6.91
CA VAL A 81 5.75 -8.71 -5.53
C VAL A 81 4.50 -8.19 -4.84
N GLU A 82 4.48 -8.28 -3.51
CA GLU A 82 3.34 -7.82 -2.72
C GLU A 82 3.51 -6.35 -2.35
N VAL A 83 2.43 -5.59 -2.45
CA VAL A 83 2.46 -4.17 -2.11
C VAL A 83 1.18 -3.72 -1.41
N HIS A 84 1.26 -2.54 -0.80
CA HIS A 84 0.14 -1.97 -0.08
C HIS A 84 -0.49 -0.80 -0.85
N LEU A 85 -1.73 -1.00 -1.28
CA LEU A 85 -2.46 0.03 -2.01
C LEU A 85 -3.72 0.41 -1.24
N PRO A 86 -3.83 1.68 -0.80
CA PRO A 86 -4.99 2.14 -0.02
C PRO A 86 -6.32 1.84 -0.71
N PRO A 87 -7.33 1.40 0.07
CA PRO A 87 -8.66 1.06 -0.46
C PRO A 87 -9.32 2.17 -1.27
N PHE A 88 -8.76 3.38 -1.23
CA PHE A 88 -9.35 4.49 -1.97
C PHE A 88 -8.86 4.54 -3.41
N TRP A 89 -7.88 3.72 -3.75
CA TRP A 89 -7.36 3.72 -5.12
C TRP A 89 -7.84 2.49 -5.90
N GLU A 90 -8.60 1.61 -5.24
CA GLU A 90 -9.13 0.43 -5.90
C GLU A 90 -9.85 0.81 -7.18
N GLN A 91 -10.49 1.97 -7.16
CA GLN A 91 -11.20 2.48 -8.34
C GLN A 91 -10.25 3.27 -9.23
N TYR A 92 -9.20 3.82 -8.64
CA TYR A 92 -8.22 4.60 -9.38
C TYR A 92 -7.20 3.70 -10.07
N ILE A 93 -7.21 2.42 -9.75
CA ILE A 93 -6.26 1.47 -10.34
C ILE A 93 -6.80 0.89 -11.65
N ASN A 94 -6.16 1.27 -12.75
CA ASN A 94 -6.56 0.79 -14.07
C ASN A 94 -5.60 -0.30 -14.56
N ASP A 95 -5.74 -0.68 -15.83
CA ASP A 95 -4.86 -1.70 -16.42
C ASP A 95 -3.40 -1.37 -16.13
N GLU A 96 -3.01 -0.17 -16.54
CA GLU A 96 -1.65 0.31 -16.30
C GLU A 96 -1.74 1.63 -15.55
N ASN A 97 -1.06 1.74 -14.41
CA ASN A 97 -1.14 2.96 -13.62
C ASN A 97 0.21 3.42 -13.11
N THR A 98 0.33 4.73 -12.98
CA THR A 98 1.54 5.35 -12.46
C THR A 98 1.51 5.21 -10.95
N VAL A 99 2.39 4.36 -10.43
CA VAL A 99 2.42 4.10 -8.99
C VAL A 99 3.75 4.47 -8.35
N GLU A 100 3.66 5.13 -7.21
CA GLU A 100 4.83 5.53 -6.45
C GLU A 100 4.75 4.89 -5.07
N LEU A 101 5.72 4.02 -4.76
CA LEU A 101 5.71 3.32 -3.48
C LEU A 101 7.09 3.29 -2.84
N ILE A 102 7.09 3.27 -1.50
CA ILE A 102 8.32 3.19 -0.74
C ILE A 102 8.42 1.82 -0.11
N HIS A 103 9.57 1.16 -0.20
CA HIS A 103 9.74 -0.18 0.32
C HIS A 103 9.90 -0.17 1.84
N THR A 104 8.95 -0.81 2.52
CA THR A 104 8.97 -0.88 3.98
C THR A 104 9.74 -2.12 4.42
N ASP A 105 9.55 -2.51 5.68
CA ASP A 105 10.21 -3.69 6.22
C ASP A 105 9.60 -4.95 5.62
N SER A 106 8.35 -4.82 5.15
CA SER A 106 7.63 -5.93 4.55
C SER A 106 7.49 -5.74 3.04
N LEU A 107 6.59 -4.85 2.66
CA LEU A 107 6.34 -4.56 1.25
C LEU A 107 6.31 -3.05 1.01
N PRO A 108 6.33 -2.63 -0.25
CA PRO A 108 6.32 -1.21 -0.62
C PRO A 108 4.94 -0.57 -0.47
N LEU A 109 4.90 0.52 0.28
CA LEU A 109 3.65 1.25 0.49
C LEU A 109 3.45 2.26 -0.63
N VAL A 110 2.37 2.11 -1.37
CA VAL A 110 2.07 3.01 -2.47
C VAL A 110 1.61 4.36 -1.95
N ILE A 111 2.53 5.33 -1.93
CA ILE A 111 2.23 6.67 -1.44
C ILE A 111 1.42 7.49 -2.44
N SER A 112 1.52 7.13 -3.72
CA SER A 112 0.80 7.86 -4.75
C SER A 112 0.35 6.96 -5.89
N LEU A 113 -0.61 7.46 -6.66
CA LEU A 113 -1.16 6.75 -7.80
C LEU A 113 -1.53 7.76 -8.89
N ASN A 114 -1.62 7.31 -10.13
CA ASN A 114 -1.96 8.20 -11.24
C ASN A 114 -3.17 9.10 -10.92
N GLY A 115 -2.88 10.35 -10.55
CA GLY A 115 -3.94 11.31 -10.26
C GLY A 115 -4.50 11.18 -8.85
N HIS A 116 -3.74 10.60 -7.94
CA HIS A 116 -4.18 10.44 -6.55
C HIS A 116 -2.99 10.23 -5.63
N THR A 117 -3.14 10.61 -4.37
CA THR A 117 -2.07 10.44 -3.40
C THR A 117 -2.61 10.12 -2.01
N LEU A 118 -1.72 9.70 -1.12
CA LEU A 118 -2.09 9.37 0.24
C LEU A 118 -1.92 10.61 1.10
N GLN A 119 -1.01 11.47 0.68
CA GLN A 119 -0.72 12.70 1.37
C GLN A 119 -1.08 13.90 0.51
N GLU A 120 -2.37 14.17 0.39
CA GLU A 120 -2.87 15.28 -0.41
C GLU A 120 -3.46 16.38 0.47
N ALA A 2 10.57 -5.05 -12.29
CA ALA A 2 9.44 -4.10 -12.12
C ALA A 2 9.90 -2.79 -11.47
N PHE A 3 10.89 -2.90 -10.61
CA PHE A 3 11.43 -1.73 -9.92
C PHE A 3 12.88 -1.46 -10.33
N ALA A 4 13.31 -2.08 -11.43
CA ALA A 4 14.67 -1.90 -11.92
C ALA A 4 14.83 -0.55 -12.60
N ASP A 5 13.96 -0.27 -13.55
CA ASP A 5 14.00 1.00 -14.29
C ASP A 5 13.05 2.03 -13.67
N ALA A 6 12.44 1.68 -12.54
CA ALA A 6 11.52 2.58 -11.86
C ALA A 6 12.24 3.80 -11.29
N GLN A 7 11.67 4.97 -11.48
CA GLN A 7 12.26 6.20 -10.99
C GLN A 7 12.40 6.17 -9.47
N THR A 8 13.16 7.10 -8.91
CA THR A 8 13.36 7.14 -7.48
C THR A 8 13.59 8.56 -6.97
N ARG A 9 13.22 8.80 -5.72
CA ARG A 9 13.37 10.10 -5.09
C ARG A 9 13.20 9.97 -3.58
N LYS A 10 13.61 10.99 -2.83
CA LYS A 10 13.50 10.94 -1.38
C LYS A 10 12.11 11.33 -0.91
N LEU A 11 11.63 10.60 0.10
CA LEU A 11 10.31 10.82 0.67
C LEU A 11 10.31 12.06 1.58
N THR A 12 9.22 12.82 1.53
CA THR A 12 9.09 14.02 2.35
C THR A 12 8.64 13.65 3.76
N PRO A 13 8.97 14.49 4.75
CA PRO A 13 8.59 14.25 6.14
C PRO A 13 7.08 14.18 6.31
N GLU A 14 6.36 14.97 5.52
CA GLU A 14 4.90 14.99 5.58
C GLU A 14 4.33 13.71 4.98
N GLU A 15 4.96 13.22 3.91
CA GLU A 15 4.51 12.01 3.26
C GLU A 15 4.78 10.79 4.13
N ARG A 16 5.90 10.82 4.85
CA ARG A 16 6.28 9.72 5.73
C ARG A 16 5.37 9.68 6.95
N SER A 17 5.07 10.86 7.49
CA SER A 17 4.21 10.96 8.66
C SER A 17 2.78 10.50 8.33
N ALA A 18 2.31 10.87 7.14
CA ALA A 18 0.98 10.51 6.72
C ALA A 18 0.88 9.00 6.49
N VAL A 19 1.88 8.45 5.82
CA VAL A 19 1.91 7.02 5.55
C VAL A 19 1.86 6.23 6.85
N GLU A 20 2.64 6.67 7.84
CA GLU A 20 2.67 6.01 9.13
C GLU A 20 1.33 6.16 9.84
N ASN A 21 0.69 7.31 9.63
CA ASN A 21 -0.62 7.57 10.24
C ASN A 21 -1.70 6.75 9.56
N TYR A 22 -1.54 6.57 8.25
CA TYR A 22 -2.47 5.80 7.45
C TYR A 22 -2.33 4.31 7.75
N LEU A 23 -1.10 3.82 7.77
CA LEU A 23 -0.83 2.42 8.07
C LEU A 23 -1.16 2.11 9.52
N GLU A 24 -0.91 3.09 10.39
CA GLU A 24 -1.17 2.92 11.81
C GLU A 24 -2.66 2.75 12.07
N SER A 25 -3.45 3.65 11.49
CA SER A 25 -4.90 3.60 11.65
C SER A 25 -5.44 2.34 10.97
N LEU A 26 -4.77 1.92 9.90
CA LEU A 26 -5.16 0.74 9.16
C LEU A 26 -5.22 -0.50 10.05
N THR A 27 -4.29 -0.57 10.98
CA THR A 27 -4.22 -1.70 11.91
C THR A 27 -5.21 -1.54 13.06
N GLN A 28 -5.07 -0.45 13.79
CA GLN A 28 -5.95 -0.18 14.93
C GLN A 28 -7.42 -0.13 14.50
N VAL A 29 -7.67 0.30 13.28
CA VAL A 29 -9.03 0.39 12.77
C VAL A 29 -9.42 -0.90 12.04
N LEU A 30 -10.20 -1.74 12.71
CA LEU A 30 -10.66 -3.00 12.14
C LEU A 30 -12.08 -2.86 11.59
N GLN A 31 -12.24 -3.09 10.29
CA GLN A 31 -13.55 -2.98 9.66
C GLN A 31 -14.32 -4.29 9.77
N VAL A 32 -14.05 -5.22 8.85
CA VAL A 32 -14.72 -6.53 8.84
C VAL A 32 -16.21 -6.40 9.15
N PRO A 33 -16.94 -5.60 8.34
CA PRO A 33 -18.38 -5.40 8.52
C PRO A 33 -19.22 -6.47 7.84
N GLY A 34 -18.88 -7.73 8.08
CA GLY A 34 -19.62 -8.83 7.48
C GLY A 34 -19.66 -10.06 8.37
N PRO A 35 -18.64 -10.94 8.26
CA PRO A 35 -18.56 -12.17 9.06
C PRO A 35 -18.68 -11.90 10.56
N THR A 36 -18.38 -10.66 10.97
CA THR A 36 -18.46 -10.27 12.37
C THR A 36 -17.47 -11.09 13.20
N GLY A 37 -16.39 -10.45 13.63
CA GLY A 37 -15.39 -11.13 14.43
C GLY A 37 -13.99 -10.95 13.87
N ALA A 38 -13.00 -11.48 14.59
CA ALA A 38 -11.61 -11.38 14.16
C ALA A 38 -11.17 -12.64 13.41
N SER A 39 -11.36 -12.63 12.09
CA SER A 39 -10.99 -13.77 11.26
C SER A 39 -9.55 -13.64 10.78
N ALA A 40 -9.35 -12.80 9.77
CA ALA A 40 -8.02 -12.58 9.21
C ALA A 40 -7.53 -11.17 9.50
N ALA A 41 -6.30 -11.06 10.01
CA ALA A 41 -5.72 -9.76 10.34
C ALA A 41 -5.35 -9.01 9.07
N PRO A 42 -5.28 -7.67 9.15
CA PRO A 42 -4.94 -6.82 8.00
C PRO A 42 -3.47 -6.95 7.60
N ILE A 43 -3.06 -6.14 6.63
CA ILE A 43 -1.68 -6.17 6.16
C ILE A 43 -0.97 -4.86 6.47
N SER A 44 -0.04 -4.91 7.42
CA SER A 44 0.71 -3.73 7.82
C SER A 44 2.20 -3.92 7.55
N LEU A 45 2.86 -2.83 7.15
CA LEU A 45 4.28 -2.87 6.85
C LEU A 45 5.08 -1.97 7.79
N ALA A 46 6.27 -2.44 8.19
CA ALA A 46 7.14 -1.68 9.08
C ALA A 46 8.06 -0.76 8.29
N LEU A 47 8.13 0.49 8.70
CA LEU A 47 8.97 1.47 8.01
C LEU A 47 10.45 1.14 8.14
N ASN A 48 11.14 1.13 7.00
CA ASN A 48 12.57 0.83 6.96
C ASN A 48 13.33 1.99 6.31
N ALA A 49 14.65 1.81 6.19
CA ALA A 49 15.48 2.85 5.59
C ALA A 49 15.07 3.13 4.14
N GLU A 50 14.59 2.11 3.45
CA GLU A 50 14.16 2.27 2.07
C GLU A 50 12.88 3.11 2.03
N SER A 51 12.17 3.15 3.16
CA SER A 51 10.95 3.93 3.26
C SER A 51 11.22 5.41 2.96
N ASN A 52 12.49 5.80 2.99
CA ASN A 52 12.86 7.18 2.71
C ASN A 52 13.11 7.36 1.21
N ASN A 53 13.21 6.25 0.48
CA ASN A 53 13.44 6.31 -0.94
C ASN A 53 12.22 5.79 -1.70
N VAL A 54 11.48 6.72 -2.30
CA VAL A 54 10.28 6.37 -3.06
C VAL A 54 10.63 5.87 -4.46
N MET A 55 9.89 4.86 -4.91
CA MET A 55 10.10 4.29 -6.23
C MET A 55 8.88 4.54 -7.12
N MET A 56 9.12 5.10 -8.31
CA MET A 56 8.05 5.40 -9.25
C MET A 56 8.03 4.41 -10.41
N LEU A 57 6.88 3.83 -10.68
CA LEU A 57 6.76 2.86 -11.77
C LEU A 57 5.34 2.75 -12.30
N THR A 58 5.22 2.55 -13.60
CA THR A 58 3.92 2.37 -14.22
C THR A 58 3.65 0.87 -14.23
N HIS A 59 2.66 0.44 -13.46
CA HIS A 59 2.37 -0.98 -13.35
C HIS A 59 0.95 -1.25 -12.89
N ALA A 60 0.43 -2.42 -13.26
CA ALA A 60 -0.92 -2.82 -12.87
C ALA A 60 -0.92 -3.34 -11.44
N ILE A 61 -1.81 -2.82 -10.61
CA ILE A 61 -1.90 -3.23 -9.22
C ILE A 61 -2.93 -4.34 -9.02
N THR A 62 -2.48 -5.46 -8.46
CA THR A 62 -3.37 -6.58 -8.20
C THR A 62 -3.97 -6.46 -6.80
N ARG A 63 -5.15 -7.03 -6.60
CA ARG A 63 -5.81 -6.97 -5.31
C ARG A 63 -6.09 -8.35 -4.75
N TYR A 64 -5.39 -8.70 -3.67
CA TYR A 64 -5.57 -9.98 -3.03
C TYR A 64 -6.25 -9.79 -1.67
N GLY A 65 -7.56 -10.01 -1.64
CA GLY A 65 -8.30 -9.84 -0.40
C GLY A 65 -8.41 -11.12 0.40
N ILE A 66 -8.36 -10.98 1.71
CA ILE A 66 -8.46 -12.14 2.60
C ILE A 66 -9.17 -11.79 3.89
N SER A 67 -8.83 -10.65 4.48
CA SER A 67 -9.43 -10.21 5.73
C SER A 67 -10.95 -10.33 5.67
N THR A 68 -11.51 -10.20 4.47
CA THR A 68 -12.95 -10.28 4.28
C THR A 68 -13.29 -10.46 2.80
N ASP A 69 -14.54 -10.82 2.53
CA ASP A 69 -15.01 -11.01 1.17
C ASP A 69 -15.78 -9.80 0.68
N ASP A 70 -15.59 -8.65 1.33
CA ASP A 70 -16.26 -7.42 0.95
C ASP A 70 -15.24 -6.31 0.73
N PRO A 71 -15.41 -5.50 -0.34
CA PRO A 71 -14.50 -4.40 -0.67
C PRO A 71 -13.96 -3.66 0.54
N ASN A 72 -12.85 -4.16 1.08
CA ASN A 72 -12.22 -3.53 2.23
C ASN A 72 -10.74 -3.92 2.35
N LYS A 73 -10.15 -3.59 3.51
CA LYS A 73 -8.74 -3.85 3.78
C LYS A 73 -8.29 -5.21 3.22
N TRP A 74 -7.45 -5.14 2.19
CA TRP A 74 -6.91 -6.32 1.52
C TRP A 74 -5.47 -6.05 1.11
N ARG A 75 -4.80 -7.05 0.52
CA ARG A 75 -3.42 -6.89 0.08
C ARG A 75 -3.36 -6.59 -1.40
N TYR A 76 -2.30 -5.91 -1.83
CA TYR A 76 -2.13 -5.58 -3.23
C TYR A 76 -0.84 -6.19 -3.76
N TYR A 77 -0.70 -6.27 -5.07
CA TYR A 77 0.48 -6.87 -5.65
C TYR A 77 0.96 -6.13 -6.90
N LEU A 78 2.24 -5.83 -6.93
CA LEU A 78 2.86 -5.15 -8.05
C LEU A 78 3.71 -6.15 -8.82
N ASP A 79 3.21 -6.59 -9.98
CA ASP A 79 3.92 -7.57 -10.78
C ASP A 79 4.00 -8.90 -10.01
N SER A 80 5.21 -9.42 -9.80
CA SER A 80 5.38 -10.67 -9.07
C SER A 80 5.72 -10.42 -7.61
N VAL A 81 5.45 -9.19 -7.14
CA VAL A 81 5.74 -8.82 -5.76
C VAL A 81 4.50 -8.32 -5.03
N GLU A 82 4.51 -8.45 -3.71
CA GLU A 82 3.38 -8.02 -2.88
C GLU A 82 3.59 -6.57 -2.42
N VAL A 83 2.54 -5.77 -2.54
CA VAL A 83 2.61 -4.37 -2.13
C VAL A 83 1.36 -3.93 -1.38
N HIS A 84 1.45 -2.73 -0.81
CA HIS A 84 0.34 -2.17 -0.04
C HIS A 84 -0.32 -1.01 -0.79
N LEU A 85 -1.58 -1.20 -1.17
CA LEU A 85 -2.32 -0.16 -1.85
C LEU A 85 -3.54 0.24 -1.03
N PRO A 86 -3.66 1.53 -0.68
CA PRO A 86 -4.80 2.02 0.11
C PRO A 86 -6.14 1.71 -0.54
N PRO A 87 -7.10 1.23 0.26
CA PRO A 87 -8.45 0.87 -0.22
C PRO A 87 -9.14 1.95 -1.06
N PHE A 88 -8.61 3.16 -1.09
CA PHE A 88 -9.23 4.24 -1.85
C PHE A 88 -8.74 4.28 -3.30
N TRP A 89 -7.73 3.49 -3.63
CA TRP A 89 -7.21 3.48 -4.99
C TRP A 89 -7.70 2.26 -5.77
N GLU A 90 -8.40 1.35 -5.10
CA GLU A 90 -8.91 0.15 -5.75
C GLU A 90 -9.67 0.52 -7.03
N GLN A 91 -10.23 1.72 -7.04
CA GLN A 91 -10.97 2.21 -8.19
C GLN A 91 -10.09 3.06 -9.10
N TYR A 92 -9.06 3.67 -8.51
CA TYR A 92 -8.14 4.51 -9.26
C TYR A 92 -7.10 3.67 -10.01
N ILE A 93 -7.07 2.38 -9.72
CA ILE A 93 -6.09 1.48 -10.37
C ILE A 93 -6.67 0.84 -11.63
N ASN A 94 -6.13 1.22 -12.77
CA ASN A 94 -6.56 0.68 -14.06
C ASN A 94 -5.54 -0.34 -14.57
N ASP A 95 -5.69 -0.75 -15.84
CA ASP A 95 -4.77 -1.72 -16.43
C ASP A 95 -3.32 -1.33 -16.14
N GLU A 96 -2.96 -0.12 -16.54
CA GLU A 96 -1.62 0.41 -16.30
C GLU A 96 -1.72 1.70 -15.51
N ASN A 97 -1.03 1.80 -14.38
CA ASN A 97 -1.12 2.98 -13.55
C ASN A 97 0.24 3.45 -13.05
N THR A 98 0.35 4.75 -12.84
CA THR A 98 1.56 5.33 -12.30
C THR A 98 1.54 5.18 -10.79
N VAL A 99 2.40 4.31 -10.28
CA VAL A 99 2.44 4.04 -8.85
C VAL A 99 3.78 4.40 -8.23
N GLU A 100 3.71 5.10 -7.10
CA GLU A 100 4.89 5.49 -6.36
C GLU A 100 4.84 4.85 -4.98
N LEU A 101 5.78 3.97 -4.71
CA LEU A 101 5.81 3.26 -3.43
C LEU A 101 7.19 3.25 -2.79
N ILE A 102 7.21 3.15 -1.47
CA ILE A 102 8.44 3.08 -0.71
C ILE A 102 8.56 1.69 -0.11
N HIS A 103 9.73 1.08 -0.23
CA HIS A 103 9.92 -0.28 0.27
C HIS A 103 10.09 -0.33 1.79
N THR A 104 9.14 -0.99 2.45
CA THR A 104 9.15 -1.12 3.90
C THR A 104 9.96 -2.35 4.32
N ASP A 105 9.74 -2.81 5.55
CA ASP A 105 10.43 -3.99 6.06
C ASP A 105 9.76 -5.25 5.51
N SER A 106 8.56 -5.08 4.98
CA SER A 106 7.78 -6.18 4.41
C SER A 106 7.62 -5.99 2.91
N LEU A 107 6.79 -5.03 2.54
CA LEU A 107 6.54 -4.72 1.14
C LEU A 107 6.50 -3.21 0.93
N PRO A 108 6.50 -2.76 -0.34
CA PRO A 108 6.48 -1.34 -0.67
C PRO A 108 5.11 -0.71 -0.51
N LEU A 109 5.07 0.38 0.26
CA LEU A 109 3.83 1.11 0.49
C LEU A 109 3.61 2.12 -0.64
N VAL A 110 2.51 1.97 -1.34
CA VAL A 110 2.19 2.88 -2.44
C VAL A 110 1.69 4.22 -1.90
N ILE A 111 2.61 5.17 -1.79
CA ILE A 111 2.29 6.50 -1.25
C ILE A 111 1.52 7.36 -2.24
N SER A 112 1.64 7.05 -3.53
CA SER A 112 0.94 7.83 -4.55
C SER A 112 0.45 6.94 -5.70
N LEU A 113 -0.52 7.45 -6.45
CA LEU A 113 -1.07 6.72 -7.59
C LEU A 113 -1.50 7.70 -8.67
N ASN A 114 -1.60 7.21 -9.90
CA ASN A 114 -1.98 8.05 -11.03
C ASN A 114 -3.16 8.97 -10.70
N GLY A 115 -2.86 10.24 -10.40
CA GLY A 115 -3.92 11.21 -10.12
C GLY A 115 -4.48 11.12 -8.71
N HIS A 116 -3.72 10.57 -7.78
CA HIS A 116 -4.18 10.46 -6.39
C HIS A 116 -3.02 10.34 -5.44
N THR A 117 -3.27 10.57 -4.16
CA THR A 117 -2.23 10.49 -3.15
C THR A 117 -2.78 9.96 -1.83
N LEU A 118 -1.90 9.33 -1.05
CA LEU A 118 -2.29 8.77 0.24
C LEU A 118 -2.70 9.86 1.22
N GLN A 119 -1.99 10.97 1.19
CA GLN A 119 -2.29 12.08 2.07
C GLN A 119 -2.54 13.36 1.26
N GLU A 120 -3.71 13.42 0.65
CA GLU A 120 -4.09 14.57 -0.16
C GLU A 120 -4.72 15.67 0.70
N ALA A 2 10.42 -5.60 -11.94
CA ALA A 2 9.28 -4.65 -11.91
C ALA A 2 9.73 -3.28 -11.42
N PHE A 3 10.74 -3.26 -10.55
CA PHE A 3 11.26 -2.01 -10.01
C PHE A 3 12.69 -1.77 -10.47
N ALA A 4 13.06 -2.38 -11.59
CA ALA A 4 14.41 -2.23 -12.13
C ALA A 4 14.58 -0.87 -12.79
N ASP A 5 13.56 -0.45 -13.53
CA ASP A 5 13.59 0.84 -14.22
C ASP A 5 12.70 1.87 -13.52
N ALA A 6 12.17 1.50 -12.36
CA ALA A 6 11.31 2.40 -11.60
C ALA A 6 12.08 3.60 -11.08
N GLN A 7 11.51 4.79 -11.29
CA GLN A 7 12.15 6.02 -10.84
C GLN A 7 12.33 6.03 -9.33
N THR A 8 13.07 7.00 -8.82
CA THR A 8 13.31 7.09 -7.38
C THR A 8 13.40 8.54 -6.93
N ARG A 9 13.18 8.77 -5.64
CA ARG A 9 13.24 10.10 -5.07
C ARG A 9 13.13 10.02 -3.55
N LYS A 10 13.59 11.05 -2.85
CA LYS A 10 13.53 11.08 -1.41
C LYS A 10 12.16 11.51 -0.91
N LEU A 11 11.69 10.84 0.13
CA LEU A 11 10.39 11.13 0.73
C LEU A 11 10.47 12.31 1.69
N THR A 12 9.54 13.24 1.55
CA THR A 12 9.50 14.42 2.42
C THR A 12 9.01 14.05 3.81
N PRO A 13 9.39 14.82 4.83
CA PRO A 13 8.96 14.57 6.21
C PRO A 13 7.45 14.61 6.36
N GLU A 14 6.81 15.49 5.59
CA GLU A 14 5.36 15.61 5.63
C GLU A 14 4.70 14.37 5.04
N GLU A 15 5.24 13.91 3.91
CA GLU A 15 4.71 12.73 3.24
C GLU A 15 4.99 11.48 4.07
N ARG A 16 6.16 11.45 4.69
CA ARG A 16 6.55 10.32 5.52
C ARG A 16 5.69 10.25 6.78
N SER A 17 5.30 11.42 7.29
CA SER A 17 4.48 11.51 8.48
C SER A 17 3.05 11.05 8.20
N ALA A 18 2.51 11.47 7.06
CA ALA A 18 1.16 11.09 6.68
C ALA A 18 1.08 9.59 6.45
N VAL A 19 2.07 9.05 5.75
CA VAL A 19 2.13 7.63 5.48
C VAL A 19 2.12 6.85 6.79
N GLU A 20 3.09 7.13 7.64
CA GLU A 20 3.19 6.48 8.94
C GLU A 20 1.88 6.62 9.69
N ASN A 21 1.19 7.74 9.47
CA ASN A 21 -0.09 8.00 10.11
C ASN A 21 -1.17 7.12 9.48
N TYR A 22 -1.04 6.88 8.19
CA TYR A 22 -1.98 6.06 7.45
C TYR A 22 -1.81 4.59 7.80
N LEU A 23 -0.57 4.10 7.79
CA LEU A 23 -0.29 2.71 8.11
C LEU A 23 -0.58 2.44 9.59
N GLU A 24 -0.19 3.37 10.45
CA GLU A 24 -0.40 3.24 11.88
C GLU A 24 -1.88 3.20 12.21
N SER A 25 -2.63 4.14 11.66
CA SER A 25 -4.07 4.20 11.88
C SER A 25 -4.76 3.01 11.23
N LEU A 26 -4.14 2.49 10.17
CA LEU A 26 -4.67 1.36 9.44
C LEU A 26 -4.83 0.14 10.35
N THR A 27 -3.75 -0.21 11.03
CA THR A 27 -3.74 -1.35 11.94
C THR A 27 -4.93 -1.28 12.90
N GLN A 28 -5.39 -0.07 13.19
CA GLN A 28 -6.52 0.13 14.09
C GLN A 28 -7.84 -0.09 13.36
N VAL A 29 -7.87 0.26 12.08
CA VAL A 29 -9.07 0.10 11.27
C VAL A 29 -9.23 -1.34 10.79
N LEU A 30 -10.14 -2.07 11.41
CA LEU A 30 -10.37 -3.46 11.04
C LEU A 30 -11.87 -3.73 10.89
N GLN A 31 -12.21 -4.85 10.24
CA GLN A 31 -13.59 -5.22 10.02
C GLN A 31 -13.95 -6.46 10.82
N VAL A 32 -12.98 -7.36 10.99
CA VAL A 32 -13.20 -8.59 11.74
C VAL A 32 -11.87 -9.22 12.17
N PRO A 33 -11.24 -8.66 13.22
CA PRO A 33 -9.97 -9.18 13.72
C PRO A 33 -10.11 -10.54 14.40
N GLY A 34 -9.07 -10.95 15.11
CA GLY A 34 -9.10 -12.23 15.79
C GLY A 34 -7.83 -12.50 16.59
N PRO A 35 -7.52 -11.65 17.58
CA PRO A 35 -6.33 -11.82 18.42
C PRO A 35 -6.22 -13.22 19.01
N THR A 36 -4.99 -13.68 19.21
CA THR A 36 -4.75 -15.01 19.77
C THR A 36 -5.29 -16.10 18.86
N GLY A 37 -4.42 -17.04 18.48
CA GLY A 37 -4.83 -18.12 17.61
C GLY A 37 -4.00 -18.19 16.33
N ALA A 38 -2.98 -17.34 16.23
CA ALA A 38 -2.12 -17.33 15.05
C ALA A 38 -2.93 -17.04 13.79
N SER A 39 -3.01 -15.76 13.42
CA SER A 39 -3.75 -15.36 12.23
C SER A 39 -3.09 -14.16 11.56
N ALA A 40 -2.93 -14.24 10.24
CA ALA A 40 -2.31 -13.17 9.48
C ALA A 40 -3.36 -12.32 8.76
N ALA A 41 -4.44 -12.00 9.46
CA ALA A 41 -5.51 -11.21 8.90
C ALA A 41 -5.08 -9.76 8.69
N PRO A 42 -4.73 -9.05 9.77
CA PRO A 42 -4.29 -7.65 9.69
C PRO A 42 -2.97 -7.49 8.94
N ILE A 43 -3.00 -6.73 7.86
CA ILE A 43 -1.80 -6.50 7.05
C ILE A 43 -1.22 -5.11 7.33
N SER A 44 0.06 -5.07 7.68
CA SER A 44 0.74 -3.82 7.97
C SER A 44 2.24 -3.94 7.73
N LEU A 45 2.82 -2.95 7.07
CA LEU A 45 4.25 -2.96 6.77
C LEU A 45 5.03 -2.12 7.78
N ALA A 46 6.23 -2.60 8.12
CA ALA A 46 7.09 -1.89 9.07
C ALA A 46 8.00 -0.93 8.33
N LEU A 47 8.05 0.32 8.78
CA LEU A 47 8.87 1.33 8.12
C LEU A 47 10.36 1.02 8.26
N ASN A 48 11.03 0.90 7.13
CA ASN A 48 12.46 0.61 7.10
C ASN A 48 13.23 1.79 6.50
N ALA A 49 14.55 1.64 6.38
CA ALA A 49 15.39 2.69 5.83
C ALA A 49 14.98 3.03 4.40
N GLU A 50 14.54 2.03 3.65
CA GLU A 50 14.11 2.25 2.28
C GLU A 50 12.83 3.07 2.25
N SER A 51 12.11 3.07 3.37
CA SER A 51 10.87 3.82 3.50
C SER A 51 11.06 5.30 3.17
N ASN A 52 12.32 5.74 3.15
CA ASN A 52 12.63 7.13 2.85
C ASN A 52 12.79 7.32 1.35
N ASN A 53 13.28 6.29 0.67
CA ASN A 53 13.48 6.34 -0.77
C ASN A 53 12.24 5.84 -1.50
N VAL A 54 11.50 6.77 -2.10
CA VAL A 54 10.30 6.43 -2.83
C VAL A 54 10.63 5.95 -4.24
N MET A 55 9.94 4.91 -4.68
CA MET A 55 10.15 4.34 -6.01
C MET A 55 8.91 4.55 -6.88
N MET A 56 9.13 5.12 -8.07
CA MET A 56 8.02 5.40 -8.99
C MET A 56 8.03 4.41 -10.15
N LEU A 57 6.86 3.87 -10.49
CA LEU A 57 6.76 2.92 -11.59
C LEU A 57 5.35 2.83 -12.14
N THR A 58 5.25 2.65 -13.45
CA THR A 58 3.96 2.47 -14.09
C THR A 58 3.66 0.98 -14.10
N HIS A 59 2.65 0.58 -13.35
CA HIS A 59 2.33 -0.84 -13.25
C HIS A 59 0.90 -1.07 -12.79
N ALA A 60 0.34 -2.22 -13.18
CA ALA A 60 -1.01 -2.58 -12.79
C ALA A 60 -1.01 -3.25 -11.42
N ILE A 61 -1.83 -2.73 -10.51
CA ILE A 61 -1.90 -3.27 -9.16
C ILE A 61 -2.92 -4.40 -9.06
N THR A 62 -2.51 -5.51 -8.45
CA THR A 62 -3.39 -6.66 -8.28
C THR A 62 -4.05 -6.61 -6.90
N ARG A 63 -5.24 -7.20 -6.79
CA ARG A 63 -5.96 -7.21 -5.53
C ARG A 63 -6.13 -8.63 -4.99
N TYR A 64 -5.49 -8.90 -3.86
CA TYR A 64 -5.57 -10.21 -3.23
C TYR A 64 -6.32 -10.12 -1.92
N GLY A 65 -7.61 -10.45 -1.95
CA GLY A 65 -8.43 -10.39 -0.75
C GLY A 65 -8.27 -11.62 0.11
N ILE A 66 -7.85 -11.43 1.36
CA ILE A 66 -7.67 -12.53 2.28
C ILE A 66 -8.23 -12.21 3.67
N SER A 67 -9.03 -11.16 3.75
CA SER A 67 -9.63 -10.76 5.03
C SER A 67 -11.15 -10.85 4.98
N THR A 68 -11.71 -10.72 3.78
CA THR A 68 -13.15 -10.78 3.58
C THR A 68 -13.49 -10.92 2.11
N ASP A 69 -14.73 -11.30 1.82
CA ASP A 69 -15.17 -11.48 0.44
C ASP A 69 -15.93 -10.25 -0.05
N ASP A 70 -15.68 -9.11 0.57
CA ASP A 70 -16.32 -7.86 0.18
C ASP A 70 -15.29 -6.74 0.10
N PRO A 71 -15.36 -5.92 -0.97
CA PRO A 71 -14.43 -4.80 -1.18
C PRO A 71 -13.99 -4.14 0.12
N ASN A 72 -12.93 -4.66 0.71
CA ASN A 72 -12.41 -4.13 1.96
C ASN A 72 -10.90 -4.39 2.10
N LYS A 73 -10.37 -4.07 3.28
CA LYS A 73 -8.94 -4.24 3.57
C LYS A 73 -8.41 -5.57 3.04
N TRP A 74 -7.55 -5.47 2.02
CA TRP A 74 -6.94 -6.64 1.38
C TRP A 74 -5.50 -6.33 1.00
N ARG A 75 -4.81 -7.33 0.47
CA ARG A 75 -3.42 -7.16 0.06
C ARG A 75 -3.34 -6.91 -1.44
N TYR A 76 -2.39 -6.07 -1.86
CA TYR A 76 -2.24 -5.76 -3.28
C TYR A 76 -0.94 -6.33 -3.79
N TYR A 77 -0.81 -6.41 -5.10
CA TYR A 77 0.40 -6.99 -5.68
C TYR A 77 0.87 -6.24 -6.92
N LEU A 78 2.13 -5.84 -6.89
CA LEU A 78 2.75 -5.13 -8.01
C LEU A 78 3.60 -6.12 -8.79
N ASP A 79 3.11 -6.54 -9.95
CA ASP A 79 3.82 -7.51 -10.76
C ASP A 79 3.89 -8.85 -10.02
N SER A 80 5.09 -9.38 -9.79
CA SER A 80 5.25 -10.64 -9.08
C SER A 80 5.58 -10.40 -7.61
N VAL A 81 5.30 -9.19 -7.13
CA VAL A 81 5.59 -8.84 -5.74
C VAL A 81 4.35 -8.34 -5.01
N GLU A 82 4.34 -8.48 -3.69
CA GLU A 82 3.21 -8.06 -2.88
C GLU A 82 3.43 -6.62 -2.39
N VAL A 83 2.41 -5.79 -2.51
CA VAL A 83 2.50 -4.41 -2.09
C VAL A 83 1.24 -3.93 -1.35
N HIS A 84 1.35 -2.75 -0.76
CA HIS A 84 0.25 -2.15 -0.01
C HIS A 84 -0.39 -0.98 -0.76
N LEU A 85 -1.62 -1.18 -1.19
CA LEU A 85 -2.36 -0.15 -1.92
C LEU A 85 -3.61 0.24 -1.12
N PRO A 86 -3.67 1.48 -0.61
CA PRO A 86 -4.81 1.94 0.18
C PRO A 86 -6.15 1.66 -0.48
N PRO A 87 -7.14 1.23 0.32
CA PRO A 87 -8.49 0.89 -0.16
C PRO A 87 -9.17 2.00 -0.98
N PHE A 88 -8.61 3.21 -0.96
CA PHE A 88 -9.22 4.31 -1.70
C PHE A 88 -8.76 4.35 -3.16
N TRP A 89 -7.77 3.54 -3.52
CA TRP A 89 -7.28 3.52 -4.89
C TRP A 89 -7.79 2.29 -5.65
N GLU A 90 -8.43 1.37 -4.93
CA GLU A 90 -8.97 0.16 -5.55
C GLU A 90 -9.81 0.52 -6.77
N GLN A 91 -10.44 1.68 -6.71
CA GLN A 91 -11.28 2.16 -7.81
C GLN A 91 -10.46 2.99 -8.78
N TYR A 92 -9.39 3.60 -8.27
CA TYR A 92 -8.52 4.43 -9.08
C TYR A 92 -7.56 3.58 -9.92
N ILE A 93 -7.39 2.32 -9.52
CA ILE A 93 -6.48 1.42 -10.25
C ILE A 93 -7.08 0.97 -11.58
N ASN A 94 -6.33 1.19 -12.65
CA ASN A 94 -6.75 0.82 -13.99
C ASN A 94 -5.82 -0.24 -14.58
N ASP A 95 -5.96 -0.49 -15.89
CA ASP A 95 -5.11 -1.46 -16.57
C ASP A 95 -3.64 -1.22 -16.22
N GLU A 96 -3.20 0.02 -16.38
CA GLU A 96 -1.84 0.40 -16.06
C GLU A 96 -1.87 1.69 -15.23
N ASN A 97 -1.23 1.64 -14.07
CA ASN A 97 -1.22 2.80 -13.19
C ASN A 97 0.19 3.34 -12.95
N THR A 98 0.22 4.58 -12.48
CA THR A 98 1.45 5.24 -12.12
C THR A 98 1.53 5.19 -10.60
N VAL A 99 2.42 4.34 -10.08
CA VAL A 99 2.51 4.17 -8.65
C VAL A 99 3.86 4.55 -8.06
N GLU A 100 3.80 5.21 -6.92
CA GLU A 100 4.98 5.60 -6.17
C GLU A 100 4.93 4.94 -4.82
N LEU A 101 5.86 4.03 -4.57
CA LEU A 101 5.87 3.29 -3.32
C LEU A 101 7.25 3.25 -2.67
N ILE A 102 7.24 3.14 -1.35
CA ILE A 102 8.48 3.04 -0.58
C ILE A 102 8.57 1.64 0.00
N HIS A 103 9.72 1.01 -0.11
CA HIS A 103 9.89 -0.36 0.38
C HIS A 103 10.03 -0.40 1.89
N THR A 104 9.06 -1.06 2.54
CA THR A 104 9.06 -1.18 3.98
C THR A 104 9.89 -2.39 4.41
N ASP A 105 9.67 -2.86 5.64
CA ASP A 105 10.37 -4.03 6.15
C ASP A 105 9.77 -5.30 5.59
N SER A 106 8.60 -5.15 4.96
CA SER A 106 7.90 -6.28 4.37
C SER A 106 7.70 -6.05 2.87
N LEU A 107 6.79 -5.14 2.55
CA LEU A 107 6.49 -4.80 1.16
C LEU A 107 6.45 -3.30 0.97
N PRO A 108 6.48 -2.82 -0.28
CA PRO A 108 6.46 -1.40 -0.59
C PRO A 108 5.08 -0.77 -0.41
N LEU A 109 5.04 0.34 0.32
CA LEU A 109 3.81 1.07 0.56
C LEU A 109 3.58 2.09 -0.55
N VAL A 110 2.49 1.94 -1.27
CA VAL A 110 2.17 2.86 -2.36
C VAL A 110 1.69 4.20 -1.80
N ILE A 111 2.60 5.17 -1.78
CA ILE A 111 2.30 6.50 -1.26
C ILE A 111 1.49 7.33 -2.25
N SER A 112 1.60 7.04 -3.53
CA SER A 112 0.85 7.80 -4.54
C SER A 112 0.39 6.93 -5.70
N LEU A 113 -0.61 7.42 -6.42
CA LEU A 113 -1.16 6.72 -7.57
C LEU A 113 -1.56 7.73 -8.65
N ASN A 114 -1.60 7.29 -9.90
CA ASN A 114 -1.95 8.18 -11.01
C ASN A 114 -3.17 9.04 -10.69
N GLY A 115 -2.92 10.30 -10.33
CA GLY A 115 -4.00 11.23 -10.03
C GLY A 115 -4.59 11.07 -8.64
N HIS A 116 -3.81 10.53 -7.71
CA HIS A 116 -4.27 10.33 -6.34
C HIS A 116 -3.08 10.23 -5.39
N THR A 117 -3.32 10.53 -4.12
CA THR A 117 -2.26 10.47 -3.13
C THR A 117 -2.80 9.99 -1.78
N LEU A 118 -1.89 9.41 -0.98
CA LEU A 118 -2.26 8.89 0.33
C LEU A 118 -2.66 10.01 1.27
N GLN A 119 -2.00 11.14 1.15
CA GLN A 119 -2.30 12.30 1.99
C GLN A 119 -2.62 13.52 1.13
N GLU A 120 -3.81 13.52 0.55
CA GLU A 120 -4.25 14.62 -0.31
C GLU A 120 -5.01 15.67 0.51
N ALA A 2 10.42 -5.69 -12.05
CA ALA A 2 9.25 -4.80 -11.87
C ALA A 2 9.67 -3.42 -11.36
N PHE A 3 10.78 -3.40 -10.61
CA PHE A 3 11.30 -2.15 -10.07
C PHE A 3 12.72 -1.89 -10.55
N ALA A 4 13.08 -2.50 -11.68
CA ALA A 4 14.42 -2.34 -12.24
C ALA A 4 14.56 -0.98 -12.91
N ASP A 5 13.54 -0.59 -13.65
CA ASP A 5 13.54 0.69 -14.35
C ASP A 5 12.71 1.74 -13.60
N ALA A 6 12.25 1.39 -12.41
CA ALA A 6 11.44 2.30 -11.60
C ALA A 6 12.29 3.47 -11.10
N GLN A 7 11.74 4.68 -11.23
CA GLN A 7 12.43 5.87 -10.78
C GLN A 7 12.53 5.90 -9.26
N THR A 8 13.24 6.88 -8.72
CA THR A 8 13.39 7.00 -7.29
C THR A 8 13.48 8.46 -6.86
N ARG A 9 13.01 8.74 -5.64
CA ARG A 9 13.02 10.08 -5.09
C ARG A 9 12.90 10.04 -3.58
N LYS A 10 13.38 11.09 -2.90
CA LYS A 10 13.33 11.14 -1.46
C LYS A 10 11.96 11.60 -0.97
N LEU A 11 11.47 10.94 0.07
CA LEU A 11 10.17 11.26 0.66
C LEU A 11 10.29 12.39 1.67
N THR A 12 9.33 13.29 1.65
CA THR A 12 9.31 14.42 2.58
C THR A 12 8.76 13.99 3.94
N PRO A 13 9.15 14.70 5.01
CA PRO A 13 8.68 14.39 6.37
C PRO A 13 7.17 14.43 6.47
N GLU A 14 6.56 15.30 5.67
CA GLU A 14 5.10 15.44 5.66
C GLU A 14 4.47 14.22 5.01
N GLU A 15 5.06 13.77 3.91
CA GLU A 15 4.56 12.60 3.18
C GLU A 15 4.81 11.33 3.98
N ARG A 16 5.97 11.25 4.62
CA ARG A 16 6.32 10.09 5.42
C ARG A 16 5.53 10.07 6.72
N SER A 17 5.14 11.24 7.20
CA SER A 17 4.37 11.35 8.43
C SER A 17 2.93 10.92 8.20
N ALA A 18 2.35 11.37 7.10
CA ALA A 18 0.97 11.01 6.77
C ALA A 18 0.87 9.52 6.46
N VAL A 19 1.80 9.03 5.64
CA VAL A 19 1.83 7.63 5.28
C VAL A 19 1.95 6.80 6.54
N GLU A 20 3.02 7.03 7.29
CA GLU A 20 3.25 6.32 8.54
C GLU A 20 2.01 6.42 9.42
N ASN A 21 1.31 7.54 9.31
CA ASN A 21 0.09 7.78 10.07
C ASN A 21 -1.04 6.92 9.52
N TYR A 22 -1.03 6.72 8.21
CA TYR A 22 -2.04 5.91 7.55
C TYR A 22 -1.83 4.42 7.83
N LEU A 23 -0.59 3.97 7.66
CA LEU A 23 -0.25 2.56 7.89
C LEU A 23 -0.46 2.22 9.36
N GLU A 24 -0.11 3.15 10.24
CA GLU A 24 -0.25 2.95 11.67
C GLU A 24 -1.72 2.82 12.06
N SER A 25 -2.53 3.76 11.57
CA SER A 25 -3.96 3.75 11.85
C SER A 25 -4.62 2.54 11.18
N LEU A 26 -3.98 2.07 10.11
CA LEU A 26 -4.48 0.93 9.36
C LEU A 26 -4.45 -0.34 10.22
N THR A 27 -3.38 -0.48 10.99
CA THR A 27 -3.22 -1.63 11.87
C THR A 27 -4.37 -1.74 12.86
N GLN A 28 -4.88 -0.60 13.28
CA GLN A 28 -5.99 -0.56 14.24
C GLN A 28 -7.33 -0.53 13.52
N VAL A 29 -7.50 0.45 12.64
CA VAL A 29 -8.73 0.60 11.88
C VAL A 29 -8.99 -0.64 11.02
N LEU A 30 -10.26 -0.92 10.76
CA LEU A 30 -10.66 -2.06 9.96
C LEU A 30 -10.25 -3.38 10.64
N GLN A 31 -11.25 -4.12 11.09
CA GLN A 31 -11.02 -5.39 11.76
C GLN A 31 -12.34 -6.07 12.09
N VAL A 32 -13.29 -5.29 12.58
CA VAL A 32 -14.61 -5.80 12.94
C VAL A 32 -14.51 -6.99 13.90
N PRO A 33 -14.46 -6.71 15.21
CA PRO A 33 -14.36 -7.76 16.23
C PRO A 33 -15.66 -8.55 16.37
N GLY A 34 -15.85 -9.53 15.49
CA GLY A 34 -17.06 -10.34 15.54
C GLY A 34 -17.17 -11.14 16.81
N PRO A 35 -17.20 -12.48 16.72
CA PRO A 35 -17.31 -13.36 17.90
C PRO A 35 -16.26 -13.03 18.96
N THR A 36 -15.12 -12.49 18.51
CA THR A 36 -14.04 -12.14 19.42
C THR A 36 -13.21 -11.00 18.85
N GLY A 37 -12.24 -10.52 19.64
CA GLY A 37 -11.38 -9.44 19.18
C GLY A 37 -10.19 -9.94 18.39
N ALA A 38 -9.35 -10.75 19.02
CA ALA A 38 -8.17 -11.29 18.37
C ALA A 38 -8.44 -12.69 17.83
N SER A 39 -8.81 -12.77 16.56
CA SER A 39 -9.10 -14.04 15.91
C SER A 39 -8.04 -14.39 14.89
N ALA A 40 -7.50 -13.37 14.23
CA ALA A 40 -6.47 -13.55 13.22
C ALA A 40 -5.53 -12.35 13.17
N ALA A 41 -4.48 -12.46 12.35
CA ALA A 41 -3.50 -11.40 12.21
C ALA A 41 -3.77 -10.57 10.96
N PRO A 42 -3.74 -9.22 11.07
CA PRO A 42 -3.97 -8.34 9.93
C PRO A 42 -2.77 -8.27 8.98
N ILE A 43 -2.83 -7.34 8.03
CA ILE A 43 -1.75 -7.17 7.07
C ILE A 43 -1.24 -5.73 7.06
N SER A 44 -0.17 -5.48 7.81
CA SER A 44 0.42 -4.15 7.89
C SER A 44 1.93 -4.21 7.68
N LEU A 45 2.46 -3.21 7.00
CA LEU A 45 3.90 -3.15 6.73
C LEU A 45 4.58 -2.14 7.65
N ALA A 46 5.76 -2.51 8.15
CA ALA A 46 6.52 -1.64 9.04
C ALA A 46 7.50 -0.77 8.26
N LEU A 47 7.54 0.51 8.59
CA LEU A 47 8.43 1.45 7.91
C LEU A 47 9.90 1.13 8.17
N ASN A 48 10.71 1.17 7.11
CA ASN A 48 12.13 0.90 7.21
C ASN A 48 12.93 2.05 6.62
N ALA A 49 14.26 1.91 6.62
CA ALA A 49 15.13 2.95 6.07
C ALA A 49 14.81 3.23 4.62
N GLU A 50 14.21 2.26 3.93
CA GLU A 50 13.84 2.42 2.53
C GLU A 50 12.55 3.21 2.41
N SER A 51 11.77 3.23 3.50
CA SER A 51 10.51 3.97 3.54
C SER A 51 10.70 5.44 3.18
N ASN A 52 11.94 5.90 3.23
CA ASN A 52 12.24 7.29 2.90
C ASN A 52 12.44 7.44 1.40
N ASN A 53 13.01 6.42 0.78
CA ASN A 53 13.26 6.43 -0.65
C ASN A 53 12.05 5.90 -1.41
N VAL A 54 11.31 6.80 -2.06
CA VAL A 54 10.13 6.42 -2.83
C VAL A 54 10.51 5.91 -4.20
N MET A 55 9.87 4.81 -4.61
CA MET A 55 10.12 4.20 -5.91
C MET A 55 8.94 4.46 -6.84
N MET A 56 9.23 5.01 -8.02
CA MET A 56 8.18 5.32 -8.99
C MET A 56 8.22 4.34 -10.16
N LEU A 57 7.06 3.80 -10.51
CA LEU A 57 6.97 2.84 -11.62
C LEU A 57 5.57 2.77 -12.20
N THR A 58 5.50 2.59 -13.51
CA THR A 58 4.21 2.43 -14.18
C THR A 58 3.89 0.94 -14.18
N HIS A 59 2.86 0.56 -13.43
CA HIS A 59 2.52 -0.86 -13.33
C HIS A 59 1.08 -1.07 -12.87
N ALA A 60 0.53 -2.23 -13.23
CA ALA A 60 -0.83 -2.58 -12.85
C ALA A 60 -0.88 -3.11 -11.43
N ILE A 61 -1.75 -2.53 -10.61
CA ILE A 61 -1.89 -2.94 -9.23
C ILE A 61 -2.98 -4.00 -9.08
N THR A 62 -2.59 -5.18 -8.60
CA THR A 62 -3.53 -6.28 -8.41
C THR A 62 -4.18 -6.19 -7.03
N ARG A 63 -5.39 -6.72 -6.92
CA ARG A 63 -6.12 -6.70 -5.65
C ARG A 63 -6.42 -8.12 -5.17
N TYR A 64 -5.79 -8.50 -4.07
CA TYR A 64 -5.99 -9.83 -3.52
C TYR A 64 -6.61 -9.76 -2.12
N GLY A 65 -7.93 -9.93 -2.05
CA GLY A 65 -8.60 -9.90 -0.77
C GLY A 65 -8.41 -11.18 0.01
N ILE A 66 -7.85 -11.05 1.21
CA ILE A 66 -7.61 -12.21 2.05
C ILE A 66 -8.20 -12.03 3.44
N SER A 67 -8.10 -10.82 3.98
CA SER A 67 -8.62 -10.52 5.30
C SER A 67 -10.13 -10.75 5.37
N THR A 68 -10.82 -10.51 4.28
CA THR A 68 -12.26 -10.69 4.24
C THR A 68 -12.78 -10.77 2.80
N ASP A 69 -14.04 -11.16 2.64
CA ASP A 69 -14.64 -11.29 1.32
C ASP A 69 -15.52 -10.07 1.00
N ASP A 70 -15.35 -9.00 1.76
CA ASP A 70 -16.12 -7.77 1.55
C ASP A 70 -15.19 -6.58 1.37
N PRO A 71 -15.47 -5.70 0.37
CA PRO A 71 -14.65 -4.52 0.09
C PRO A 71 -14.03 -3.90 1.34
N ASN A 72 -12.87 -4.40 1.72
CA ASN A 72 -12.16 -3.90 2.90
C ASN A 72 -10.66 -4.14 2.80
N LYS A 73 -9.95 -3.86 3.90
CA LYS A 73 -8.51 -4.03 3.96
C LYS A 73 -8.06 -5.34 3.29
N TRP A 74 -7.32 -5.21 2.20
CA TRP A 74 -6.83 -6.36 1.45
C TRP A 74 -5.39 -6.16 0.99
N ARG A 75 -4.84 -7.19 0.35
CA ARG A 75 -3.47 -7.15 -0.13
C ARG A 75 -3.43 -6.82 -1.62
N TYR A 76 -2.50 -5.97 -2.02
CA TYR A 76 -2.35 -5.60 -3.42
C TYR A 76 -1.08 -6.23 -3.96
N TYR A 77 -0.93 -6.27 -5.27
CA TYR A 77 0.24 -6.89 -5.86
C TYR A 77 0.77 -6.13 -7.07
N LEU A 78 2.07 -5.84 -7.02
CA LEU A 78 2.74 -5.15 -8.11
C LEU A 78 3.58 -6.15 -8.89
N ASP A 79 3.09 -6.54 -10.06
CA ASP A 79 3.79 -7.51 -10.88
C ASP A 79 3.80 -8.88 -10.17
N SER A 80 4.97 -9.46 -9.93
CA SER A 80 5.06 -10.74 -9.25
C SER A 80 5.37 -10.54 -7.76
N VAL A 81 5.15 -9.32 -7.27
CA VAL A 81 5.42 -9.01 -5.87
C VAL A 81 4.17 -8.48 -5.17
N GLU A 82 4.13 -8.64 -3.85
CA GLU A 82 3.01 -8.18 -3.05
C GLU A 82 3.27 -6.77 -2.52
N VAL A 83 2.27 -5.89 -2.66
CA VAL A 83 2.41 -4.52 -2.19
C VAL A 83 1.15 -4.04 -1.47
N HIS A 84 1.26 -2.87 -0.86
CA HIS A 84 0.14 -2.29 -0.12
C HIS A 84 -0.48 -1.12 -0.88
N LEU A 85 -1.78 -1.22 -1.14
CA LEU A 85 -2.50 -0.16 -1.83
C LEU A 85 -3.73 0.25 -1.05
N PRO A 86 -3.85 1.53 -0.68
CA PRO A 86 -4.99 2.02 0.09
C PRO A 86 -6.32 1.72 -0.62
N PRO A 87 -7.34 1.29 0.15
CA PRO A 87 -8.67 0.94 -0.37
C PRO A 87 -9.32 2.04 -1.22
N PHE A 88 -8.76 3.25 -1.21
CA PHE A 88 -9.34 4.34 -1.99
C PHE A 88 -8.82 4.37 -3.42
N TRP A 89 -7.82 3.56 -3.72
CA TRP A 89 -7.27 3.52 -5.07
C TRP A 89 -7.74 2.29 -5.83
N GLU A 90 -8.46 1.39 -5.16
CA GLU A 90 -8.97 0.18 -5.80
C GLU A 90 -9.68 0.53 -7.10
N GLN A 91 -10.30 1.71 -7.13
CA GLN A 91 -11.01 2.18 -8.30
C GLN A 91 -10.09 3.00 -9.19
N TYR A 92 -9.07 3.60 -8.59
CA TYR A 92 -8.11 4.42 -9.32
C TYR A 92 -7.09 3.54 -10.06
N ILE A 93 -7.00 2.28 -9.67
CA ILE A 93 -6.05 1.36 -10.29
C ILE A 93 -6.55 0.89 -11.66
N ASN A 94 -5.85 1.33 -12.71
CA ASN A 94 -6.21 0.95 -14.08
C ASN A 94 -5.25 -0.10 -14.62
N ASP A 95 -5.42 -0.49 -15.89
CA ASP A 95 -4.54 -1.47 -16.51
C ASP A 95 -3.08 -1.14 -16.25
N GLU A 96 -2.70 0.08 -16.64
CA GLU A 96 -1.35 0.57 -16.41
C GLU A 96 -1.44 1.87 -15.65
N ASN A 97 -0.74 1.97 -14.52
CA ASN A 97 -0.83 3.17 -13.71
C ASN A 97 0.51 3.60 -13.14
N THR A 98 0.61 4.89 -12.88
CA THR A 98 1.80 5.46 -12.28
C THR A 98 1.72 5.26 -10.78
N VAL A 99 2.58 4.38 -10.26
CA VAL A 99 2.57 4.07 -8.85
C VAL A 99 3.89 4.40 -8.16
N GLU A 100 3.79 5.11 -7.05
CA GLU A 100 4.94 5.48 -6.26
C GLU A 100 4.84 4.81 -4.90
N LEU A 101 5.75 3.90 -4.61
CA LEU A 101 5.72 3.18 -3.34
C LEU A 101 7.08 3.16 -2.65
N ILE A 102 7.04 3.05 -1.34
CA ILE A 102 8.26 2.97 -0.53
C ILE A 102 8.36 1.58 0.08
N HIS A 103 9.53 0.96 -0.01
CA HIS A 103 9.70 -0.39 0.51
C HIS A 103 9.81 -0.43 2.02
N THR A 104 8.84 -1.09 2.65
CA THR A 104 8.80 -1.22 4.11
C THR A 104 9.62 -2.43 4.55
N ASP A 105 9.39 -2.87 5.78
CA ASP A 105 10.10 -4.04 6.31
C ASP A 105 9.51 -5.33 5.72
N SER A 106 8.41 -5.18 4.99
CA SER A 106 7.75 -6.32 4.38
C SER A 106 7.59 -6.09 2.87
N LEU A 107 6.65 -5.21 2.53
CA LEU A 107 6.39 -4.88 1.14
C LEU A 107 6.33 -3.36 0.95
N PRO A 108 6.35 -2.88 -0.29
CA PRO A 108 6.32 -1.46 -0.60
C PRO A 108 4.92 -0.85 -0.45
N LEU A 109 4.86 0.24 0.31
CA LEU A 109 3.62 0.96 0.52
C LEU A 109 3.43 2.00 -0.57
N VAL A 110 2.35 1.87 -1.32
CA VAL A 110 2.06 2.81 -2.40
C VAL A 110 1.59 4.14 -1.84
N ILE A 111 2.51 5.11 -1.77
CA ILE A 111 2.20 6.43 -1.22
C ILE A 111 1.44 7.31 -2.22
N SER A 112 1.60 7.03 -3.52
CA SER A 112 0.92 7.83 -4.53
C SER A 112 0.48 6.98 -5.72
N LEU A 113 -0.48 7.50 -6.47
CA LEU A 113 -1.02 6.82 -7.65
C LEU A 113 -1.38 7.84 -8.72
N ASN A 114 -1.43 7.41 -9.98
CA ASN A 114 -1.75 8.32 -11.08
C ASN A 114 -2.98 9.19 -10.77
N GLY A 115 -2.73 10.44 -10.39
CA GLY A 115 -3.82 11.36 -10.09
C GLY A 115 -4.43 11.17 -8.72
N HIS A 116 -3.67 10.60 -7.79
CA HIS A 116 -4.17 10.38 -6.43
C HIS A 116 -3.02 10.25 -5.45
N THR A 117 -3.29 10.58 -4.19
CA THR A 117 -2.26 10.50 -3.16
C THR A 117 -2.84 9.99 -1.85
N LEU A 118 -1.97 9.37 -1.05
CA LEU A 118 -2.39 8.81 0.24
C LEU A 118 -2.86 9.90 1.18
N GLN A 119 -2.23 11.07 1.11
CA GLN A 119 -2.60 12.19 1.96
C GLN A 119 -2.86 13.44 1.11
N GLU A 120 -4.02 13.45 0.45
CA GLU A 120 -4.40 14.57 -0.40
C GLU A 120 -5.17 15.62 0.39
N ALA A 2 10.36 -5.32 -12.51
CA ALA A 2 9.27 -4.36 -12.23
C ALA A 2 9.83 -3.01 -11.77
N PHE A 3 10.63 -3.04 -10.72
CA PHE A 3 11.24 -1.83 -10.19
C PHE A 3 12.67 -1.66 -10.69
N ALA A 4 12.92 -2.16 -11.90
CA ALA A 4 14.26 -2.07 -12.49
C ALA A 4 14.54 -0.67 -13.00
N ASP A 5 13.63 -0.15 -13.82
CA ASP A 5 13.79 1.19 -14.37
C ASP A 5 12.91 2.21 -13.64
N ALA A 6 12.28 1.76 -12.55
CA ALA A 6 11.41 2.62 -11.76
C ALA A 6 12.18 3.81 -11.20
N GLN A 7 11.58 5.00 -11.30
CA GLN A 7 12.21 6.22 -10.80
C GLN A 7 12.39 6.14 -9.29
N THR A 8 13.06 7.13 -8.72
CA THR A 8 13.29 7.14 -7.27
C THR A 8 13.47 8.56 -6.75
N ARG A 9 13.00 8.78 -5.53
CA ARG A 9 13.10 10.07 -4.87
C ARG A 9 13.01 9.89 -3.36
N LYS A 10 13.50 10.87 -2.60
CA LYS A 10 13.48 10.78 -1.15
C LYS A 10 12.11 11.17 -0.58
N LEU A 11 11.66 10.39 0.38
CA LEU A 11 10.38 10.62 1.03
C LEU A 11 10.43 11.86 1.92
N THR A 12 9.46 12.74 1.76
CA THR A 12 9.39 13.97 2.55
C THR A 12 8.80 13.69 3.93
N PRO A 13 9.13 14.52 4.92
CA PRO A 13 8.63 14.36 6.29
C PRO A 13 7.11 14.47 6.35
N GLU A 14 6.55 15.35 5.52
CA GLU A 14 5.11 15.53 5.48
C GLU A 14 4.42 14.28 4.93
N GLU A 15 4.92 13.79 3.79
CA GLU A 15 4.37 12.60 3.17
C GLU A 15 4.63 11.38 4.04
N ARG A 16 5.76 11.40 4.74
CA ARG A 16 6.15 10.29 5.60
C ARG A 16 5.29 10.26 6.86
N SER A 17 4.95 11.44 7.36
CA SER A 17 4.13 11.56 8.56
C SER A 17 2.70 11.10 8.28
N ALA A 18 2.16 11.54 7.15
CA ALA A 18 0.80 11.18 6.77
C ALA A 18 0.70 9.68 6.51
N VAL A 19 1.64 9.17 5.71
CA VAL A 19 1.66 7.75 5.39
C VAL A 19 1.74 6.93 6.67
N GLU A 20 2.76 7.21 7.46
CA GLU A 20 2.95 6.51 8.73
C GLU A 20 1.67 6.57 9.56
N ASN A 21 0.97 7.70 9.46
CA ASN A 21 -0.28 7.88 10.19
C ASN A 21 -1.35 6.97 9.60
N TYR A 22 -1.28 6.76 8.30
CA TYR A 22 -2.23 5.93 7.60
C TYR A 22 -1.99 4.45 7.90
N LEU A 23 -0.74 4.02 7.77
CA LEU A 23 -0.37 2.63 8.03
C LEU A 23 -0.54 2.30 9.51
N GLU A 24 -0.16 3.25 10.37
CA GLU A 24 -0.27 3.07 11.80
C GLU A 24 -1.72 2.97 12.24
N SER A 25 -2.53 3.91 11.77
CA SER A 25 -3.95 3.92 12.10
C SER A 25 -4.65 2.74 11.44
N LEU A 26 -4.12 2.32 10.30
CA LEU A 26 -4.67 1.19 9.56
C LEU A 26 -4.82 -0.04 10.44
N THR A 27 -3.83 -0.27 11.27
CA THR A 27 -3.83 -1.42 12.17
C THR A 27 -5.05 -1.40 13.09
N GLN A 28 -5.60 -0.21 13.30
CA GLN A 28 -6.78 -0.06 14.15
C GLN A 28 -8.04 0.14 13.33
N VAL A 29 -7.94 0.99 12.31
CA VAL A 29 -9.08 1.29 11.44
C VAL A 29 -9.64 0.01 10.82
N LEU A 30 -10.89 0.09 10.37
CA LEU A 30 -11.55 -1.06 9.75
C LEU A 30 -11.78 -2.16 10.78
N GLN A 31 -13.05 -2.35 11.16
CA GLN A 31 -13.42 -3.37 12.14
C GLN A 31 -13.57 -4.73 11.47
N VAL A 32 -14.66 -4.89 10.73
CA VAL A 32 -14.95 -6.14 10.03
C VAL A 32 -14.64 -7.37 10.90
N PRO A 33 -15.39 -7.53 12.01
CA PRO A 33 -15.18 -8.66 12.92
C PRO A 33 -15.18 -10.01 12.21
N GLY A 34 -15.87 -10.06 11.07
CA GLY A 34 -15.94 -11.29 10.31
C GLY A 34 -17.24 -12.03 10.50
N PRO A 35 -18.20 -11.87 9.56
CA PRO A 35 -19.51 -12.54 9.65
C PRO A 35 -19.40 -14.05 9.49
N THR A 36 -18.36 -14.50 8.78
CA THR A 36 -18.13 -15.92 8.56
C THR A 36 -16.97 -16.43 9.40
N GLY A 37 -17.04 -17.70 9.80
CA GLY A 37 -15.98 -18.28 10.60
C GLY A 37 -14.72 -18.54 9.80
N ALA A 38 -14.10 -17.48 9.30
CA ALA A 38 -12.88 -17.60 8.51
C ALA A 38 -11.66 -17.26 9.34
N SER A 39 -10.49 -17.73 8.90
CA SER A 39 -9.25 -17.48 9.61
C SER A 39 -8.38 -16.48 8.85
N ALA A 40 -8.20 -15.30 9.43
CA ALA A 40 -7.39 -14.26 8.81
C ALA A 40 -6.50 -13.57 9.83
N ALA A 41 -5.53 -12.80 9.36
CA ALA A 41 -4.61 -12.08 10.23
C ALA A 41 -4.24 -10.73 9.64
N PRO A 42 -3.82 -9.78 10.50
CA PRO A 42 -3.44 -8.43 10.06
C PRO A 42 -2.17 -8.44 9.22
N ILE A 43 -2.10 -7.54 8.25
CA ILE A 43 -0.94 -7.44 7.37
C ILE A 43 -0.50 -5.99 7.20
N SER A 44 0.33 -5.52 8.13
CA SER A 44 0.84 -4.15 8.08
C SER A 44 2.33 -4.15 7.78
N LEU A 45 2.80 -3.12 7.09
CA LEU A 45 4.20 -3.01 6.74
C LEU A 45 4.93 -2.03 7.64
N ALA A 46 6.14 -2.41 8.09
CA ALA A 46 6.94 -1.57 8.95
C ALA A 46 7.92 -0.73 8.14
N LEU A 47 8.00 0.56 8.44
CA LEU A 47 8.89 1.46 7.72
C LEU A 47 10.36 1.12 7.94
N ASN A 48 11.06 0.86 6.85
CA ASN A 48 12.48 0.52 6.89
C ASN A 48 13.31 1.64 6.26
N ALA A 49 14.62 1.43 6.22
CA ALA A 49 15.52 2.42 5.64
C ALA A 49 15.16 2.71 4.19
N GLU A 50 14.52 1.75 3.52
CA GLU A 50 14.11 1.93 2.13
C GLU A 50 12.88 2.83 2.06
N SER A 51 12.14 2.89 3.18
CA SER A 51 10.95 3.72 3.26
C SER A 51 11.28 5.18 2.98
N ASN A 52 12.57 5.51 3.04
CA ASN A 52 13.01 6.88 2.78
C ASN A 52 13.18 7.10 1.28
N ASN A 53 13.21 6.01 0.52
CA ASN A 53 13.38 6.08 -0.92
C ASN A 53 12.09 5.64 -1.62
N VAL A 54 11.36 6.60 -2.16
CA VAL A 54 10.11 6.31 -2.87
C VAL A 54 10.39 5.86 -4.30
N MET A 55 9.86 4.70 -4.66
CA MET A 55 10.04 4.15 -6.00
C MET A 55 8.84 4.46 -6.88
N MET A 56 9.10 5.06 -8.03
CA MET A 56 8.03 5.41 -8.97
C MET A 56 8.05 4.49 -10.19
N LEU A 57 6.91 3.92 -10.52
CA LEU A 57 6.83 3.00 -11.66
C LEU A 57 5.41 2.89 -12.20
N THR A 58 5.32 2.75 -13.52
CA THR A 58 4.04 2.56 -14.16
C THR A 58 3.82 1.06 -14.25
N HIS A 59 2.84 0.55 -13.52
CA HIS A 59 2.62 -0.89 -13.49
C HIS A 59 1.18 -1.27 -13.16
N ALA A 60 0.77 -2.45 -13.60
CA ALA A 60 -0.57 -2.95 -13.33
C ALA A 60 -0.59 -3.63 -11.97
N ILE A 61 -1.39 -3.10 -11.06
CA ILE A 61 -1.48 -3.65 -9.71
C ILE A 61 -2.54 -4.74 -9.62
N THR A 62 -2.32 -5.65 -8.68
CA THR A 62 -3.24 -6.76 -8.45
C THR A 62 -3.86 -6.66 -7.07
N ARG A 63 -5.07 -7.19 -6.91
CA ARG A 63 -5.75 -7.14 -5.64
C ARG A 63 -6.02 -8.53 -5.07
N TYR A 64 -5.44 -8.81 -3.91
CA TYR A 64 -5.63 -10.10 -3.25
C TYR A 64 -6.24 -9.90 -1.86
N GLY A 65 -7.55 -10.07 -1.77
CA GLY A 65 -8.23 -9.91 -0.50
C GLY A 65 -8.43 -11.22 0.23
N ILE A 66 -8.33 -11.17 1.55
CA ILE A 66 -8.49 -12.35 2.38
C ILE A 66 -9.19 -12.03 3.70
N SER A 67 -8.78 -10.92 4.31
CA SER A 67 -9.36 -10.50 5.59
C SER A 67 -10.89 -10.60 5.56
N THR A 68 -11.46 -10.41 4.38
CA THR A 68 -12.90 -10.46 4.20
C THR A 68 -13.28 -10.58 2.73
N ASP A 69 -14.53 -10.91 2.46
CA ASP A 69 -15.01 -11.04 1.09
C ASP A 69 -15.77 -9.80 0.65
N ASP A 70 -15.59 -8.69 1.38
CA ASP A 70 -16.25 -7.43 1.06
C ASP A 70 -15.22 -6.33 0.89
N PRO A 71 -15.39 -5.44 -0.10
CA PRO A 71 -14.46 -4.33 -0.36
C PRO A 71 -13.88 -3.71 0.91
N ASN A 72 -12.78 -4.28 1.38
CA ASN A 72 -12.11 -3.76 2.58
C ASN A 72 -10.64 -4.17 2.62
N LYS A 73 -10.01 -3.93 3.78
CA LYS A 73 -8.60 -4.23 3.98
C LYS A 73 -8.17 -5.55 3.33
N TRP A 74 -7.36 -5.42 2.27
CA TRP A 74 -6.85 -6.55 1.52
C TRP A 74 -5.42 -6.28 1.07
N ARG A 75 -4.80 -7.26 0.43
CA ARG A 75 -3.43 -7.11 -0.05
C ARG A 75 -3.41 -6.79 -1.53
N TYR A 76 -2.38 -6.08 -1.98
CA TYR A 76 -2.24 -5.75 -3.39
C TYR A 76 -0.93 -6.32 -3.90
N TYR A 77 -0.77 -6.40 -5.22
CA TYR A 77 0.45 -6.97 -5.76
C TYR A 77 0.95 -6.23 -7.00
N LEU A 78 2.19 -5.79 -6.94
CA LEU A 78 2.84 -5.10 -8.03
C LEU A 78 3.74 -6.07 -8.78
N ASP A 79 3.31 -6.50 -9.97
CA ASP A 79 4.09 -7.45 -10.74
C ASP A 79 4.16 -8.79 -9.99
N SER A 80 5.37 -9.30 -9.74
CA SER A 80 5.53 -10.55 -9.01
C SER A 80 5.83 -10.29 -7.53
N VAL A 81 5.52 -9.08 -7.06
CA VAL A 81 5.76 -8.72 -5.67
C VAL A 81 4.49 -8.21 -5.00
N GLU A 82 4.44 -8.34 -3.67
CA GLU A 82 3.29 -7.88 -2.91
C GLU A 82 3.46 -6.43 -2.48
N VAL A 83 2.37 -5.67 -2.53
CA VAL A 83 2.41 -4.26 -2.15
C VAL A 83 1.16 -3.83 -1.39
N HIS A 84 1.25 -2.67 -0.75
CA HIS A 84 0.14 -2.13 0.03
C HIS A 84 -0.52 -0.95 -0.67
N LEU A 85 -1.63 -1.22 -1.34
CA LEU A 85 -2.38 -0.18 -2.04
C LEU A 85 -3.61 0.21 -1.24
N PRO A 86 -3.70 1.47 -0.77
CA PRO A 86 -4.83 1.93 0.03
C PRO A 86 -6.18 1.66 -0.63
N PRO A 87 -7.18 1.22 0.16
CA PRO A 87 -8.52 0.89 -0.34
C PRO A 87 -9.21 2.00 -1.13
N PHE A 88 -8.65 3.21 -1.11
CA PHE A 88 -9.27 4.32 -1.85
C PHE A 88 -8.80 4.38 -3.30
N TRP A 89 -7.82 3.57 -3.65
CA TRP A 89 -7.31 3.56 -5.03
C TRP A 89 -7.84 2.34 -5.80
N GLU A 90 -8.61 1.49 -5.12
CA GLU A 90 -9.18 0.31 -5.76
C GLU A 90 -9.86 0.69 -7.07
N GLN A 91 -10.47 1.87 -7.08
CA GLN A 91 -11.16 2.38 -8.26
C GLN A 91 -10.20 3.17 -9.14
N TYR A 92 -9.14 3.71 -8.53
CA TYR A 92 -8.15 4.49 -9.26
C TYR A 92 -7.14 3.60 -9.96
N ILE A 93 -7.15 2.30 -9.64
CA ILE A 93 -6.22 1.36 -10.25
C ILE A 93 -6.72 0.87 -11.60
N ASN A 94 -6.03 1.28 -12.65
CA ASN A 94 -6.38 0.89 -14.02
C ASN A 94 -5.41 -0.17 -14.54
N ASP A 95 -5.55 -0.55 -15.81
CA ASP A 95 -4.67 -1.54 -16.42
C ASP A 95 -3.21 -1.18 -16.13
N GLU A 96 -2.84 0.03 -16.54
CA GLU A 96 -1.50 0.54 -16.30
C GLU A 96 -1.60 1.81 -15.46
N ASN A 97 -0.89 1.86 -14.34
CA ASN A 97 -0.98 3.03 -13.47
C ASN A 97 0.37 3.47 -12.95
N THR A 98 0.48 4.77 -12.75
CA THR A 98 1.67 5.37 -12.19
C THR A 98 1.62 5.20 -10.68
N VAL A 99 2.45 4.29 -10.17
CA VAL A 99 2.47 4.00 -8.74
C VAL A 99 3.79 4.37 -8.08
N GLU A 100 3.68 5.09 -6.97
CA GLU A 100 4.84 5.49 -6.19
C GLU A 100 4.77 4.80 -4.83
N LEU A 101 5.73 3.93 -4.57
CA LEU A 101 5.74 3.18 -3.31
C LEU A 101 7.12 3.10 -2.69
N ILE A 102 7.14 3.04 -1.35
CA ILE A 102 8.39 2.91 -0.61
C ILE A 102 8.46 1.51 -0.02
N HIS A 103 9.60 0.86 -0.16
CA HIS A 103 9.76 -0.51 0.33
C HIS A 103 9.94 -0.55 1.84
N THR A 104 8.98 -1.20 2.52
CA THR A 104 9.03 -1.32 3.97
C THR A 104 9.77 -2.59 4.38
N ASP A 105 9.64 -2.97 5.65
CA ASP A 105 10.29 -4.18 6.14
C ASP A 105 9.64 -5.42 5.54
N SER A 106 8.47 -5.25 4.94
CA SER A 106 7.74 -6.34 4.32
C SER A 106 7.55 -6.09 2.83
N LEU A 107 6.61 -5.21 2.51
CA LEU A 107 6.31 -4.86 1.13
C LEU A 107 6.30 -3.34 0.95
N PRO A 108 6.32 -2.87 -0.30
CA PRO A 108 6.32 -1.44 -0.60
C PRO A 108 4.96 -0.80 -0.44
N LEU A 109 4.92 0.26 0.36
CA LEU A 109 3.68 1.01 0.60
C LEU A 109 3.49 2.03 -0.50
N VAL A 110 2.39 1.90 -1.23
CA VAL A 110 2.09 2.82 -2.32
C VAL A 110 1.61 4.17 -1.78
N ILE A 111 2.52 5.13 -1.72
CA ILE A 111 2.22 6.46 -1.19
C ILE A 111 1.43 7.31 -2.17
N SER A 112 1.56 7.02 -3.47
CA SER A 112 0.84 7.81 -4.47
C SER A 112 0.41 6.95 -5.65
N LEU A 113 -0.53 7.48 -6.43
CA LEU A 113 -1.06 6.79 -7.59
C LEU A 113 -1.44 7.82 -8.67
N ASN A 114 -1.49 7.38 -9.93
CA ASN A 114 -1.82 8.27 -11.03
C ASN A 114 -3.04 9.15 -10.71
N GLY A 115 -2.77 10.41 -10.34
CA GLY A 115 -3.85 11.34 -10.05
C GLY A 115 -4.45 11.19 -8.67
N HIS A 116 -3.70 10.62 -7.73
CA HIS A 116 -4.19 10.44 -6.37
C HIS A 116 -3.03 10.33 -5.39
N THR A 117 -3.33 10.56 -4.11
CA THR A 117 -2.31 10.49 -3.08
C THR A 117 -2.88 9.94 -1.78
N LEU A 118 -2.04 9.29 -0.99
CA LEU A 118 -2.45 8.69 0.27
C LEU A 118 -3.03 9.74 1.21
N GLN A 119 -2.48 10.95 1.16
CA GLN A 119 -2.94 12.04 2.00
C GLN A 119 -3.31 13.26 1.16
N GLU A 120 -4.46 13.17 0.50
CA GLU A 120 -4.93 14.27 -0.34
C GLU A 120 -5.63 15.33 0.49
N ALA A 2 10.32 -5.59 -12.44
CA ALA A 2 9.19 -4.67 -12.14
C ALA A 2 9.71 -3.33 -11.63
N PHE A 3 10.85 -3.36 -10.94
CA PHE A 3 11.45 -2.16 -10.39
C PHE A 3 12.82 -1.90 -11.00
N ALA A 4 13.03 -2.41 -12.21
CA ALA A 4 14.30 -2.24 -12.90
C ALA A 4 14.46 -0.83 -13.45
N ASP A 5 13.39 -0.32 -14.05
CA ASP A 5 13.40 1.02 -14.63
C ASP A 5 12.55 2.00 -13.81
N ALA A 6 12.06 1.55 -12.66
CA ALA A 6 11.23 2.40 -11.81
C ALA A 6 12.03 3.58 -11.28
N GLN A 7 11.48 4.78 -11.42
CA GLN A 7 12.13 6.00 -10.94
C GLN A 7 12.27 5.97 -9.43
N THR A 8 12.96 6.96 -8.88
CA THR A 8 13.15 7.02 -7.42
C THR A 8 13.42 8.45 -6.96
N ARG A 9 13.15 8.69 -5.68
CA ARG A 9 13.35 10.00 -5.07
C ARG A 9 13.16 9.91 -3.56
N LYS A 10 13.65 10.91 -2.83
CA LYS A 10 13.51 10.92 -1.39
C LYS A 10 12.15 11.42 -0.95
N LEU A 11 11.59 10.76 0.06
CA LEU A 11 10.28 11.12 0.59
C LEU A 11 10.40 12.23 1.62
N THR A 12 9.44 13.15 1.61
CA THR A 12 9.43 14.26 2.55
C THR A 12 8.94 13.80 3.93
N PRO A 13 9.36 14.50 5.00
CA PRO A 13 8.95 14.15 6.36
C PRO A 13 7.44 14.24 6.54
N GLU A 14 6.83 15.16 5.81
CA GLU A 14 5.38 15.34 5.88
C GLU A 14 4.67 14.14 5.25
N GLU A 15 5.17 13.72 4.09
CA GLU A 15 4.59 12.58 3.39
C GLU A 15 4.84 11.30 4.16
N ARG A 16 6.03 11.17 4.72
CA ARG A 16 6.40 9.99 5.50
C ARG A 16 5.61 9.95 6.80
N SER A 17 5.26 11.13 7.31
CA SER A 17 4.50 11.21 8.55
C SER A 17 3.05 10.78 8.34
N ALA A 18 2.46 11.25 7.25
CA ALA A 18 1.08 10.90 6.93
C ALA A 18 0.96 9.41 6.66
N VAL A 19 1.90 8.89 5.89
CA VAL A 19 1.91 7.47 5.56
C VAL A 19 1.97 6.66 6.84
N GLU A 20 3.01 6.90 7.63
CA GLU A 20 3.18 6.19 8.89
C GLU A 20 1.91 6.31 9.74
N ASN A 21 1.23 7.45 9.59
CA ASN A 21 -0.01 7.69 10.31
C ASN A 21 -1.14 6.85 9.72
N TYR A 22 -1.08 6.65 8.40
CA TYR A 22 -2.07 5.86 7.69
C TYR A 22 -1.90 4.38 7.97
N LEU A 23 -0.66 3.91 7.93
CA LEU A 23 -0.35 2.50 8.18
C LEU A 23 -0.63 2.15 9.64
N GLU A 24 -0.23 3.05 10.53
CA GLU A 24 -0.43 2.84 11.97
C GLU A 24 -1.91 2.80 12.32
N SER A 25 -2.65 3.78 11.82
CA SER A 25 -4.09 3.83 12.07
C SER A 25 -4.79 2.67 11.38
N LEU A 26 -4.20 2.20 10.28
CA LEU A 26 -4.75 1.09 9.52
C LEU A 26 -4.95 -0.13 10.40
N THR A 27 -3.86 -0.60 10.99
CA THR A 27 -3.90 -1.77 11.86
C THR A 27 -4.93 -1.59 12.98
N GLN A 28 -5.24 -0.35 13.31
CA GLN A 28 -6.21 -0.05 14.35
C GLN A 28 -7.64 -0.15 13.83
N VAL A 29 -7.81 0.14 12.54
CA VAL A 29 -9.14 0.07 11.92
C VAL A 29 -9.76 -1.32 12.09
N LEU A 30 -11.08 -1.36 12.14
CA LEU A 30 -11.80 -2.62 12.30
C LEU A 30 -11.38 -3.33 13.58
N GLN A 31 -12.28 -3.36 14.56
CA GLN A 31 -12.00 -4.00 15.83
C GLN A 31 -13.17 -4.88 16.27
N VAL A 32 -14.39 -4.38 16.07
CA VAL A 32 -15.59 -5.11 16.44
C VAL A 32 -16.37 -5.55 15.21
N PRO A 33 -15.82 -6.50 14.43
CA PRO A 33 -16.47 -7.00 13.22
C PRO A 33 -17.71 -7.84 13.54
N GLY A 34 -17.71 -8.46 14.72
CA GLY A 34 -18.83 -9.28 15.12
C GLY A 34 -18.46 -10.75 15.27
N PRO A 35 -18.36 -11.48 14.14
CA PRO A 35 -18.01 -12.91 14.17
C PRO A 35 -16.72 -13.17 14.94
N THR A 36 -16.72 -14.21 15.77
CA THR A 36 -15.55 -14.56 16.55
C THR A 36 -14.97 -15.89 16.09
N GLY A 37 -13.98 -15.82 15.19
CA GLY A 37 -13.36 -17.02 14.69
C GLY A 37 -13.16 -16.99 13.19
N ALA A 38 -12.47 -15.96 12.70
CA ALA A 38 -12.22 -15.82 11.27
C ALA A 38 -10.73 -15.84 10.98
N SER A 39 -10.37 -15.65 9.71
CA SER A 39 -8.97 -15.64 9.30
C SER A 39 -8.59 -14.29 8.69
N ALA A 40 -9.08 -13.22 9.30
CA ALA A 40 -8.79 -11.87 8.83
C ALA A 40 -7.49 -11.34 9.45
N ALA A 41 -6.36 -11.89 9.01
CA ALA A 41 -5.06 -11.47 9.52
C ALA A 41 -4.69 -10.07 9.02
N PRO A 42 -4.63 -9.08 9.92
CA PRO A 42 -4.30 -7.70 9.55
C PRO A 42 -2.85 -7.55 9.11
N ILE A 43 -2.64 -7.03 7.91
CA ILE A 43 -1.30 -6.84 7.37
C ILE A 43 -0.88 -5.37 7.47
N SER A 44 0.35 -5.14 7.90
CA SER A 44 0.90 -3.80 8.04
C SER A 44 2.39 -3.80 7.74
N LEU A 45 2.85 -2.79 7.02
CA LEU A 45 4.26 -2.68 6.67
C LEU A 45 5.03 -1.87 7.71
N ALA A 46 6.19 -2.38 8.10
CA ALA A 46 7.04 -1.71 9.08
C ALA A 46 8.00 -0.75 8.39
N LEU A 47 8.15 0.45 8.95
CA LEU A 47 9.04 1.45 8.36
C LEU A 47 10.50 1.01 8.39
N ASN A 48 11.20 1.28 7.30
CA ASN A 48 12.62 0.94 7.17
C ASN A 48 13.37 2.06 6.45
N ALA A 49 14.66 1.85 6.25
CA ALA A 49 15.49 2.85 5.58
C ALA A 49 15.04 3.09 4.14
N GLU A 50 14.45 2.06 3.53
CA GLU A 50 13.97 2.18 2.16
C GLU A 50 12.63 2.90 2.14
N SER A 51 11.95 2.92 3.29
CA SER A 51 10.66 3.59 3.43
C SER A 51 10.78 5.07 3.10
N ASN A 52 12.00 5.58 3.07
CA ASN A 52 12.24 6.98 2.76
C ASN A 52 12.39 7.18 1.25
N ASN A 53 13.03 6.21 0.60
CA ASN A 53 13.25 6.28 -0.84
C ASN A 53 12.02 5.80 -1.59
N VAL A 54 11.30 6.73 -2.21
CA VAL A 54 10.10 6.41 -2.97
C VAL A 54 10.44 5.92 -4.36
N MET A 55 9.73 4.87 -4.79
CA MET A 55 9.94 4.30 -6.12
C MET A 55 8.73 4.55 -7.00
N MET A 56 8.98 5.10 -8.19
CA MET A 56 7.91 5.39 -9.14
C MET A 56 7.94 4.44 -10.33
N LEU A 57 6.79 3.82 -10.62
CA LEU A 57 6.71 2.88 -11.73
C LEU A 57 5.28 2.76 -12.26
N THR A 58 5.17 2.53 -13.57
CA THR A 58 3.87 2.32 -14.18
C THR A 58 3.61 0.82 -14.16
N HIS A 59 2.63 0.39 -13.39
CA HIS A 59 2.36 -1.04 -13.27
C HIS A 59 0.93 -1.32 -12.81
N ALA A 60 0.43 -2.49 -13.18
CA ALA A 60 -0.91 -2.90 -12.80
C ALA A 60 -0.89 -3.52 -11.40
N ILE A 61 -1.70 -2.97 -10.51
CA ILE A 61 -1.76 -3.47 -9.14
C ILE A 61 -2.78 -4.59 -8.99
N THR A 62 -2.34 -5.69 -8.40
CA THR A 62 -3.22 -6.83 -8.18
C THR A 62 -3.91 -6.71 -6.82
N ARG A 63 -5.09 -7.30 -6.70
CA ARG A 63 -5.84 -7.22 -5.45
C ARG A 63 -6.07 -8.62 -4.87
N TYR A 64 -5.38 -8.90 -3.77
CA TYR A 64 -5.50 -10.18 -3.09
C TYR A 64 -6.23 -10.03 -1.77
N GLY A 65 -7.54 -10.32 -1.78
CA GLY A 65 -8.32 -10.21 -0.57
C GLY A 65 -8.08 -11.35 0.39
N ILE A 66 -7.75 -11.01 1.63
CA ILE A 66 -7.48 -12.03 2.65
C ILE A 66 -8.06 -11.61 3.99
N SER A 67 -9.06 -10.73 3.97
CA SER A 67 -9.70 -10.25 5.18
C SER A 67 -11.22 -10.36 5.09
N THR A 68 -11.75 -10.26 3.88
CA THR A 68 -13.19 -10.33 3.66
C THR A 68 -13.49 -10.56 2.18
N ASP A 69 -14.73 -10.95 1.89
CA ASP A 69 -15.15 -11.20 0.52
C ASP A 69 -15.91 -10.01 -0.05
N ASP A 70 -15.69 -8.83 0.53
CA ASP A 70 -16.35 -7.62 0.08
C ASP A 70 -15.32 -6.48 -0.07
N PRO A 71 -15.39 -5.72 -1.18
CA PRO A 71 -14.47 -4.62 -1.45
C PRO A 71 -14.05 -3.87 -0.19
N ASN A 72 -12.98 -4.35 0.44
CA ASN A 72 -12.47 -3.75 1.66
C ASN A 72 -10.97 -3.98 1.82
N LYS A 73 -10.45 -3.59 2.98
CA LYS A 73 -9.02 -3.74 3.29
C LYS A 73 -8.48 -5.09 2.84
N TRP A 74 -7.62 -5.05 1.83
CA TRP A 74 -6.99 -6.25 1.29
C TRP A 74 -5.54 -5.98 0.90
N ARG A 75 -4.84 -7.01 0.44
CA ARG A 75 -3.45 -6.87 0.05
C ARG A 75 -3.34 -6.71 -1.46
N TYR A 76 -2.37 -5.90 -1.91
CA TYR A 76 -2.18 -5.69 -3.33
C TYR A 76 -0.83 -6.24 -3.76
N TYR A 77 -0.65 -6.42 -5.06
CA TYR A 77 0.60 -6.97 -5.54
C TYR A 77 1.09 -6.27 -6.81
N LEU A 78 2.32 -5.78 -6.75
CA LEU A 78 2.94 -5.12 -7.88
C LEU A 78 3.80 -6.12 -8.64
N ASP A 79 3.28 -6.61 -9.76
CA ASP A 79 4.01 -7.60 -10.54
C ASP A 79 4.10 -8.91 -9.75
N SER A 80 5.32 -9.40 -9.51
CA SER A 80 5.50 -10.63 -8.74
C SER A 80 5.81 -10.32 -7.28
N VAL A 81 5.60 -9.07 -6.87
CA VAL A 81 5.88 -8.66 -5.50
C VAL A 81 4.61 -8.19 -4.80
N GLU A 82 4.60 -8.29 -3.47
CA GLU A 82 3.45 -7.87 -2.67
C GLU A 82 3.60 -6.39 -2.27
N VAL A 83 2.51 -5.64 -2.39
CA VAL A 83 2.53 -4.23 -2.05
C VAL A 83 1.25 -3.80 -1.33
N HIS A 84 1.32 -2.63 -0.72
CA HIS A 84 0.21 -2.07 0.03
C HIS A 84 -0.44 -0.89 -0.71
N LEU A 85 -1.59 -1.15 -1.32
CA LEU A 85 -2.33 -0.13 -2.06
C LEU A 85 -3.60 0.24 -1.29
N PRO A 86 -3.67 1.46 -0.71
CA PRO A 86 -4.82 1.91 0.07
C PRO A 86 -6.15 1.60 -0.62
N PRO A 87 -7.15 1.17 0.16
CA PRO A 87 -8.49 0.83 -0.35
C PRO A 87 -9.16 1.94 -1.16
N PHE A 88 -8.61 3.15 -1.12
CA PHE A 88 -9.22 4.26 -1.85
C PHE A 88 -8.74 4.33 -3.31
N TRP A 89 -7.75 3.52 -3.67
CA TRP A 89 -7.26 3.52 -5.05
C TRP A 89 -7.74 2.29 -5.81
N GLU A 90 -8.43 1.38 -5.12
CA GLU A 90 -8.95 0.18 -5.75
C GLU A 90 -9.73 0.53 -7.01
N GLN A 91 -10.30 1.74 -7.02
CA GLN A 91 -11.07 2.20 -8.16
C GLN A 91 -10.20 3.05 -9.08
N TYR A 92 -9.16 3.67 -8.52
CA TYR A 92 -8.25 4.50 -9.29
C TYR A 92 -7.21 3.66 -10.03
N ILE A 93 -7.18 2.35 -9.74
CA ILE A 93 -6.22 1.45 -10.37
C ILE A 93 -6.76 0.82 -11.64
N ASN A 94 -6.19 1.21 -12.78
CA ASN A 94 -6.60 0.68 -14.08
C ASN A 94 -5.57 -0.34 -14.57
N ASP A 95 -5.68 -0.73 -15.84
CA ASP A 95 -4.75 -1.70 -16.42
C ASP A 95 -3.30 -1.32 -16.10
N GLU A 96 -2.93 -0.09 -16.48
CA GLU A 96 -1.60 0.42 -16.21
C GLU A 96 -1.72 1.72 -15.41
N ASN A 97 -1.06 1.80 -14.27
CA ASN A 97 -1.15 2.99 -13.44
C ASN A 97 0.18 3.45 -12.90
N THR A 98 0.28 4.75 -12.66
CA THR A 98 1.47 5.34 -12.10
C THR A 98 1.46 5.08 -10.60
N VAL A 99 2.33 4.19 -10.15
CA VAL A 99 2.38 3.82 -8.74
C VAL A 99 3.69 4.22 -8.08
N GLU A 100 3.59 5.05 -7.05
CA GLU A 100 4.74 5.48 -6.30
C GLU A 100 4.69 4.86 -4.91
N LEU A 101 5.64 3.98 -4.63
CA LEU A 101 5.67 3.28 -3.35
C LEU A 101 7.05 3.26 -2.72
N ILE A 102 7.07 3.21 -1.40
CA ILE A 102 8.32 3.14 -0.64
C ILE A 102 8.44 1.75 -0.04
N HIS A 103 9.61 1.14 -0.15
CA HIS A 103 9.80 -0.22 0.35
C HIS A 103 9.96 -0.23 1.86
N THR A 104 9.03 -0.89 2.54
CA THR A 104 9.06 -0.99 4.00
C THR A 104 9.85 -2.23 4.43
N ASP A 105 9.66 -2.63 5.68
CA ASP A 105 10.33 -3.82 6.20
C ASP A 105 9.67 -5.08 5.66
N SER A 106 8.45 -4.92 5.16
CA SER A 106 7.69 -6.02 4.60
C SER A 106 7.53 -5.86 3.09
N LEU A 107 6.68 -4.91 2.71
CA LEU A 107 6.43 -4.62 1.30
C LEU A 107 6.38 -3.13 1.05
N PRO A 108 6.40 -2.71 -0.22
CA PRO A 108 6.38 -1.30 -0.59
C PRO A 108 5.00 -0.67 -0.43
N LEU A 109 4.97 0.41 0.35
CA LEU A 109 3.73 1.13 0.59
C LEU A 109 3.51 2.17 -0.51
N VAL A 110 2.43 2.02 -1.23
CA VAL A 110 2.12 2.95 -2.32
C VAL A 110 1.60 4.27 -1.75
N ILE A 111 2.50 5.26 -1.72
CA ILE A 111 2.17 6.57 -1.18
C ILE A 111 1.37 7.41 -2.16
N SER A 112 1.51 7.13 -3.45
CA SER A 112 0.77 7.89 -4.46
C SER A 112 0.35 7.01 -5.63
N LEU A 113 -0.63 7.49 -6.39
CA LEU A 113 -1.14 6.77 -7.55
C LEU A 113 -1.55 7.75 -8.63
N ASN A 114 -1.64 7.26 -9.86
CA ASN A 114 -2.01 8.11 -11.00
C ASN A 114 -3.20 9.02 -10.66
N GLY A 115 -2.90 10.28 -10.35
CA GLY A 115 -3.97 11.24 -10.06
C GLY A 115 -4.55 11.13 -8.66
N HIS A 116 -3.80 10.57 -7.72
CA HIS A 116 -4.27 10.42 -6.35
C HIS A 116 -3.11 10.30 -5.38
N THR A 117 -3.38 10.56 -4.11
CA THR A 117 -2.34 10.49 -3.09
C THR A 117 -2.90 9.99 -1.76
N LEU A 118 -2.01 9.45 -0.94
CA LEU A 118 -2.39 8.92 0.37
C LEU A 118 -2.82 10.02 1.32
N GLN A 119 -2.10 11.13 1.28
CA GLN A 119 -2.41 12.27 2.14
C GLN A 119 -2.60 13.53 1.30
N GLU A 120 -3.75 13.60 0.63
CA GLU A 120 -4.06 14.75 -0.21
C GLU A 120 -4.73 15.85 0.60
N ALA A 2 9.79 -5.11 -13.11
CA ALA A 2 8.86 -4.23 -12.35
C ALA A 2 9.58 -2.99 -11.83
N PHE A 3 10.64 -3.21 -11.05
CA PHE A 3 11.42 -2.12 -10.49
C PHE A 3 12.78 -2.02 -11.17
N ALA A 4 12.87 -2.48 -12.40
CA ALA A 4 14.11 -2.44 -13.16
C ALA A 4 14.43 -1.04 -13.64
N ASP A 5 13.39 -0.29 -14.01
CA ASP A 5 13.55 1.07 -14.50
C ASP A 5 12.73 2.06 -13.67
N ALA A 6 12.14 1.59 -12.57
CA ALA A 6 11.33 2.43 -11.70
C ALA A 6 12.16 3.60 -11.16
N GLN A 7 11.63 4.81 -11.34
CA GLN A 7 12.32 6.01 -10.86
C GLN A 7 12.47 5.97 -9.34
N THR A 8 13.22 6.91 -8.79
CA THR A 8 13.44 6.97 -7.36
C THR A 8 13.58 8.42 -6.87
N ARG A 9 13.15 8.66 -5.65
CA ARG A 9 13.21 9.98 -5.05
C ARG A 9 13.08 9.88 -3.54
N LYS A 10 13.53 10.90 -2.82
CA LYS A 10 13.47 10.90 -1.37
C LYS A 10 12.09 11.32 -0.88
N LEU A 11 11.61 10.64 0.16
CA LEU A 11 10.30 10.92 0.73
C LEU A 11 10.39 12.07 1.74
N THR A 12 9.57 13.10 1.54
CA THR A 12 9.55 14.25 2.44
C THR A 12 8.99 13.88 3.81
N PRO A 13 9.37 14.63 4.85
CA PRO A 13 8.88 14.36 6.22
C PRO A 13 7.37 14.47 6.30
N GLU A 14 6.80 15.39 5.53
CA GLU A 14 5.36 15.59 5.52
C GLU A 14 4.66 14.36 4.93
N GLU A 15 5.16 13.90 3.78
CA GLU A 15 4.58 12.74 3.13
C GLU A 15 4.78 11.49 3.99
N ARG A 16 5.94 11.41 4.65
CA ARG A 16 6.25 10.28 5.50
C ARG A 16 5.41 10.33 6.78
N SER A 17 5.12 11.53 7.24
CA SER A 17 4.31 11.72 8.43
C SER A 17 2.91 11.18 8.21
N ALA A 18 2.28 11.63 7.13
CA ALA A 18 0.94 11.18 6.79
C ALA A 18 0.92 9.68 6.59
N VAL A 19 1.88 9.18 5.83
CA VAL A 19 2.00 7.76 5.57
C VAL A 19 2.01 6.99 6.88
N GLU A 20 2.84 7.44 7.81
CA GLU A 20 2.94 6.82 9.12
C GLU A 20 1.57 6.84 9.80
N ASN A 21 0.83 7.91 9.58
CA ASN A 21 -0.50 8.05 10.15
C ASN A 21 -1.49 7.13 9.44
N TYR A 22 -1.25 6.89 8.15
CA TYR A 22 -2.11 6.03 7.35
C TYR A 22 -1.87 4.57 7.71
N LEU A 23 -0.62 4.20 7.88
CA LEU A 23 -0.26 2.84 8.23
C LEU A 23 -0.63 2.53 9.67
N GLU A 24 -0.48 3.52 10.54
CA GLU A 24 -0.81 3.37 11.95
C GLU A 24 -2.31 3.19 12.14
N SER A 25 -3.08 4.06 11.51
CA SER A 25 -4.54 3.99 11.60
C SER A 25 -5.05 2.78 10.84
N LEU A 26 -4.29 2.37 9.83
CA LEU A 26 -4.66 1.22 9.01
C LEU A 26 -4.95 0.00 9.88
N THR A 27 -3.99 -0.35 10.71
CA THR A 27 -4.12 -1.49 11.61
C THR A 27 -5.21 -1.25 12.65
N GLN A 28 -5.43 0.01 12.99
CA GLN A 28 -6.45 0.38 13.96
C GLN A 28 -7.84 0.22 13.38
N VAL A 29 -7.98 0.56 12.10
CA VAL A 29 -9.27 0.47 11.41
C VAL A 29 -9.52 -0.96 10.95
N LEU A 30 -10.64 -1.53 11.39
CA LEU A 30 -11.01 -2.89 11.02
C LEU A 30 -12.45 -2.96 10.53
N GLN A 31 -12.93 -4.17 10.27
CA GLN A 31 -14.29 -4.36 9.80
C GLN A 31 -15.09 -5.19 10.79
N VAL A 32 -14.76 -6.47 10.88
CA VAL A 32 -15.43 -7.39 11.80
C VAL A 32 -16.95 -7.19 11.78
N PRO A 33 -17.66 -7.90 10.88
CA PRO A 33 -19.12 -7.79 10.77
C PRO A 33 -19.82 -7.94 12.11
N GLY A 34 -19.18 -8.65 13.03
CA GLY A 34 -19.75 -8.85 14.35
C GLY A 34 -19.19 -10.08 15.05
N PRO A 35 -19.85 -11.24 14.91
CA PRO A 35 -19.39 -12.48 15.53
C PRO A 35 -18.12 -13.02 14.89
N THR A 36 -17.41 -13.87 15.63
CA THR A 36 -16.17 -14.46 15.13
C THR A 36 -15.14 -13.38 14.81
N GLY A 37 -13.88 -13.78 14.72
CA GLY A 37 -12.82 -12.83 14.41
C GLY A 37 -11.62 -13.00 15.32
N ALA A 38 -10.91 -14.11 15.17
CA ALA A 38 -9.73 -14.39 15.97
C ALA A 38 -8.78 -15.35 15.25
N SER A 39 -8.63 -15.14 13.95
CA SER A 39 -7.75 -15.99 13.15
C SER A 39 -7.39 -15.30 11.83
N ALA A 40 -7.34 -13.97 11.84
CA ALA A 40 -7.02 -13.20 10.66
C ALA A 40 -5.81 -12.30 10.89
N ALA A 41 -4.62 -12.85 10.73
CA ALA A 41 -3.39 -12.11 10.94
C ALA A 41 -3.35 -10.87 10.03
N PRO A 42 -3.31 -9.66 10.63
CA PRO A 42 -3.28 -8.40 9.86
C PRO A 42 -1.98 -8.25 9.08
N ILE A 43 -2.08 -7.65 7.89
CA ILE A 43 -0.91 -7.43 7.05
C ILE A 43 -0.53 -5.96 7.02
N SER A 44 0.43 -5.59 7.87
CA SER A 44 0.91 -4.21 7.94
C SER A 44 2.40 -4.16 7.67
N LEU A 45 2.83 -3.14 6.92
CA LEU A 45 4.24 -2.99 6.59
C LEU A 45 4.96 -2.15 7.64
N ALA A 46 6.13 -2.64 8.08
CA ALA A 46 6.92 -1.93 9.07
C ALA A 46 7.90 -0.98 8.40
N LEU A 47 8.07 0.21 8.97
CA LEU A 47 8.97 1.20 8.40
C LEU A 47 10.42 0.74 8.44
N ASN A 48 11.15 1.03 7.36
CA ASN A 48 12.55 0.66 7.24
C ASN A 48 13.35 1.79 6.57
N ALA A 49 14.63 1.56 6.37
CA ALA A 49 15.51 2.55 5.76
C ALA A 49 15.07 2.85 4.32
N GLU A 50 14.46 1.87 3.66
CA GLU A 50 13.99 2.05 2.29
C GLU A 50 12.65 2.78 2.28
N SER A 51 11.95 2.75 3.40
CA SER A 51 10.66 3.41 3.54
C SER A 51 10.75 4.89 3.19
N ASN A 52 11.97 5.43 3.16
CA ASN A 52 12.17 6.84 2.84
C ASN A 52 12.36 7.04 1.34
N ASN A 53 13.01 6.08 0.70
CA ASN A 53 13.26 6.15 -0.74
C ASN A 53 12.03 5.71 -1.53
N VAL A 54 11.35 6.67 -2.14
CA VAL A 54 10.16 6.39 -2.93
C VAL A 54 10.51 5.91 -4.34
N MET A 55 9.90 4.79 -4.72
CA MET A 55 10.11 4.21 -6.04
C MET A 55 8.93 4.50 -6.95
N MET A 56 9.21 5.06 -8.12
CA MET A 56 8.15 5.39 -9.08
C MET A 56 8.14 4.40 -10.24
N LEU A 57 6.97 3.85 -10.54
CA LEU A 57 6.86 2.89 -11.63
C LEU A 57 5.44 2.80 -12.17
N THR A 58 5.33 2.58 -13.47
CA THR A 58 4.03 2.40 -14.09
C THR A 58 3.74 0.91 -14.09
N HIS A 59 2.75 0.49 -13.33
CA HIS A 59 2.45 -0.93 -13.21
C HIS A 59 1.01 -1.18 -12.76
N ALA A 60 0.48 -2.33 -13.14
CA ALA A 60 -0.88 -2.71 -12.77
C ALA A 60 -0.88 -3.35 -11.38
N ILE A 61 -1.69 -2.80 -10.48
CA ILE A 61 -1.76 -3.32 -9.12
C ILE A 61 -2.81 -4.42 -9.02
N THR A 62 -2.40 -5.55 -8.48
CA THR A 62 -3.29 -6.69 -8.31
C THR A 62 -3.97 -6.62 -6.94
N ARG A 63 -5.16 -7.20 -6.85
CA ARG A 63 -5.90 -7.19 -5.60
C ARG A 63 -6.12 -8.60 -5.06
N TYR A 64 -5.51 -8.88 -3.91
CA TYR A 64 -5.66 -10.20 -3.29
C TYR A 64 -6.34 -10.08 -1.93
N GLY A 65 -7.65 -10.33 -1.91
CA GLY A 65 -8.39 -10.26 -0.67
C GLY A 65 -8.20 -11.50 0.19
N ILE A 66 -7.64 -11.32 1.37
CA ILE A 66 -7.40 -12.44 2.28
C ILE A 66 -7.89 -12.12 3.69
N SER A 67 -8.78 -11.14 3.81
CA SER A 67 -9.32 -10.75 5.11
C SER A 67 -10.84 -10.88 5.13
N THR A 68 -11.46 -10.69 3.97
CA THR A 68 -12.91 -10.77 3.85
C THR A 68 -13.32 -10.86 2.38
N ASP A 69 -14.59 -11.20 2.14
CA ASP A 69 -15.10 -11.32 0.79
C ASP A 69 -15.85 -10.05 0.36
N ASP A 70 -15.65 -8.97 1.10
CA ASP A 70 -16.30 -7.70 0.79
C ASP A 70 -15.28 -6.59 0.64
N PRO A 71 -15.42 -5.73 -0.39
CA PRO A 71 -14.49 -4.63 -0.65
C PRO A 71 -13.96 -3.97 0.62
N ASN A 72 -12.86 -4.50 1.15
CA ASN A 72 -12.26 -3.95 2.36
C ASN A 72 -10.76 -4.26 2.42
N LYS A 73 -10.15 -3.93 3.56
CA LYS A 73 -8.73 -4.15 3.79
C LYS A 73 -8.24 -5.48 3.21
N TRP A 74 -7.42 -5.38 2.17
CA TRP A 74 -6.86 -6.55 1.49
C TRP A 74 -5.42 -6.27 1.06
N ARG A 75 -4.78 -7.29 0.48
CA ARG A 75 -3.39 -7.15 0.03
C ARG A 75 -3.34 -6.88 -1.47
N TYR A 76 -2.40 -6.02 -1.88
CA TYR A 76 -2.24 -5.71 -3.29
C TYR A 76 -0.94 -6.30 -3.80
N TYR A 77 -0.77 -6.39 -5.11
CA TYR A 77 0.44 -6.98 -5.65
C TYR A 77 0.94 -6.25 -6.88
N LEU A 78 2.20 -5.81 -6.82
CA LEU A 78 2.84 -5.13 -7.92
C LEU A 78 3.72 -6.12 -8.68
N ASP A 79 3.23 -6.59 -9.82
CA ASP A 79 3.98 -7.56 -10.60
C ASP A 79 4.06 -8.88 -9.82
N SER A 80 5.27 -9.39 -9.59
CA SER A 80 5.44 -10.63 -8.84
C SER A 80 5.78 -10.34 -7.38
N VAL A 81 5.51 -9.12 -6.93
CA VAL A 81 5.81 -8.73 -5.55
C VAL A 81 4.57 -8.21 -4.83
N GLU A 82 4.43 -8.56 -3.56
CA GLU A 82 3.30 -8.13 -2.76
C GLU A 82 3.49 -6.68 -2.32
N VAL A 83 2.45 -5.87 -2.48
CA VAL A 83 2.52 -4.46 -2.09
C VAL A 83 1.25 -3.98 -1.38
N HIS A 84 1.37 -2.79 -0.79
CA HIS A 84 0.26 -2.19 -0.06
C HIS A 84 -0.35 -1.03 -0.84
N LEU A 85 -1.65 -1.14 -1.11
CA LEU A 85 -2.39 -0.11 -1.84
C LEU A 85 -3.62 0.29 -1.04
N PRO A 86 -3.70 1.55 -0.59
CA PRO A 86 -4.85 2.02 0.20
C PRO A 86 -6.18 1.74 -0.48
N PRO A 87 -7.16 1.26 0.30
CA PRO A 87 -8.51 0.93 -0.21
C PRO A 87 -9.19 2.04 -1.01
N PHE A 88 -8.65 3.25 -0.97
CA PHE A 88 -9.25 4.37 -1.71
C PHE A 88 -8.79 4.43 -3.16
N TRP A 89 -7.80 3.62 -3.52
CA TRP A 89 -7.31 3.61 -4.88
C TRP A 89 -7.85 2.42 -5.66
N GLU A 90 -8.67 1.59 -5.00
CA GLU A 90 -9.27 0.43 -5.63
C GLU A 90 -9.99 0.83 -6.91
N GLN A 91 -10.58 2.02 -6.88
CA GLN A 91 -11.30 2.55 -8.03
C GLN A 91 -10.37 3.36 -8.94
N TYR A 92 -9.25 3.79 -8.38
CA TYR A 92 -8.27 4.58 -9.13
C TYR A 92 -7.30 3.69 -9.90
N ILE A 93 -7.25 2.41 -9.55
CA ILE A 93 -6.33 1.49 -10.23
C ILE A 93 -6.88 1.06 -11.59
N ASN A 94 -6.06 1.26 -12.63
CA ASN A 94 -6.44 0.90 -13.98
C ASN A 94 -5.49 -0.17 -14.54
N ASP A 95 -5.63 -0.48 -15.83
CA ASP A 95 -4.77 -1.49 -16.46
C ASP A 95 -3.31 -1.19 -16.14
N GLU A 96 -2.89 0.02 -16.48
CA GLU A 96 -1.54 0.48 -16.20
C GLU A 96 -1.62 1.76 -15.40
N ASN A 97 -0.95 1.81 -14.25
CA ASN A 97 -1.03 3.00 -13.41
C ASN A 97 0.34 3.45 -12.91
N THR A 98 0.43 4.76 -12.68
CA THR A 98 1.63 5.35 -12.14
C THR A 98 1.61 5.15 -10.63
N VAL A 99 2.47 4.28 -10.14
CA VAL A 99 2.51 3.96 -8.72
C VAL A 99 3.84 4.34 -8.07
N GLU A 100 3.75 5.10 -6.99
CA GLU A 100 4.92 5.51 -6.24
C GLU A 100 4.86 4.88 -4.86
N LEU A 101 5.81 4.00 -4.58
CA LEU A 101 5.82 3.29 -3.30
C LEU A 101 7.21 3.22 -2.67
N ILE A 102 7.23 3.19 -1.34
CA ILE A 102 8.49 3.08 -0.58
C ILE A 102 8.55 1.68 0.01
N HIS A 103 9.70 1.02 -0.11
CA HIS A 103 9.85 -0.33 0.38
C HIS A 103 9.99 -0.37 1.90
N THR A 104 9.03 -1.04 2.55
CA THR A 104 9.03 -1.17 4.00
C THR A 104 9.83 -2.39 4.43
N ASP A 105 9.63 -2.82 5.67
CA ASP A 105 10.33 -3.99 6.19
C ASP A 105 9.70 -5.25 5.61
N SER A 106 8.50 -5.11 5.06
CA SER A 106 7.78 -6.23 4.47
C SER A 106 7.64 -6.02 2.96
N LEU A 107 6.75 -5.10 2.59
CA LEU A 107 6.50 -4.79 1.19
C LEU A 107 6.45 -3.27 0.99
N PRO A 108 6.48 -2.82 -0.27
CA PRO A 108 6.44 -1.39 -0.59
C PRO A 108 5.06 -0.77 -0.40
N LEU A 109 5.04 0.34 0.32
CA LEU A 109 3.81 1.07 0.57
C LEU A 109 3.57 2.10 -0.53
N VAL A 110 2.46 1.95 -1.25
CA VAL A 110 2.13 2.87 -2.32
C VAL A 110 1.66 4.21 -1.75
N ILE A 111 2.58 5.18 -1.74
CA ILE A 111 2.29 6.49 -1.20
C ILE A 111 1.48 7.35 -2.17
N SER A 112 1.61 7.07 -3.47
CA SER A 112 0.87 7.84 -4.47
C SER A 112 0.44 6.98 -5.64
N LEU A 113 -0.54 7.49 -6.39
CA LEU A 113 -1.07 6.79 -7.55
C LEU A 113 -1.46 7.80 -8.62
N ASN A 114 -1.51 7.36 -9.88
CA ASN A 114 -1.87 8.27 -10.98
C ASN A 114 -3.07 9.16 -10.65
N GLY A 115 -2.80 10.40 -10.28
CA GLY A 115 -3.86 11.35 -9.97
C GLY A 115 -4.46 11.18 -8.59
N HIS A 116 -3.69 10.62 -7.66
CA HIS A 116 -4.18 10.43 -6.29
C HIS A 116 -3.01 10.32 -5.32
N THR A 117 -3.28 10.58 -4.05
CA THR A 117 -2.25 10.51 -3.03
C THR A 117 -2.81 10.00 -1.71
N LEU A 118 -1.93 9.37 -0.91
CA LEU A 118 -2.32 8.82 0.38
C LEU A 118 -2.82 9.91 1.32
N GLN A 119 -2.23 11.09 1.21
CA GLN A 119 -2.61 12.22 2.04
C GLN A 119 -2.97 13.42 1.19
N GLU A 120 -4.16 13.37 0.58
CA GLU A 120 -4.62 14.45 -0.28
C GLU A 120 -5.28 15.56 0.56
N ALA A 2 11.10 -6.45 -10.98
CA ALA A 2 9.81 -5.74 -11.25
C ALA A 2 9.97 -4.24 -11.06
N PHE A 3 10.83 -3.85 -10.13
CA PHE A 3 11.07 -2.44 -9.86
C PHE A 3 12.49 -2.04 -10.25
N ALA A 4 13.01 -2.69 -11.28
CA ALA A 4 14.36 -2.39 -11.76
C ALA A 4 14.39 -1.08 -12.55
N ASP A 5 13.40 -0.90 -13.41
CA ASP A 5 13.31 0.30 -14.23
C ASP A 5 12.50 1.39 -13.52
N ALA A 6 12.14 1.14 -12.27
CA ALA A 6 11.37 2.09 -11.48
C ALA A 6 12.24 3.24 -11.00
N GLN A 7 11.76 4.47 -11.21
CA GLN A 7 12.50 5.66 -10.79
C GLN A 7 12.58 5.71 -9.26
N THR A 8 13.33 6.67 -8.74
CA THR A 8 13.47 6.81 -7.30
C THR A 8 13.82 8.24 -6.91
N ARG A 9 13.42 8.61 -5.69
CA ARG A 9 13.70 9.94 -5.16
C ARG A 9 13.49 9.94 -3.64
N LYS A 10 13.95 11.00 -2.98
CA LYS A 10 13.81 11.09 -1.53
C LYS A 10 12.43 11.59 -1.14
N LEU A 11 11.87 10.96 -0.12
CA LEU A 11 10.55 11.31 0.40
C LEU A 11 10.62 12.50 1.35
N THR A 12 9.59 13.33 1.34
CA THR A 12 9.54 14.49 2.21
C THR A 12 8.96 14.12 3.57
N PRO A 13 9.31 14.86 4.63
CA PRO A 13 8.81 14.60 5.98
C PRO A 13 7.29 14.70 6.06
N GLU A 14 6.72 15.55 5.21
CA GLU A 14 5.27 15.72 5.17
C GLU A 14 4.60 14.49 4.58
N GLU A 15 5.16 14.00 3.47
CA GLU A 15 4.63 12.82 2.81
C GLU A 15 4.89 11.57 3.65
N ARG A 16 6.07 11.52 4.26
CA ARG A 16 6.44 10.39 5.10
C ARG A 16 5.64 10.39 6.40
N SER A 17 5.26 11.57 6.85
CA SER A 17 4.47 11.71 8.07
C SER A 17 3.03 11.28 7.83
N ALA A 18 2.49 11.66 6.69
CA ALA A 18 1.13 11.32 6.33
C ALA A 18 0.99 9.82 6.16
N VAL A 19 1.95 9.23 5.44
CA VAL A 19 1.95 7.79 5.21
C VAL A 19 2.02 7.05 6.53
N GLU A 20 3.06 7.35 7.31
CA GLU A 20 3.24 6.71 8.61
C GLU A 20 1.98 6.84 9.44
N ASN A 21 1.28 7.96 9.29
CA ASN A 21 0.04 8.19 10.02
C ASN A 21 -1.05 7.26 9.51
N TYR A 22 -1.05 7.03 8.20
CA TYR A 22 -2.02 6.16 7.56
C TYR A 22 -1.76 4.70 7.92
N LEU A 23 -0.52 4.27 7.78
CA LEU A 23 -0.16 2.88 8.10
C LEU A 23 -0.40 2.60 9.58
N GLU A 24 -0.15 3.60 10.41
CA GLU A 24 -0.34 3.46 11.85
C GLU A 24 -1.81 3.26 12.18
N SER A 25 -2.65 4.12 11.63
CA SER A 25 -4.09 4.03 11.83
C SER A 25 -4.64 2.74 11.20
N LEU A 26 -3.93 2.26 10.19
CA LEU A 26 -4.32 1.05 9.48
C LEU A 26 -4.27 -0.16 10.41
N THR A 27 -3.19 -0.27 11.16
CA THR A 27 -3.02 -1.37 12.09
C THR A 27 -3.96 -1.23 13.27
N GLN A 28 -4.24 0.02 13.66
CA GLN A 28 -5.14 0.28 14.78
C GLN A 28 -6.56 -0.15 14.44
N VAL A 29 -6.92 -0.03 13.17
CA VAL A 29 -8.25 -0.42 12.72
C VAL A 29 -8.26 -1.85 12.18
N LEU A 30 -8.88 -2.76 12.91
CA LEU A 30 -8.96 -4.15 12.51
C LEU A 30 -10.28 -4.78 12.96
N GLN A 31 -10.66 -5.88 12.32
CA GLN A 31 -11.89 -6.57 12.66
C GLN A 31 -11.60 -7.95 13.26
N VAL A 32 -10.54 -8.59 12.77
CA VAL A 32 -10.14 -9.91 13.26
C VAL A 32 -11.34 -10.83 13.47
N PRO A 33 -11.82 -11.47 12.38
CA PRO A 33 -12.97 -12.38 12.46
C PRO A 33 -12.78 -13.48 13.48
N GLY A 34 -11.55 -13.97 13.59
CA GLY A 34 -11.25 -15.03 14.54
C GLY A 34 -9.82 -15.54 14.40
N PRO A 35 -8.83 -14.69 14.70
CA PRO A 35 -7.41 -15.08 14.61
C PRO A 35 -7.02 -16.08 15.69
N THR A 36 -5.88 -16.75 15.48
CA THR A 36 -5.40 -17.74 16.43
C THR A 36 -3.91 -17.56 16.70
N GLY A 37 -3.35 -18.41 17.55
CA GLY A 37 -1.94 -18.33 17.87
C GLY A 37 -1.05 -18.61 16.67
N ALA A 38 -0.67 -17.55 15.96
CA ALA A 38 0.18 -17.69 14.78
C ALA A 38 -0.48 -18.57 13.73
N SER A 39 -1.34 -17.96 12.91
CA SER A 39 -2.03 -18.69 11.86
C SER A 39 -2.17 -17.83 10.61
N ALA A 40 -2.58 -16.59 10.79
CA ALA A 40 -2.76 -15.66 9.68
C ALA A 40 -2.74 -14.22 10.16
N ALA A 41 -1.76 -13.46 9.69
CA ALA A 41 -1.63 -12.05 10.07
C ALA A 41 -2.27 -11.14 9.03
N PRO A 42 -2.68 -9.93 9.43
CA PRO A 42 -3.31 -8.96 8.53
C PRO A 42 -2.32 -8.37 7.53
N ILE A 43 -2.74 -7.34 6.82
CA ILE A 43 -1.88 -6.68 5.84
C ILE A 43 -1.32 -5.37 6.38
N SER A 44 -0.20 -5.46 7.09
CA SER A 44 0.45 -4.29 7.67
C SER A 44 1.96 -4.38 7.49
N LEU A 45 2.54 -3.34 6.91
CA LEU A 45 3.98 -3.30 6.68
C LEU A 45 4.68 -2.33 7.63
N ALA A 46 5.78 -2.78 8.21
CA ALA A 46 6.57 -1.96 9.13
C ALA A 46 7.57 -1.10 8.38
N LEU A 47 7.56 0.20 8.67
CA LEU A 47 8.45 1.13 7.99
C LEU A 47 9.91 0.86 8.32
N ASN A 48 10.79 1.17 7.36
CA ASN A 48 12.22 0.97 7.53
C ASN A 48 12.99 2.15 6.93
N ALA A 49 14.32 2.08 6.98
CA ALA A 49 15.15 3.16 6.43
C ALA A 49 14.79 3.44 4.98
N GLU A 50 14.36 2.42 4.26
CA GLU A 50 13.97 2.57 2.87
C GLU A 50 12.71 3.43 2.77
N SER A 51 11.98 3.52 3.88
CA SER A 51 10.76 4.33 3.93
C SER A 51 10.98 5.74 3.42
N ASN A 52 12.25 6.14 3.31
CA ASN A 52 12.58 7.47 2.83
C ASN A 52 12.76 7.49 1.31
N ASN A 53 13.29 6.40 0.77
CA ASN A 53 13.53 6.29 -0.66
C ASN A 53 12.26 5.84 -1.39
N VAL A 54 11.62 6.77 -2.09
CA VAL A 54 10.40 6.45 -2.84
C VAL A 54 10.73 5.89 -4.22
N MET A 55 9.93 4.92 -4.65
CA MET A 55 10.13 4.29 -5.96
C MET A 55 8.93 4.57 -6.87
N MET A 56 9.20 5.10 -8.05
CA MET A 56 8.14 5.41 -9.00
C MET A 56 8.16 4.46 -10.19
N LEU A 57 6.99 3.92 -10.54
CA LEU A 57 6.89 2.99 -11.65
C LEU A 57 5.48 2.89 -12.20
N THR A 58 5.39 2.76 -13.52
CA THR A 58 4.10 2.59 -14.18
C THR A 58 3.84 1.09 -14.26
N HIS A 59 2.83 0.63 -13.52
CA HIS A 59 2.56 -0.80 -13.48
C HIS A 59 1.12 -1.12 -13.11
N ALA A 60 0.65 -2.29 -13.54
CA ALA A 60 -0.70 -2.73 -13.24
C ALA A 60 -0.77 -3.27 -11.81
N ILE A 61 -1.78 -2.83 -11.07
CA ILE A 61 -1.94 -3.26 -9.69
C ILE A 61 -2.99 -4.36 -9.56
N THR A 62 -2.73 -5.31 -8.67
CA THR A 62 -3.64 -6.43 -8.44
C THR A 62 -4.23 -6.38 -7.04
N ARG A 63 -5.43 -6.93 -6.88
CA ARG A 63 -6.09 -6.95 -5.59
C ARG A 63 -6.32 -8.38 -5.10
N TYR A 64 -5.62 -8.76 -4.05
CA TYR A 64 -5.74 -10.10 -3.48
C TYR A 64 -6.45 -10.05 -2.12
N GLY A 65 -7.75 -10.32 -2.13
CA GLY A 65 -8.51 -10.30 -0.90
C GLY A 65 -8.34 -11.56 -0.07
N ILE A 66 -8.02 -11.38 1.20
CA ILE A 66 -7.82 -12.51 2.10
C ILE A 66 -8.54 -12.30 3.43
N SER A 67 -8.45 -11.08 3.95
CA SER A 67 -9.10 -10.74 5.21
C SER A 67 -10.60 -11.02 5.16
N THR A 68 -11.18 -10.83 3.98
CA THR A 68 -12.61 -11.05 3.80
C THR A 68 -12.97 -11.11 2.31
N ASP A 69 -14.23 -11.47 2.03
CA ASP A 69 -14.70 -11.56 0.65
C ASP A 69 -15.54 -10.35 0.27
N ASP A 70 -15.54 -9.33 1.13
CA ASP A 70 -16.29 -8.10 0.87
C ASP A 70 -15.35 -6.93 0.66
N PRO A 71 -15.56 -6.13 -0.40
CA PRO A 71 -14.73 -4.96 -0.72
C PRO A 71 -14.20 -4.23 0.51
N ASN A 72 -13.06 -4.68 1.01
CA ASN A 72 -12.44 -4.08 2.18
C ASN A 72 -10.94 -4.39 2.26
N LYS A 73 -10.34 -4.07 3.40
CA LYS A 73 -8.91 -4.28 3.63
C LYS A 73 -8.42 -5.59 3.03
N TRP A 74 -7.60 -5.47 2.00
CA TRP A 74 -7.02 -6.62 1.30
C TRP A 74 -5.57 -6.33 0.91
N ARG A 75 -4.92 -7.33 0.31
CA ARG A 75 -3.53 -7.19 -0.13
C ARG A 75 -3.48 -6.86 -1.61
N TYR A 76 -2.56 -6.00 -2.01
CA TYR A 76 -2.43 -5.64 -3.41
C TYR A 76 -1.11 -6.17 -3.96
N TYR A 77 -0.97 -6.21 -5.27
CA TYR A 77 0.25 -6.73 -5.87
C TYR A 77 0.68 -5.94 -7.10
N LEU A 78 1.98 -5.76 -7.23
CA LEU A 78 2.56 -5.07 -8.37
C LEU A 78 3.54 -6.01 -9.06
N ASP A 79 3.16 -6.48 -10.24
CA ASP A 79 4.00 -7.42 -10.97
C ASP A 79 4.08 -8.74 -10.17
N SER A 80 5.29 -9.22 -9.89
CA SER A 80 5.46 -10.45 -9.13
C SER A 80 5.72 -10.15 -7.66
N VAL A 81 5.38 -8.93 -7.21
CA VAL A 81 5.60 -8.55 -5.82
C VAL A 81 4.31 -8.11 -5.14
N GLU A 82 4.29 -8.23 -3.82
CA GLU A 82 3.12 -7.84 -3.03
C GLU A 82 3.26 -6.40 -2.53
N VAL A 83 2.23 -5.60 -2.74
CA VAL A 83 2.26 -4.21 -2.32
C VAL A 83 1.01 -3.81 -1.53
N HIS A 84 1.13 -2.69 -0.82
CA HIS A 84 0.03 -2.16 -0.01
C HIS A 84 -0.61 -0.96 -0.69
N LEU A 85 -1.77 -1.18 -1.29
CA LEU A 85 -2.51 -0.11 -1.97
C LEU A 85 -3.74 0.28 -1.15
N PRO A 86 -3.81 1.53 -0.67
CA PRO A 86 -4.93 2.01 0.13
C PRO A 86 -6.28 1.76 -0.55
N PRO A 87 -7.28 1.32 0.23
CA PRO A 87 -8.63 1.03 -0.27
C PRO A 87 -9.27 2.15 -1.09
N PHE A 88 -8.70 3.35 -1.06
CA PHE A 88 -9.27 4.47 -1.80
C PHE A 88 -8.77 4.56 -3.24
N TRP A 89 -7.79 3.73 -3.61
CA TRP A 89 -7.27 3.75 -4.97
C TRP A 89 -7.76 2.54 -5.77
N GLU A 90 -8.42 1.61 -5.10
CA GLU A 90 -8.95 0.41 -5.77
C GLU A 90 -9.76 0.82 -7.00
N GLN A 91 -10.35 2.01 -6.95
CA GLN A 91 -11.14 2.52 -8.05
C GLN A 91 -10.28 3.38 -8.98
N TYR A 92 -9.25 3.99 -8.42
CA TYR A 92 -8.34 4.83 -9.19
C TYR A 92 -7.33 3.99 -9.97
N ILE A 93 -7.32 2.68 -9.71
CA ILE A 93 -6.37 1.78 -10.38
C ILE A 93 -6.95 1.19 -11.67
N ASN A 94 -6.32 1.54 -12.79
CA ASN A 94 -6.72 1.03 -14.10
C ASN A 94 -5.77 -0.07 -14.56
N ASP A 95 -5.87 -0.47 -15.83
CA ASP A 95 -5.01 -1.52 -16.37
C ASP A 95 -3.55 -1.29 -15.96
N GLU A 96 -3.04 -0.11 -16.29
CA GLU A 96 -1.67 0.26 -15.94
C GLU A 96 -1.67 1.63 -15.27
N ASN A 97 -1.08 1.72 -14.09
CA ASN A 97 -1.06 2.97 -13.35
C ASN A 97 0.34 3.45 -13.02
N THR A 98 0.42 4.74 -12.72
CA THR A 98 1.65 5.36 -12.29
C THR A 98 1.68 5.30 -10.78
N VAL A 99 2.53 4.43 -10.23
CA VAL A 99 2.58 4.23 -8.79
C VAL A 99 3.91 4.63 -8.18
N GLU A 100 3.83 5.28 -7.03
CA GLU A 100 4.98 5.68 -6.26
C GLU A 100 4.89 5.01 -4.90
N LEU A 101 5.84 4.13 -4.61
CA LEU A 101 5.80 3.39 -3.36
C LEU A 101 7.17 3.27 -2.71
N ILE A 102 7.14 3.06 -1.40
CA ILE A 102 8.36 2.86 -0.63
C ILE A 102 8.42 1.41 -0.20
N HIS A 103 9.60 0.90 0.11
CA HIS A 103 9.73 -0.50 0.49
C HIS A 103 9.91 -0.66 2.00
N THR A 104 8.94 -1.32 2.62
CA THR A 104 8.97 -1.55 4.06
C THR A 104 9.78 -2.80 4.40
N ASP A 105 9.57 -3.32 5.61
CA ASP A 105 10.26 -4.53 6.04
C ASP A 105 9.53 -5.76 5.54
N SER A 106 8.39 -5.53 4.89
CA SER A 106 7.58 -6.61 4.35
C SER A 106 7.31 -6.37 2.86
N LEU A 107 6.48 -5.38 2.58
CA LEU A 107 6.14 -5.01 1.21
C LEU A 107 6.19 -3.50 1.04
N PRO A 108 6.14 -3.02 -0.21
CA PRO A 108 6.19 -1.59 -0.49
C PRO A 108 4.84 -0.90 -0.30
N LEU A 109 4.85 0.19 0.43
CA LEU A 109 3.65 0.96 0.67
C LEU A 109 3.48 2.02 -0.40
N VAL A 110 2.37 1.94 -1.13
CA VAL A 110 2.09 2.89 -2.19
C VAL A 110 1.62 4.22 -1.61
N ILE A 111 2.53 5.18 -1.55
CA ILE A 111 2.23 6.50 -0.99
C ILE A 111 1.45 7.37 -1.98
N SER A 112 1.63 7.13 -3.27
CA SER A 112 0.93 7.91 -4.29
C SER A 112 0.50 7.04 -5.47
N LEU A 113 -0.51 7.51 -6.19
CA LEU A 113 -1.03 6.81 -7.35
C LEU A 113 -1.39 7.81 -8.44
N ASN A 114 -1.44 7.34 -9.67
CA ASN A 114 -1.75 8.21 -10.80
C ASN A 114 -2.92 9.16 -10.48
N GLY A 115 -2.59 10.40 -10.16
CA GLY A 115 -3.61 11.41 -9.88
C GLY A 115 -4.25 11.29 -8.52
N HIS A 116 -3.52 10.75 -7.54
CA HIS A 116 -4.05 10.63 -6.18
C HIS A 116 -2.92 10.51 -5.17
N THR A 117 -3.25 10.72 -3.91
CA THR A 117 -2.26 10.64 -2.85
C THR A 117 -2.87 10.06 -1.57
N LEU A 118 -2.04 9.38 -0.80
CA LEU A 118 -2.49 8.76 0.45
C LEU A 118 -3.20 9.76 1.35
N GLN A 119 -2.66 10.98 1.42
CA GLN A 119 -3.24 12.02 2.26
C GLN A 119 -3.92 13.08 1.40
N GLU A 120 -5.11 12.76 0.89
CA GLU A 120 -5.86 13.69 0.06
C GLU A 120 -6.95 14.39 0.87
N ALA A 2 10.05 -5.69 -12.46
CA ALA A 2 9.03 -4.61 -12.39
C ALA A 2 9.66 -3.27 -12.01
N PHE A 3 10.63 -3.32 -11.10
CA PHE A 3 11.31 -2.11 -10.66
C PHE A 3 12.69 -2.01 -11.30
N ALA A 4 12.81 -2.50 -12.53
CA ALA A 4 14.07 -2.48 -13.26
C ALA A 4 14.38 -1.09 -13.78
N ASP A 5 13.34 -0.35 -14.17
CA ASP A 5 13.51 1.00 -14.69
C ASP A 5 12.69 2.02 -13.90
N ALA A 6 12.08 1.57 -12.81
CA ALA A 6 11.26 2.45 -11.98
C ALA A 6 12.09 3.62 -11.44
N GLN A 7 11.55 4.82 -11.56
CA GLN A 7 12.24 6.01 -11.07
C GLN A 7 12.35 5.97 -9.55
N THR A 8 13.11 6.90 -8.99
CA THR A 8 13.28 6.94 -7.54
C THR A 8 13.63 8.34 -7.05
N ARG A 9 13.39 8.58 -5.77
CA ARG A 9 13.67 9.86 -5.13
C ARG A 9 13.56 9.72 -3.62
N LYS A 10 13.85 10.79 -2.89
CA LYS A 10 13.78 10.75 -1.44
C LYS A 10 12.42 11.18 -0.93
N LEU A 11 11.96 10.49 0.11
CA LEU A 11 10.68 10.78 0.73
C LEU A 11 10.80 11.96 1.70
N THR A 12 9.79 12.83 1.70
CA THR A 12 9.78 13.99 2.57
C THR A 12 9.32 13.61 3.97
N PRO A 13 9.73 14.37 5.00
CA PRO A 13 9.35 14.10 6.39
C PRO A 13 7.82 14.15 6.57
N GLU A 14 7.18 15.05 5.85
CA GLU A 14 5.72 15.19 5.93
C GLU A 14 5.05 13.95 5.35
N GLU A 15 5.55 13.49 4.20
CA GLU A 15 4.99 12.30 3.56
C GLU A 15 5.16 11.08 4.44
N ARG A 16 6.28 11.02 5.15
CA ARG A 16 6.57 9.89 6.04
C ARG A 16 5.62 9.88 7.23
N SER A 17 5.37 11.06 7.79
CA SER A 17 4.48 11.19 8.94
C SER A 17 3.05 10.81 8.57
N ALA A 18 2.63 11.21 7.37
CA ALA A 18 1.28 10.91 6.90
C ALA A 18 1.11 9.41 6.71
N VAL A 19 2.01 8.80 5.95
CA VAL A 19 1.97 7.37 5.70
C VAL A 19 1.88 6.60 7.02
N GLU A 20 2.70 7.01 7.98
CA GLU A 20 2.71 6.38 9.29
C GLU A 20 1.33 6.51 9.95
N ASN A 21 0.73 7.70 9.79
CA ASN A 21 -0.59 7.96 10.34
C ASN A 21 -1.65 7.14 9.61
N TYR A 22 -1.40 6.90 8.32
CA TYR A 22 -2.31 6.13 7.49
C TYR A 22 -2.25 4.65 7.86
N LEU A 23 -1.03 4.12 7.95
CA LEU A 23 -0.83 2.72 8.30
C LEU A 23 -1.22 2.47 9.75
N GLU A 24 -0.99 3.48 10.59
CA GLU A 24 -1.32 3.38 12.01
C GLU A 24 -2.83 3.29 12.20
N SER A 25 -3.54 4.20 11.56
CA SER A 25 -5.00 4.23 11.64
C SER A 25 -5.58 2.98 10.99
N LEU A 26 -4.87 2.49 9.98
CA LEU A 26 -5.30 1.29 9.26
C LEU A 26 -5.62 0.15 10.22
N THR A 27 -4.62 -0.24 11.01
CA THR A 27 -4.79 -1.31 11.98
C THR A 27 -5.87 -0.97 12.99
N GLN A 28 -6.05 0.32 13.26
CA GLN A 28 -7.06 0.78 14.21
C GLN A 28 -8.46 0.58 13.65
N VAL A 29 -8.60 0.74 12.33
CA VAL A 29 -9.89 0.57 11.68
C VAL A 29 -10.24 -0.90 11.52
N LEU A 30 -10.73 -1.51 12.60
CA LEU A 30 -11.10 -2.91 12.58
C LEU A 30 -12.53 -3.09 12.08
N GLN A 31 -12.84 -4.29 11.62
CA GLN A 31 -14.17 -4.59 11.09
C GLN A 31 -15.01 -5.34 12.14
N VAL A 32 -14.33 -6.18 12.93
CA VAL A 32 -14.99 -6.98 13.96
C VAL A 32 -16.33 -7.53 13.48
N PRO A 33 -16.31 -8.63 12.72
CA PRO A 33 -17.52 -9.27 12.20
C PRO A 33 -18.52 -9.60 13.30
N GLY A 34 -19.55 -10.37 12.96
CA GLY A 34 -20.55 -10.76 13.94
C GLY A 34 -20.06 -11.83 14.88
N PRO A 35 -19.76 -13.04 14.37
CA PRO A 35 -19.29 -14.16 15.19
C PRO A 35 -18.08 -13.78 16.02
N THR A 36 -17.28 -12.85 15.51
CA THR A 36 -16.08 -12.39 16.21
C THR A 36 -15.13 -13.55 16.49
N GLY A 37 -13.96 -13.24 17.01
CA GLY A 37 -12.98 -14.27 17.31
C GLY A 37 -11.64 -14.02 16.62
N ALA A 38 -11.00 -15.11 16.18
CA ALA A 38 -9.71 -15.00 15.50
C ALA A 38 -9.69 -15.86 14.24
N SER A 39 -9.61 -15.20 13.08
CA SER A 39 -9.58 -15.91 11.80
C SER A 39 -8.33 -15.54 11.01
N ALA A 40 -8.00 -14.25 11.01
CA ALA A 40 -6.84 -13.77 10.28
C ALA A 40 -6.21 -12.58 10.99
N ALA A 41 -5.18 -11.99 10.37
CA ALA A 41 -4.50 -10.83 10.94
C ALA A 41 -4.32 -9.74 9.90
N PRO A 42 -4.14 -8.48 10.35
CA PRO A 42 -3.96 -7.34 9.45
C PRO A 42 -2.61 -7.38 8.73
N ILE A 43 -2.41 -6.44 7.81
CA ILE A 43 -1.17 -6.38 7.04
C ILE A 43 -0.57 -4.98 7.12
N SER A 44 0.23 -4.75 8.15
CA SER A 44 0.88 -3.45 8.34
C SER A 44 2.38 -3.58 8.18
N LEU A 45 2.91 -2.99 7.11
CA LEU A 45 4.34 -3.04 6.83
C LEU A 45 5.15 -2.37 7.93
N ALA A 46 6.44 -2.71 7.99
CA ALA A 46 7.33 -2.14 8.99
C ALA A 46 8.25 -1.11 8.33
N LEU A 47 8.31 0.08 8.91
CA LEU A 47 9.13 1.15 8.35
C LEU A 47 10.62 0.82 8.43
N ASN A 48 11.34 1.18 7.38
CA ASN A 48 12.79 0.95 7.30
C ASN A 48 13.48 2.14 6.67
N ALA A 49 14.80 2.05 6.52
CA ALA A 49 15.57 3.14 5.91
C ALA A 49 15.11 3.42 4.50
N GLU A 50 14.65 2.39 3.81
CA GLU A 50 14.16 2.54 2.44
C GLU A 50 12.93 3.46 2.42
N SER A 51 12.25 3.56 3.56
CA SER A 51 11.08 4.40 3.68
C SER A 51 11.35 5.81 3.17
N ASN A 52 12.64 6.20 3.17
CA ASN A 52 13.03 7.52 2.71
C ASN A 52 13.35 7.54 1.22
N ASN A 53 13.00 6.45 0.52
CA ASN A 53 13.25 6.36 -0.91
C ASN A 53 11.99 5.93 -1.66
N VAL A 54 11.38 6.88 -2.37
CA VAL A 54 10.16 6.60 -3.13
C VAL A 54 10.50 6.01 -4.50
N MET A 55 9.73 5.01 -4.92
CA MET A 55 9.93 4.36 -6.21
C MET A 55 8.74 4.63 -7.13
N MET A 56 9.04 5.13 -8.33
CA MET A 56 7.99 5.44 -9.30
C MET A 56 8.00 4.46 -10.46
N LEU A 57 6.84 3.91 -10.78
CA LEU A 57 6.72 2.95 -11.88
C LEU A 57 5.30 2.85 -12.42
N THR A 58 5.19 2.59 -13.70
CA THR A 58 3.89 2.40 -14.32
C THR A 58 3.58 0.92 -14.27
N HIS A 59 2.59 0.53 -13.50
CA HIS A 59 2.27 -0.88 -13.34
C HIS A 59 0.86 -1.11 -12.84
N ALA A 60 0.32 -2.29 -13.15
CA ALA A 60 -1.03 -2.65 -12.72
C ALA A 60 -0.99 -3.28 -11.33
N ILE A 61 -1.78 -2.74 -10.42
CA ILE A 61 -1.83 -3.24 -9.06
C ILE A 61 -2.85 -4.35 -8.91
N THR A 62 -2.40 -5.49 -8.38
CA THR A 62 -3.28 -6.64 -8.18
C THR A 62 -3.95 -6.54 -6.81
N ARG A 63 -5.14 -7.13 -6.69
CA ARG A 63 -5.88 -7.09 -5.43
C ARG A 63 -6.13 -8.49 -4.91
N TYR A 64 -5.41 -8.87 -3.85
CA TYR A 64 -5.57 -10.17 -3.24
C TYR A 64 -6.33 -10.06 -1.92
N GLY A 65 -7.63 -10.33 -1.97
CA GLY A 65 -8.44 -10.24 -0.77
C GLY A 65 -8.36 -11.49 0.07
N ILE A 66 -7.99 -11.30 1.35
CA ILE A 66 -7.87 -12.41 2.28
C ILE A 66 -8.61 -12.13 3.58
N SER A 67 -8.52 -10.89 4.04
CA SER A 67 -9.18 -10.50 5.29
C SER A 67 -10.69 -10.73 5.22
N THR A 68 -11.24 -10.59 4.01
CA THR A 68 -12.68 -10.77 3.82
C THR A 68 -13.02 -10.94 2.34
N ASP A 69 -14.25 -11.33 2.06
CA ASP A 69 -14.71 -11.52 0.68
C ASP A 69 -15.52 -10.31 0.19
N ASP A 70 -15.47 -9.22 0.95
CA ASP A 70 -16.20 -8.01 0.58
C ASP A 70 -15.23 -6.83 0.43
N PRO A 71 -15.41 -6.01 -0.61
CA PRO A 71 -14.55 -4.85 -0.87
C PRO A 71 -14.05 -4.15 0.39
N ASN A 72 -12.93 -4.62 0.92
CA ASN A 72 -12.34 -4.04 2.12
C ASN A 72 -10.84 -4.32 2.21
N LYS A 73 -10.25 -3.97 3.35
CA LYS A 73 -8.83 -4.16 3.59
C LYS A 73 -8.32 -5.49 3.04
N TRP A 74 -7.47 -5.39 2.02
CA TRP A 74 -6.89 -6.56 1.36
C TRP A 74 -5.42 -6.30 1.01
N ARG A 75 -4.77 -7.32 0.45
CA ARG A 75 -3.37 -7.19 0.05
C ARG A 75 -3.27 -6.90 -1.43
N TYR A 76 -2.31 -6.07 -1.82
CA TYR A 76 -2.14 -5.74 -3.23
C TYR A 76 -0.83 -6.28 -3.74
N TYR A 77 -0.68 -6.35 -5.04
CA TYR A 77 0.55 -6.89 -5.62
C TYR A 77 1.01 -6.14 -6.86
N LEU A 78 2.28 -5.74 -6.82
CA LEU A 78 2.90 -5.05 -7.94
C LEU A 78 3.75 -6.03 -8.73
N ASP A 79 3.23 -6.51 -9.85
CA ASP A 79 3.95 -7.47 -10.67
C ASP A 79 4.07 -8.80 -9.89
N SER A 80 5.30 -9.26 -9.65
CA SER A 80 5.52 -10.50 -8.91
C SER A 80 5.84 -10.21 -7.44
N VAL A 81 5.57 -8.98 -7.00
CA VAL A 81 5.82 -8.58 -5.62
C VAL A 81 4.55 -8.15 -4.92
N GLU A 82 4.54 -8.25 -3.60
CA GLU A 82 3.38 -7.86 -2.80
C GLU A 82 3.52 -6.42 -2.32
N VAL A 83 2.46 -5.64 -2.45
CA VAL A 83 2.50 -4.24 -2.03
C VAL A 83 1.24 -3.83 -1.26
N HIS A 84 1.34 -2.66 -0.63
CA HIS A 84 0.26 -2.10 0.16
C HIS A 84 -0.41 -0.94 -0.56
N LEU A 85 -1.54 -1.20 -1.21
CA LEU A 85 -2.28 -0.17 -1.92
C LEU A 85 -3.52 0.23 -1.12
N PRO A 86 -3.60 1.48 -0.63
CA PRO A 86 -4.73 1.95 0.17
C PRO A 86 -6.07 1.64 -0.49
N PRO A 87 -7.07 1.23 0.31
CA PRO A 87 -8.41 0.88 -0.18
C PRO A 87 -9.09 1.95 -1.02
N PHE A 88 -8.54 3.16 -1.05
CA PHE A 88 -9.16 4.24 -1.83
C PHE A 88 -8.64 4.31 -3.27
N TRP A 89 -7.71 3.44 -3.64
CA TRP A 89 -7.17 3.45 -4.99
C TRP A 89 -7.60 2.21 -5.79
N GLU A 90 -8.17 1.22 -5.10
CA GLU A 90 -8.61 0.00 -5.77
C GLU A 90 -9.48 0.33 -6.97
N GLN A 91 -10.13 1.48 -6.93
CA GLN A 91 -10.98 1.94 -8.02
C GLN A 91 -10.19 2.83 -8.98
N TYR A 92 -9.19 3.51 -8.44
CA TYR A 92 -8.36 4.41 -9.24
C TYR A 92 -7.32 3.62 -10.05
N ILE A 93 -7.14 2.35 -9.73
CA ILE A 93 -6.18 1.51 -10.42
C ILE A 93 -6.75 0.89 -11.69
N ASN A 94 -6.21 1.29 -12.83
CA ASN A 94 -6.64 0.76 -14.13
C ASN A 94 -5.64 -0.26 -14.67
N ASP A 95 -5.80 -0.66 -15.92
CA ASP A 95 -4.89 -1.64 -16.54
C ASP A 95 -3.44 -1.30 -16.22
N GLU A 96 -3.04 -0.07 -16.56
CA GLU A 96 -1.70 0.41 -16.28
C GLU A 96 -1.79 1.74 -15.56
N ASN A 97 -1.17 1.85 -14.40
CA ASN A 97 -1.24 3.08 -13.62
C ASN A 97 0.12 3.55 -13.14
N THR A 98 0.22 4.86 -12.98
CA THR A 98 1.43 5.48 -12.46
C THR A 98 1.44 5.31 -10.95
N VAL A 99 2.33 4.47 -10.46
CA VAL A 99 2.40 4.19 -9.03
C VAL A 99 3.72 4.61 -8.42
N GLU A 100 3.62 5.24 -7.26
CA GLU A 100 4.78 5.68 -6.51
C GLU A 100 4.74 5.03 -5.13
N LEU A 101 5.69 4.16 -4.85
CA LEU A 101 5.72 3.46 -3.59
C LEU A 101 7.12 3.27 -3.04
N ILE A 102 7.20 3.11 -1.72
CA ILE A 102 8.47 2.88 -1.05
C ILE A 102 8.51 1.44 -0.58
N HIS A 103 9.68 0.95 -0.18
CA HIS A 103 9.79 -0.44 0.26
C HIS A 103 10.01 -0.53 1.76
N THR A 104 9.07 -1.16 2.46
CA THR A 104 9.15 -1.31 3.90
C THR A 104 9.94 -2.55 4.29
N ASP A 105 9.76 -3.01 5.52
CA ASP A 105 10.45 -4.20 5.99
C ASP A 105 9.73 -5.44 5.48
N SER A 106 8.46 -5.26 5.12
CA SER A 106 7.63 -6.34 4.59
C SER A 106 7.42 -6.18 3.10
N LEU A 107 6.63 -5.19 2.72
CA LEU A 107 6.33 -4.90 1.33
C LEU A 107 6.34 -3.39 1.09
N PRO A 108 6.32 -2.96 -0.16
CA PRO A 108 6.34 -1.53 -0.50
C PRO A 108 4.99 -0.86 -0.29
N LEU A 109 5.03 0.31 0.35
CA LEU A 109 3.81 1.08 0.61
C LEU A 109 3.60 2.09 -0.50
N VAL A 110 2.46 1.99 -1.16
CA VAL A 110 2.13 2.90 -2.25
C VAL A 110 1.63 4.23 -1.69
N ILE A 111 2.52 5.24 -1.69
CA ILE A 111 2.20 6.55 -1.16
C ILE A 111 1.41 7.40 -2.15
N SER A 112 1.52 7.09 -3.44
CA SER A 112 0.79 7.85 -4.45
C SER A 112 0.36 6.97 -5.62
N LEU A 113 -0.65 7.44 -6.35
CA LEU A 113 -1.16 6.72 -7.51
C LEU A 113 -1.59 7.71 -8.58
N ASN A 114 -1.71 7.24 -9.81
CA ASN A 114 -2.11 8.10 -10.92
C ASN A 114 -3.28 9.01 -10.57
N GLY A 115 -2.98 10.26 -10.25
CA GLY A 115 -4.03 11.23 -9.95
C GLY A 115 -4.60 11.10 -8.54
N HIS A 116 -3.84 10.52 -7.62
CA HIS A 116 -4.30 10.37 -6.24
C HIS A 116 -3.12 10.24 -5.30
N THR A 117 -3.36 10.54 -4.02
CA THR A 117 -2.30 10.46 -3.02
C THR A 117 -2.83 9.97 -1.67
N LEU A 118 -1.96 9.34 -0.91
CA LEU A 118 -2.32 8.80 0.40
C LEU A 118 -2.75 9.91 1.35
N GLN A 119 -2.05 11.02 1.31
CA GLN A 119 -2.36 12.15 2.17
C GLN A 119 -2.67 13.39 1.34
N GLU A 120 -3.87 13.41 0.76
CA GLU A 120 -4.30 14.53 -0.07
C GLU A 120 -4.85 15.67 0.79
N ALA A 2 10.53 -5.60 -12.16
CA ALA A 2 9.46 -4.58 -12.00
C ALA A 2 10.04 -3.25 -11.54
N PHE A 3 10.74 -3.28 -10.42
CA PHE A 3 11.35 -2.08 -9.84
C PHE A 3 12.81 -1.96 -10.27
N ALA A 4 13.18 -2.63 -11.36
CA ALA A 4 14.55 -2.59 -11.86
C ALA A 4 14.83 -1.26 -12.56
N ASP A 5 13.83 -0.74 -13.26
CA ASP A 5 13.97 0.53 -13.97
C ASP A 5 13.08 1.61 -13.35
N ALA A 6 12.43 1.29 -12.24
CA ALA A 6 11.55 2.25 -11.56
C ALA A 6 12.35 3.44 -11.05
N GLN A 7 11.82 4.63 -11.28
CA GLN A 7 12.49 5.85 -10.84
C GLN A 7 12.53 5.90 -9.31
N THR A 8 13.27 6.86 -8.77
CA THR A 8 13.39 7.01 -7.33
C THR A 8 13.53 8.47 -6.93
N ARG A 9 13.00 8.80 -5.75
CA ARG A 9 13.05 10.16 -5.23
C ARG A 9 12.93 10.14 -3.71
N LYS A 10 13.36 11.22 -3.07
CA LYS A 10 13.30 11.31 -1.61
C LYS A 10 11.90 11.71 -1.14
N LEU A 11 11.44 11.03 -0.11
CA LEU A 11 10.13 11.29 0.47
C LEU A 11 10.16 12.49 1.41
N THR A 12 9.23 13.40 1.23
CA THR A 12 9.15 14.59 2.08
C THR A 12 8.61 14.22 3.47
N PRO A 13 8.95 15.02 4.50
CA PRO A 13 8.50 14.76 5.86
C PRO A 13 6.98 14.76 5.96
N GLU A 14 6.33 15.52 5.09
CA GLU A 14 4.88 15.58 5.08
C GLU A 14 4.28 14.30 4.50
N GLU A 15 4.88 13.83 3.40
CA GLU A 15 4.42 12.61 2.76
C GLU A 15 4.79 11.40 3.60
N ARG A 16 5.96 11.47 4.24
CA ARG A 16 6.43 10.38 5.08
C ARG A 16 5.62 10.31 6.37
N SER A 17 5.22 11.48 6.87
CA SER A 17 4.43 11.55 8.09
C SER A 17 3.00 11.09 7.84
N ALA A 18 2.48 11.41 6.66
CA ALA A 18 1.13 11.01 6.28
C ALA A 18 1.04 9.50 6.12
N VAL A 19 2.03 8.94 5.44
CA VAL A 19 2.09 7.51 5.21
C VAL A 19 2.15 6.78 6.55
N GLU A 20 3.17 7.11 7.33
CA GLU A 20 3.35 6.50 8.65
C GLU A 20 2.08 6.64 9.48
N ASN A 21 1.39 7.75 9.31
CA ASN A 21 0.14 7.99 10.03
C ASN A 21 -0.96 7.07 9.50
N TYR A 22 -0.90 6.78 8.20
CA TYR A 22 -1.89 5.92 7.57
C TYR A 22 -1.65 4.47 7.95
N LEU A 23 -0.40 4.02 7.83
CA LEU A 23 -0.04 2.64 8.17
C LEU A 23 -0.23 2.40 9.66
N GLU A 24 0.15 3.39 10.45
CA GLU A 24 0.02 3.30 11.91
C GLU A 24 -1.44 3.18 12.31
N SER A 25 -2.27 4.05 11.76
CA SER A 25 -3.70 4.02 12.04
C SER A 25 -4.31 2.73 11.50
N LEU A 26 -3.72 2.22 10.43
CA LEU A 26 -4.17 0.99 9.81
C LEU A 26 -4.00 -0.19 10.76
N THR A 27 -3.00 -0.10 11.61
CA THR A 27 -2.71 -1.16 12.57
C THR A 27 -3.58 -1.03 13.81
N GLN A 28 -3.85 0.20 14.22
CA GLN A 28 -4.67 0.45 15.40
C GLN A 28 -6.15 0.16 15.12
N VAL A 29 -6.57 0.40 13.87
CA VAL A 29 -7.95 0.17 13.48
C VAL A 29 -8.21 -1.33 13.30
N LEU A 30 -9.33 -1.80 13.85
CA LEU A 30 -9.68 -3.21 13.75
C LEU A 30 -8.65 -4.09 14.46
N GLN A 31 -9.05 -4.71 15.55
CA GLN A 31 -8.15 -5.57 16.31
C GLN A 31 -8.88 -6.20 17.50
N VAL A 32 -9.78 -5.44 18.11
CA VAL A 32 -10.54 -5.92 19.26
C VAL A 32 -12.03 -6.01 18.94
N PRO A 33 -12.46 -7.10 18.28
CA PRO A 33 -13.87 -7.29 17.92
C PRO A 33 -14.78 -7.27 19.15
N GLY A 34 -14.24 -7.65 20.29
CA GLY A 34 -15.02 -7.67 21.52
C GLY A 34 -14.36 -8.48 22.62
N PRO A 35 -14.30 -9.81 22.46
CA PRO A 35 -13.68 -10.69 23.45
C PRO A 35 -12.16 -10.56 23.50
N THR A 36 -11.50 -11.45 24.24
CA THR A 36 -10.05 -11.43 24.35
C THR A 36 -9.40 -12.23 23.23
N GLY A 37 -8.20 -11.82 22.85
CA GLY A 37 -7.48 -12.50 21.78
C GLY A 37 -7.19 -11.59 20.61
N ALA A 38 -6.47 -12.11 19.62
CA ALA A 38 -6.12 -11.34 18.43
C ALA A 38 -5.41 -12.20 17.40
N SER A 39 -5.57 -11.85 16.14
CA SER A 39 -4.95 -12.59 15.05
C SER A 39 -4.17 -11.67 14.12
N ALA A 40 -3.54 -12.24 13.11
CA ALA A 40 -2.77 -11.46 12.15
C ALA A 40 -3.45 -11.42 10.79
N ALA A 41 -4.77 -11.26 10.80
CA ALA A 41 -5.54 -11.20 9.57
C ALA A 41 -5.07 -10.06 8.68
N PRO A 42 -5.00 -8.83 9.22
CA PRO A 42 -4.56 -7.66 8.47
C PRO A 42 -3.05 -7.65 8.24
N ILE A 43 -2.63 -7.19 7.06
CA ILE A 43 -1.22 -7.13 6.73
C ILE A 43 -0.69 -5.71 6.82
N SER A 44 0.06 -5.43 7.89
CA SER A 44 0.64 -4.11 8.09
C SER A 44 2.15 -4.16 7.91
N LEU A 45 2.68 -3.30 7.06
CA LEU A 45 4.11 -3.27 6.79
C LEU A 45 4.81 -2.27 7.72
N ALA A 46 5.95 -2.69 8.27
CA ALA A 46 6.72 -1.84 9.17
C ALA A 46 7.69 -0.97 8.38
N LEU A 47 7.65 0.34 8.64
CA LEU A 47 8.52 1.27 7.93
C LEU A 47 9.99 1.05 8.28
N ASN A 48 10.86 1.35 7.31
CA ASN A 48 12.30 1.20 7.48
C ASN A 48 13.03 2.38 6.86
N ALA A 49 14.36 2.34 6.92
CA ALA A 49 15.18 3.42 6.34
C ALA A 49 14.79 3.66 4.88
N GLU A 50 14.39 2.59 4.19
CA GLU A 50 13.99 2.68 2.80
C GLU A 50 12.70 3.49 2.68
N SER A 51 11.96 3.61 3.79
CA SER A 51 10.71 4.37 3.82
C SER A 51 10.92 5.79 3.31
N ASN A 52 12.16 6.24 3.24
CA ASN A 52 12.46 7.58 2.77
C ASN A 52 12.66 7.61 1.26
N ASN A 53 13.13 6.51 0.70
CA ASN A 53 13.37 6.43 -0.74
C ASN A 53 12.12 5.94 -1.48
N VAL A 54 11.44 6.86 -2.16
CA VAL A 54 10.25 6.52 -2.92
C VAL A 54 10.61 5.94 -4.29
N MET A 55 9.83 4.94 -4.72
CA MET A 55 10.07 4.29 -6.01
C MET A 55 8.90 4.55 -6.95
N MET A 56 9.20 5.05 -8.14
CA MET A 56 8.16 5.35 -9.13
C MET A 56 8.18 4.35 -10.28
N LEU A 57 7.01 3.81 -10.61
CA LEU A 57 6.91 2.85 -11.70
C LEU A 57 5.50 2.76 -12.25
N THR A 58 5.39 2.55 -13.57
CA THR A 58 4.11 2.39 -14.20
C THR A 58 3.80 0.90 -14.18
N HIS A 59 2.79 0.50 -13.42
CA HIS A 59 2.46 -0.91 -13.30
C HIS A 59 1.03 -1.13 -12.85
N ALA A 60 0.48 -2.29 -13.23
CA ALA A 60 -0.88 -2.65 -12.86
C ALA A 60 -0.92 -3.29 -11.48
N ILE A 61 -1.75 -2.76 -10.60
CA ILE A 61 -1.87 -3.29 -9.24
C ILE A 61 -2.90 -4.41 -9.17
N THR A 62 -2.46 -5.57 -8.69
CA THR A 62 -3.36 -6.71 -8.55
C THR A 62 -4.04 -6.67 -7.19
N ARG A 63 -5.26 -7.18 -7.13
CA ARG A 63 -6.02 -7.18 -5.89
C ARG A 63 -6.19 -8.59 -5.34
N TYR A 64 -5.65 -8.83 -4.15
CA TYR A 64 -5.77 -10.14 -3.51
C TYR A 64 -6.48 -10.00 -2.17
N GLY A 65 -7.78 -10.28 -2.16
CA GLY A 65 -8.54 -10.19 -0.93
C GLY A 65 -8.43 -11.44 -0.09
N ILE A 66 -8.08 -11.27 1.17
CA ILE A 66 -7.94 -12.41 2.08
C ILE A 66 -8.48 -12.10 3.48
N SER A 67 -9.26 -11.03 3.58
CA SER A 67 -9.83 -10.63 4.87
C SER A 67 -11.35 -10.76 4.83
N THR A 68 -11.94 -10.56 3.66
CA THR A 68 -13.38 -10.64 3.49
C THR A 68 -13.75 -10.72 2.02
N ASP A 69 -15.00 -11.09 1.74
CA ASP A 69 -15.48 -11.19 0.36
C ASP A 69 -16.22 -9.92 -0.06
N ASP A 70 -15.95 -8.82 0.63
CA ASP A 70 -16.59 -7.54 0.32
C ASP A 70 -15.54 -6.46 0.13
N PRO A 71 -15.63 -5.68 -0.96
CA PRO A 71 -14.69 -4.60 -1.27
C PRO A 71 -14.19 -3.85 -0.04
N ASN A 72 -13.17 -4.41 0.60
CA ASN A 72 -12.60 -3.80 1.80
C ASN A 72 -11.10 -4.09 1.92
N LYS A 73 -10.56 -3.84 3.11
CA LYS A 73 -9.14 -4.07 3.38
C LYS A 73 -8.65 -5.40 2.85
N TRP A 74 -7.79 -5.32 1.83
CA TRP A 74 -7.20 -6.50 1.20
C TRP A 74 -5.75 -6.23 0.80
N ARG A 75 -5.09 -7.25 0.27
CA ARG A 75 -3.70 -7.12 -0.15
C ARG A 75 -3.60 -6.85 -1.65
N TYR A 76 -2.60 -6.08 -2.05
CA TYR A 76 -2.41 -5.78 -3.46
C TYR A 76 -1.10 -6.37 -3.95
N TYR A 77 -0.92 -6.46 -5.26
CA TYR A 77 0.29 -7.04 -5.79
C TYR A 77 0.83 -6.30 -7.02
N LEU A 78 2.08 -5.88 -6.93
CA LEU A 78 2.74 -5.19 -8.02
C LEU A 78 3.58 -6.19 -8.81
N ASP A 79 3.08 -6.59 -9.97
CA ASP A 79 3.77 -7.58 -10.79
C ASP A 79 3.79 -8.93 -10.06
N SER A 80 4.97 -9.50 -9.83
CA SER A 80 5.08 -10.78 -9.14
C SER A 80 5.39 -10.55 -7.66
N VAL A 81 5.20 -9.31 -7.19
CA VAL A 81 5.47 -8.98 -5.79
C VAL A 81 4.22 -8.47 -5.09
N GLU A 82 4.19 -8.62 -3.77
CA GLU A 82 3.05 -8.17 -2.97
C GLU A 82 3.28 -6.76 -2.46
N VAL A 83 2.24 -5.91 -2.52
CA VAL A 83 2.36 -4.53 -2.07
C VAL A 83 1.10 -4.06 -1.34
N HIS A 84 1.23 -2.91 -0.71
CA HIS A 84 0.13 -2.30 0.03
C HIS A 84 -0.47 -1.11 -0.70
N LEU A 85 -1.69 -1.30 -1.20
CA LEU A 85 -2.41 -0.24 -1.92
C LEU A 85 -3.66 0.14 -1.13
N PRO A 86 -3.73 1.39 -0.62
CA PRO A 86 -4.87 1.85 0.17
C PRO A 86 -6.22 1.60 -0.52
N PRO A 87 -7.23 1.17 0.26
CA PRO A 87 -8.57 0.87 -0.26
C PRO A 87 -9.23 2.00 -1.06
N PHE A 88 -8.66 3.21 -1.02
CA PHE A 88 -9.24 4.33 -1.75
C PHE A 88 -8.75 4.41 -3.19
N TRP A 89 -7.78 3.58 -3.55
CA TRP A 89 -7.26 3.59 -4.92
C TRP A 89 -7.81 2.40 -5.72
N GLU A 90 -8.65 1.59 -5.08
CA GLU A 90 -9.25 0.44 -5.75
C GLU A 90 -9.88 0.86 -7.07
N GLN A 91 -10.49 2.05 -7.07
CA GLN A 91 -11.13 2.59 -8.26
C GLN A 91 -10.13 3.37 -9.11
N TYR A 92 -9.05 3.82 -8.47
CA TYR A 92 -8.03 4.59 -9.16
C TYR A 92 -7.02 3.67 -9.87
N ILE A 93 -7.08 2.38 -9.58
CA ILE A 93 -6.16 1.43 -10.21
C ILE A 93 -6.68 0.98 -11.57
N ASN A 94 -5.98 1.39 -12.62
CA ASN A 94 -6.36 1.03 -13.99
C ASN A 94 -5.41 -0.03 -14.55
N ASP A 95 -5.58 -0.38 -15.83
CA ASP A 95 -4.73 -1.39 -16.46
C ASP A 95 -3.27 -1.06 -16.19
N GLU A 96 -2.86 0.16 -16.56
CA GLU A 96 -1.51 0.62 -16.32
C GLU A 96 -1.59 1.91 -15.53
N ASN A 97 -0.90 1.98 -14.40
CA ASN A 97 -0.97 3.18 -13.56
C ASN A 97 0.39 3.63 -13.08
N THR A 98 0.50 4.93 -12.90
CA THR A 98 1.71 5.54 -12.38
C THR A 98 1.70 5.36 -10.87
N VAL A 99 2.53 4.46 -10.38
CA VAL A 99 2.57 4.16 -8.95
C VAL A 99 3.90 4.54 -8.32
N GLU A 100 3.79 5.21 -7.17
CA GLU A 100 4.95 5.60 -6.40
C GLU A 100 4.86 4.95 -5.04
N LEU A 101 5.81 4.08 -4.74
CA LEU A 101 5.77 3.35 -3.48
C LEU A 101 7.16 3.18 -2.88
N ILE A 102 7.18 2.99 -1.58
CA ILE A 102 8.42 2.77 -0.85
C ILE A 102 8.47 1.32 -0.41
N HIS A 103 9.62 0.86 0.06
CA HIS A 103 9.75 -0.54 0.48
C HIS A 103 9.91 -0.64 1.99
N THR A 104 8.94 -1.29 2.64
CA THR A 104 8.95 -1.45 4.09
C THR A 104 9.80 -2.65 4.49
N ASP A 105 9.58 -3.15 5.71
CA ASP A 105 10.32 -4.29 6.20
C ASP A 105 9.65 -5.59 5.75
N SER A 106 8.54 -5.44 5.02
CA SER A 106 7.79 -6.57 4.50
C SER A 106 7.52 -6.39 3.02
N LEU A 107 6.66 -5.42 2.71
CA LEU A 107 6.31 -5.10 1.33
C LEU A 107 6.31 -3.60 1.12
N PRO A 108 6.31 -3.14 -0.14
CA PRO A 108 6.33 -1.72 -0.45
C PRO A 108 4.97 -1.06 -0.25
N LEU A 109 4.99 0.12 0.37
CA LEU A 109 3.77 0.87 0.63
C LEU A 109 3.56 1.92 -0.47
N VAL A 110 2.44 1.81 -1.17
CA VAL A 110 2.13 2.75 -2.24
C VAL A 110 1.65 4.07 -1.65
N ILE A 111 2.56 5.04 -1.60
CA ILE A 111 2.26 6.35 -1.04
C ILE A 111 1.46 7.23 -2.01
N SER A 112 1.63 6.99 -3.30
CA SER A 112 0.92 7.79 -4.30
C SER A 112 0.52 6.95 -5.52
N LEU A 113 -0.48 7.44 -6.24
CA LEU A 113 -0.97 6.78 -7.43
C LEU A 113 -1.33 7.81 -8.49
N ASN A 114 -1.40 7.39 -9.74
CA ASN A 114 -1.71 8.32 -10.83
C ASN A 114 -2.91 9.22 -10.50
N GLY A 115 -2.61 10.45 -10.10
CA GLY A 115 -3.66 11.40 -9.78
C GLY A 115 -4.28 11.24 -8.41
N HIS A 116 -3.54 10.64 -7.47
CA HIS A 116 -4.05 10.44 -6.12
C HIS A 116 -2.91 10.33 -5.12
N THR A 117 -3.25 10.52 -3.85
CA THR A 117 -2.26 10.45 -2.79
C THR A 117 -2.85 9.87 -1.51
N LEU A 118 -2.01 9.19 -0.74
CA LEU A 118 -2.46 8.56 0.50
C LEU A 118 -3.15 9.56 1.42
N GLN A 119 -2.62 10.77 1.51
CA GLN A 119 -3.20 11.79 2.35
C GLN A 119 -3.86 12.88 1.52
N GLU A 120 -5.03 12.56 0.97
CA GLU A 120 -5.78 13.50 0.15
C GLU A 120 -6.69 14.38 1.01
#